data_5NZB
# 
_entry.id   5NZB 
# 
_audit_conform.dict_name       mmcif_pdbx.dic 
_audit_conform.dict_version    5.397 
_audit_conform.dict_location   http://mmcif.pdb.org/dictionaries/ascii/mmcif_pdbx.dic 
# 
loop_
_database_2.database_id 
_database_2.database_code 
_database_2.pdbx_database_accession 
_database_2.pdbx_DOI 
PDB   5NZB         pdb_00005nzb 10.2210/pdb5nzb/pdb 
WWPDB D_1200004868 ?            ?                   
# 
loop_
_pdbx_audit_revision_history.ordinal 
_pdbx_audit_revision_history.data_content_type 
_pdbx_audit_revision_history.major_revision 
_pdbx_audit_revision_history.minor_revision 
_pdbx_audit_revision_history.revision_date 
1 'Structure model' 1 0 2017-10-25 
2 'Structure model' 1 1 2024-01-17 
3 'Structure model' 1 2 2024-10-16 
# 
_pdbx_audit_revision_details.ordinal             1 
_pdbx_audit_revision_details.revision_ordinal    1 
_pdbx_audit_revision_details.data_content_type   'Structure model' 
_pdbx_audit_revision_details.provider            repository 
_pdbx_audit_revision_details.type                'Initial release' 
_pdbx_audit_revision_details.description         ? 
_pdbx_audit_revision_details.details             ? 
# 
loop_
_pdbx_audit_revision_group.ordinal 
_pdbx_audit_revision_group.revision_ordinal 
_pdbx_audit_revision_group.data_content_type 
_pdbx_audit_revision_group.group 
1 2 'Structure model' Advisory                 
2 2 'Structure model' 'Data collection'        
3 2 'Structure model' 'Database references'    
4 2 'Structure model' 'Refinement description' 
5 3 'Structure model' 'Structure summary'      
# 
loop_
_pdbx_audit_revision_category.ordinal 
_pdbx_audit_revision_category.revision_ordinal 
_pdbx_audit_revision_category.data_content_type 
_pdbx_audit_revision_category.category 
1 2 'Structure model' chem_comp_atom                  
2 2 'Structure model' chem_comp_bond                  
3 2 'Structure model' database_2                      
4 2 'Structure model' pdbx_initial_refinement_model   
5 2 'Structure model' pdbx_unobs_or_zero_occ_atoms    
6 2 'Structure model' pdbx_unobs_or_zero_occ_residues 
7 3 'Structure model' pdbx_entry_details              
8 3 'Structure model' pdbx_modification_feature       
# 
loop_
_pdbx_audit_revision_item.ordinal 
_pdbx_audit_revision_item.revision_ordinal 
_pdbx_audit_revision_item.data_content_type 
_pdbx_audit_revision_item.item 
1 2 'Structure model' '_database_2.pdbx_DOI'                
2 2 'Structure model' '_database_2.pdbx_database_accession' 
# 
_pdbx_database_status.status_code                     REL 
_pdbx_database_status.status_code_sf                  REL 
_pdbx_database_status.status_code_mr                  ? 
_pdbx_database_status.entry_id                        5NZB 
_pdbx_database_status.recvd_initial_deposition_date   2017-05-12 
_pdbx_database_status.SG_entry                        N 
_pdbx_database_status.deposit_site                    PDBE 
_pdbx_database_status.process_site                    PDBE 
_pdbx_database_status.status_code_cs                  ? 
_pdbx_database_status.methods_development_category    ? 
_pdbx_database_status.pdb_format_compatible           Y 
_pdbx_database_status.status_code_nmr_data            ? 
# 
loop_
_audit_author.name 
_audit_author.pdbx_ordinal 
_audit_author.identifier_ORCID 
'Soh, W.T.'        1 0000-0003-0082-7983 
'Brandstetter, H.' 2 ?                   
# 
_citation.abstract                  ? 
_citation.abstract_id_CAS           ? 
_citation.book_id_ISBN              ? 
_citation.book_publisher            ? 
_citation.book_publisher_city       ? 
_citation.book_title                ? 
_citation.coordinate_linkage        ? 
_citation.country                   CH 
_citation.database_id_Medline       ? 
_citation.details                   ? 
_citation.id                        primary 
_citation.journal_abbrev            'Int J Mol Sci' 
_citation.journal_id_ASTM           ? 
_citation.journal_id_CSD            ? 
_citation.journal_id_ISSN           1422-0067 
_citation.journal_full              ? 
_citation.journal_issue             ? 
_citation.journal_volume            18 
_citation.language                  ? 
_citation.page_first                ? 
_citation.page_last                 ? 
_citation.title                     'Two Distinct Conformations in Bet v 2 Determine Its Proteolytic Resistance to Cathepsin S.' 
_citation.year                      2017 
_citation.database_id_CSD           ? 
_citation.pdbx_database_id_DOI      10.3390/ijms18102156 
_citation.pdbx_database_id_PubMed   29035299 
_citation.unpublished_flag          ? 
# 
loop_
_citation_author.citation_id 
_citation_author.name 
_citation_author.ordinal 
_citation_author.identifier_ORCID 
primary 'Soh, W.T.'        1  ? 
primary 'Briza, P.'        2  ? 
primary 'Dall, E.'         3  ? 
primary 'Asam, C.'         4  ? 
primary 'Schubert, M.'     5  ? 
primary 'Huber, S.'        6  ? 
primary 'Aglas, L.'        7  ? 
primary 'Bohle, B.'        8  ? 
primary 'Ferreira, F.'     9  ? 
primary 'Brandstetter, H.' 10 ? 
# 
loop_
_entity.id 
_entity.type 
_entity.src_method 
_entity.pdbx_description 
_entity.formula_weight 
_entity.pdbx_number_of_molecules 
_entity.pdbx_ec 
_entity.pdbx_mutation 
_entity.pdbx_fragment 
_entity.details 
1 polymer man Profilin-2 14160.024 1  ? ? ? ? 
2 water   nat water      18.015    99 ? ? ? ? 
# 
_entity_name_com.entity_id   1 
_entity_name_com.name        'Allergen Bet v II,Pollen allergen Bet v 2' 
# 
_entity_poly.entity_id                      1 
_entity_poly.type                           'polypeptide(L)' 
_entity_poly.nstd_linkage                   no 
_entity_poly.nstd_monomer                   no 
_entity_poly.pdbx_seq_one_letter_code       
;SWQTYVDEHLMCDIDGQGQQLAASAIVGHDGSVWAQSSSFPQFKPQEITGIMKDFEEPGHLAPTGLHLGGIKYMVIQGEA
GAVIRGKKGSGGITIKKTGQALVFGIYEEPVTPGQCNMVVERLGDYLIDQGL
;
_entity_poly.pdbx_seq_one_letter_code_can   
;SWQTYVDEHLMCDIDGQGQQLAASAIVGHDGSVWAQSSSFPQFKPQEITGIMKDFEEPGHLAPTGLHLGGIKYMVIQGEA
GAVIRGKKGSGGITIKKTGQALVFGIYEEPVTPGQCNMVVERLGDYLIDQGL
;
_entity_poly.pdbx_strand_id                 A 
_entity_poly.pdbx_target_identifier         ? 
# 
_pdbx_entity_nonpoly.entity_id   2 
_pdbx_entity_nonpoly.name        water 
_pdbx_entity_nonpoly.comp_id     HOH 
# 
loop_
_entity_poly_seq.entity_id 
_entity_poly_seq.num 
_entity_poly_seq.mon_id 
_entity_poly_seq.hetero 
1 1   SER n 
1 2   TRP n 
1 3   GLN n 
1 4   THR n 
1 5   TYR n 
1 6   VAL n 
1 7   ASP n 
1 8   GLU n 
1 9   HIS n 
1 10  LEU n 
1 11  MET n 
1 12  CYS n 
1 13  ASP n 
1 14  ILE n 
1 15  ASP n 
1 16  GLY n 
1 17  GLN n 
1 18  GLY n 
1 19  GLN n 
1 20  GLN n 
1 21  LEU n 
1 22  ALA n 
1 23  ALA n 
1 24  SER n 
1 25  ALA n 
1 26  ILE n 
1 27  VAL n 
1 28  GLY n 
1 29  HIS n 
1 30  ASP n 
1 31  GLY n 
1 32  SER n 
1 33  VAL n 
1 34  TRP n 
1 35  ALA n 
1 36  GLN n 
1 37  SER n 
1 38  SER n 
1 39  SER n 
1 40  PHE n 
1 41  PRO n 
1 42  GLN n 
1 43  PHE n 
1 44  LYS n 
1 45  PRO n 
1 46  GLN n 
1 47  GLU n 
1 48  ILE n 
1 49  THR n 
1 50  GLY n 
1 51  ILE n 
1 52  MET n 
1 53  LYS n 
1 54  ASP n 
1 55  PHE n 
1 56  GLU n 
1 57  GLU n 
1 58  PRO n 
1 59  GLY n 
1 60  HIS n 
1 61  LEU n 
1 62  ALA n 
1 63  PRO n 
1 64  THR n 
1 65  GLY n 
1 66  LEU n 
1 67  HIS n 
1 68  LEU n 
1 69  GLY n 
1 70  GLY n 
1 71  ILE n 
1 72  LYS n 
1 73  TYR n 
1 74  MET n 
1 75  VAL n 
1 76  ILE n 
1 77  GLN n 
1 78  GLY n 
1 79  GLU n 
1 80  ALA n 
1 81  GLY n 
1 82  ALA n 
1 83  VAL n 
1 84  ILE n 
1 85  ARG n 
1 86  GLY n 
1 87  LYS n 
1 88  LYS n 
1 89  GLY n 
1 90  SER n 
1 91  GLY n 
1 92  GLY n 
1 93  ILE n 
1 94  THR n 
1 95  ILE n 
1 96  LYS n 
1 97  LYS n 
1 98  THR n 
1 99  GLY n 
1 100 GLN n 
1 101 ALA n 
1 102 LEU n 
1 103 VAL n 
1 104 PHE n 
1 105 GLY n 
1 106 ILE n 
1 107 TYR n 
1 108 GLU n 
1 109 GLU n 
1 110 PRO n 
1 111 VAL n 
1 112 THR n 
1 113 PRO n 
1 114 GLY n 
1 115 GLN n 
1 116 CYS n 
1 117 ASN n 
1 118 MET n 
1 119 VAL n 
1 120 VAL n 
1 121 GLU n 
1 122 ARG n 
1 123 LEU n 
1 124 GLY n 
1 125 ASP n 
1 126 TYR n 
1 127 LEU n 
1 128 ILE n 
1 129 ASP n 
1 130 GLN n 
1 131 GLY n 
1 132 LEU n 
# 
_entity_src_gen.entity_id                          1 
_entity_src_gen.pdbx_src_id                        1 
_entity_src_gen.pdbx_alt_source_flag               sample 
_entity_src_gen.pdbx_seq_type                      'Biological sequence' 
_entity_src_gen.pdbx_beg_seq_num                   1 
_entity_src_gen.pdbx_end_seq_num                   132 
_entity_src_gen.gene_src_common_name               'European white birch' 
_entity_src_gen.gene_src_genus                     ? 
_entity_src_gen.pdbx_gene_src_gene                 ? 
_entity_src_gen.gene_src_species                   ? 
_entity_src_gen.gene_src_strain                    ? 
_entity_src_gen.gene_src_tissue                    ? 
_entity_src_gen.gene_src_tissue_fraction           ? 
_entity_src_gen.gene_src_details                   ? 
_entity_src_gen.pdbx_gene_src_fragment             ? 
_entity_src_gen.pdbx_gene_src_scientific_name      'Betula pendula' 
_entity_src_gen.pdbx_gene_src_ncbi_taxonomy_id     3505 
_entity_src_gen.pdbx_gene_src_variant              ? 
_entity_src_gen.pdbx_gene_src_cell_line            ? 
_entity_src_gen.pdbx_gene_src_atcc                 ? 
_entity_src_gen.pdbx_gene_src_organ                ? 
_entity_src_gen.pdbx_gene_src_organelle            ? 
_entity_src_gen.pdbx_gene_src_cell                 ? 
_entity_src_gen.pdbx_gene_src_cellular_location    ? 
_entity_src_gen.host_org_common_name               ? 
_entity_src_gen.pdbx_host_org_scientific_name      'Escherichia coli BL21(DE3)' 
_entity_src_gen.pdbx_host_org_ncbi_taxonomy_id     469008 
_entity_src_gen.host_org_genus                     ? 
_entity_src_gen.pdbx_host_org_gene                 ? 
_entity_src_gen.pdbx_host_org_organ                ? 
_entity_src_gen.host_org_species                   ? 
_entity_src_gen.pdbx_host_org_tissue               ? 
_entity_src_gen.pdbx_host_org_tissue_fraction      ? 
_entity_src_gen.pdbx_host_org_strain               ? 
_entity_src_gen.pdbx_host_org_variant              star 
_entity_src_gen.pdbx_host_org_cell_line            ? 
_entity_src_gen.pdbx_host_org_atcc                 ? 
_entity_src_gen.pdbx_host_org_culture_collection   ? 
_entity_src_gen.pdbx_host_org_cell                 ? 
_entity_src_gen.pdbx_host_org_organelle            ? 
_entity_src_gen.pdbx_host_org_cellular_location    ? 
_entity_src_gen.pdbx_host_org_vector_type          ? 
_entity_src_gen.pdbx_host_org_vector               ? 
_entity_src_gen.host_org_details                   ? 
_entity_src_gen.expression_system_id               ? 
_entity_src_gen.plasmid_name                       ? 
_entity_src_gen.plasmid_details                    ? 
_entity_src_gen.pdbx_description                   ? 
# 
loop_
_chem_comp.id 
_chem_comp.type 
_chem_comp.mon_nstd_flag 
_chem_comp.name 
_chem_comp.pdbx_synonyms 
_chem_comp.formula 
_chem_comp.formula_weight 
ALA 'L-peptide linking' y ALANINE         ? 'C3 H7 N O2'     89.093  
ARG 'L-peptide linking' y ARGININE        ? 'C6 H15 N4 O2 1' 175.209 
ASN 'L-peptide linking' y ASPARAGINE      ? 'C4 H8 N2 O3'    132.118 
ASP 'L-peptide linking' y 'ASPARTIC ACID' ? 'C4 H7 N O4'     133.103 
CYS 'L-peptide linking' y CYSTEINE        ? 'C3 H7 N O2 S'   121.158 
GLN 'L-peptide linking' y GLUTAMINE       ? 'C5 H10 N2 O3'   146.144 
GLU 'L-peptide linking' y 'GLUTAMIC ACID' ? 'C5 H9 N O4'     147.129 
GLY 'peptide linking'   y GLYCINE         ? 'C2 H5 N O2'     75.067  
HIS 'L-peptide linking' y HISTIDINE       ? 'C6 H10 N3 O2 1' 156.162 
HOH non-polymer         . WATER           ? 'H2 O'           18.015  
ILE 'L-peptide linking' y ISOLEUCINE      ? 'C6 H13 N O2'    131.173 
LEU 'L-peptide linking' y LEUCINE         ? 'C6 H13 N O2'    131.173 
LYS 'L-peptide linking' y LYSINE          ? 'C6 H15 N2 O2 1' 147.195 
MET 'L-peptide linking' y METHIONINE      ? 'C5 H11 N O2 S'  149.211 
PHE 'L-peptide linking' y PHENYLALANINE   ? 'C9 H11 N O2'    165.189 
PRO 'L-peptide linking' y PROLINE         ? 'C5 H9 N O2'     115.130 
SER 'L-peptide linking' y SERINE          ? 'C3 H7 N O3'     105.093 
THR 'L-peptide linking' y THREONINE       ? 'C4 H9 N O3'     119.119 
TRP 'L-peptide linking' y TRYPTOPHAN      ? 'C11 H12 N2 O2'  204.225 
TYR 'L-peptide linking' y TYROSINE        ? 'C9 H11 N O3'    181.189 
VAL 'L-peptide linking' y VALINE          ? 'C5 H11 N O2'    117.146 
# 
loop_
_pdbx_poly_seq_scheme.asym_id 
_pdbx_poly_seq_scheme.entity_id 
_pdbx_poly_seq_scheme.seq_id 
_pdbx_poly_seq_scheme.mon_id 
_pdbx_poly_seq_scheme.ndb_seq_num 
_pdbx_poly_seq_scheme.pdb_seq_num 
_pdbx_poly_seq_scheme.auth_seq_num 
_pdbx_poly_seq_scheme.pdb_mon_id 
_pdbx_poly_seq_scheme.auth_mon_id 
_pdbx_poly_seq_scheme.pdb_strand_id 
_pdbx_poly_seq_scheme.pdb_ins_code 
_pdbx_poly_seq_scheme.hetero 
A 1 1   SER 1   2   2   SER SER A . n 
A 1 2   TRP 2   3   3   TRP TRP A . n 
A 1 3   GLN 3   4   4   GLN GLN A . n 
A 1 4   THR 4   5   5   THR THR A . n 
A 1 5   TYR 5   6   6   TYR TYR A . n 
A 1 6   VAL 6   7   7   VAL VAL A . n 
A 1 7   ASP 7   8   8   ASP ASP A . n 
A 1 8   GLU 8   9   9   GLU GLU A . n 
A 1 9   HIS 9   10  10  HIS HIS A . n 
A 1 10  LEU 10  11  11  LEU LEU A . n 
A 1 11  MET 11  12  12  MET MET A . n 
A 1 12  CYS 12  13  13  CYS CYS A . n 
A 1 13  ASP 13  14  14  ASP ASP A . n 
A 1 14  ILE 14  15  15  ILE ILE A . n 
A 1 15  ASP 15  16  16  ASP ASP A . n 
A 1 16  GLY 16  17  17  GLY GLY A . n 
A 1 17  GLN 17  18  18  GLN GLN A . n 
A 1 18  GLY 18  19  19  GLY GLY A . n 
A 1 19  GLN 19  20  20  GLN GLN A . n 
A 1 20  GLN 20  21  21  GLN GLN A . n 
A 1 21  LEU 21  22  22  LEU LEU A . n 
A 1 22  ALA 22  23  23  ALA ALA A . n 
A 1 23  ALA 23  24  24  ALA ALA A . n 
A 1 24  SER 24  25  25  SER SER A . n 
A 1 25  ALA 25  26  26  ALA ALA A . n 
A 1 26  ILE 26  27  27  ILE ILE A . n 
A 1 27  VAL 27  28  28  VAL VAL A . n 
A 1 28  GLY 28  29  29  GLY GLY A . n 
A 1 29  HIS 29  30  30  HIS HIS A . n 
A 1 30  ASP 30  31  31  ASP ASP A . n 
A 1 31  GLY 31  32  32  GLY GLY A . n 
A 1 32  SER 32  33  33  SER SER A . n 
A 1 33  VAL 33  34  34  VAL VAL A . n 
A 1 34  TRP 34  35  35  TRP TRP A . n 
A 1 35  ALA 35  36  36  ALA ALA A . n 
A 1 36  GLN 36  37  37  GLN GLN A . n 
A 1 37  SER 37  38  38  SER SER A . n 
A 1 38  SER 38  39  39  SER SER A . n 
A 1 39  SER 39  40  40  SER SER A . n 
A 1 40  PHE 40  41  41  PHE PHE A . n 
A 1 41  PRO 41  42  42  PRO PRO A . n 
A 1 42  GLN 42  43  43  GLN GLN A . n 
A 1 43  PHE 43  44  44  PHE PHE A . n 
A 1 44  LYS 44  45  45  LYS LYS A . n 
A 1 45  PRO 45  46  46  PRO PRO A . n 
A 1 46  GLN 46  47  47  GLN GLN A . n 
A 1 47  GLU 47  48  48  GLU GLU A . n 
A 1 48  ILE 48  49  49  ILE ILE A . n 
A 1 49  THR 49  50  50  THR THR A . n 
A 1 50  GLY 50  51  51  GLY GLY A . n 
A 1 51  ILE 51  52  52  ILE ILE A . n 
A 1 52  MET 52  53  53  MET MET A . n 
A 1 53  LYS 53  54  54  LYS LYS A . n 
A 1 54  ASP 54  55  55  ASP ASP A . n 
A 1 55  PHE 55  56  56  PHE PHE A . n 
A 1 56  GLU 56  57  57  GLU GLU A . n 
A 1 57  GLU 57  58  58  GLU GLU A . n 
A 1 58  PRO 58  59  59  PRO PRO A . n 
A 1 59  GLY 59  60  60  GLY GLY A . n 
A 1 60  HIS 60  61  61  HIS HIS A . n 
A 1 61  LEU 61  62  62  LEU LEU A . n 
A 1 62  ALA 62  63  63  ALA ALA A . n 
A 1 63  PRO 63  64  64  PRO PRO A . n 
A 1 64  THR 64  65  65  THR THR A . n 
A 1 65  GLY 65  66  66  GLY GLY A . n 
A 1 66  LEU 66  67  67  LEU LEU A . n 
A 1 67  HIS 67  68  68  HIS HIS A . n 
A 1 68  LEU 68  69  69  LEU LEU A . n 
A 1 69  GLY 69  70  70  GLY GLY A . n 
A 1 70  GLY 70  71  71  GLY GLY A . n 
A 1 71  ILE 71  72  72  ILE ILE A . n 
A 1 72  LYS 72  73  73  LYS LYS A . n 
A 1 73  TYR 73  74  74  TYR TYR A . n 
A 1 74  MET 74  75  75  MET MET A . n 
A 1 75  VAL 75  76  76  VAL VAL A . n 
A 1 76  ILE 76  77  77  ILE ILE A . n 
A 1 77  GLN 77  78  78  GLN GLN A . n 
A 1 78  GLY 78  79  79  GLY GLY A . n 
A 1 79  GLU 79  80  80  GLU GLU A . n 
A 1 80  ALA 80  81  81  ALA ALA A . n 
A 1 81  GLY 81  82  82  GLY GLY A . n 
A 1 82  ALA 82  83  83  ALA ALA A . n 
A 1 83  VAL 83  84  84  VAL VAL A . n 
A 1 84  ILE 84  85  85  ILE ILE A . n 
A 1 85  ARG 85  86  86  ARG ARG A . n 
A 1 86  GLY 86  87  87  GLY GLY A . n 
A 1 87  LYS 87  88  88  LYS LYS A . n 
A 1 88  LYS 88  89  89  LYS LYS A . n 
A 1 89  GLY 89  90  90  GLY GLY A . n 
A 1 90  SER 90  91  91  SER SER A . n 
A 1 91  GLY 91  92  92  GLY GLY A . n 
A 1 92  GLY 92  93  93  GLY GLY A . n 
A 1 93  ILE 93  94  94  ILE ILE A . n 
A 1 94  THR 94  95  95  THR THR A . n 
A 1 95  ILE 95  96  96  ILE ILE A . n 
A 1 96  LYS 96  97  97  LYS LYS A . n 
A 1 97  LYS 97  98  98  LYS LYS A . n 
A 1 98  THR 98  99  99  THR THR A . n 
A 1 99  GLY 99  100 100 GLY GLY A . n 
A 1 100 GLN 100 101 101 GLN GLN A . n 
A 1 101 ALA 101 102 102 ALA ALA A . n 
A 1 102 LEU 102 103 103 LEU LEU A . n 
A 1 103 VAL 103 104 104 VAL VAL A . n 
A 1 104 PHE 104 105 105 PHE PHE A . n 
A 1 105 GLY 105 106 106 GLY GLY A . n 
A 1 106 ILE 106 107 107 ILE ILE A . n 
A 1 107 TYR 107 108 108 TYR TYR A . n 
A 1 108 GLU 108 109 109 GLU GLU A . n 
A 1 109 GLU 109 110 110 GLU GLU A . n 
A 1 110 PRO 110 111 111 PRO PRO A . n 
A 1 111 VAL 111 112 112 VAL VAL A . n 
A 1 112 THR 112 113 113 THR THR A . n 
A 1 113 PRO 113 114 114 PRO PRO A . n 
A 1 114 GLY 114 115 115 GLY GLY A . n 
A 1 115 GLN 115 116 116 GLN GLN A . n 
A 1 116 CYS 116 117 117 CYS CYS A . n 
A 1 117 ASN 117 118 118 ASN ASN A . n 
A 1 118 MET 118 119 119 MET MET A . n 
A 1 119 VAL 119 120 120 VAL VAL A . n 
A 1 120 VAL 120 121 121 VAL VAL A . n 
A 1 121 GLU 121 122 122 GLU GLU A . n 
A 1 122 ARG 122 123 123 ARG ARG A . n 
A 1 123 LEU 123 124 124 LEU LEU A . n 
A 1 124 GLY 124 125 125 GLY GLY A . n 
A 1 125 ASP 125 126 126 ASP ASP A . n 
A 1 126 TYR 126 127 127 TYR TYR A . n 
A 1 127 LEU 127 128 128 LEU LEU A . n 
A 1 128 ILE 128 129 129 ILE ILE A . n 
A 1 129 ASP 129 130 130 ASP ASP A . n 
A 1 130 GLN 130 131 131 GLN GLN A . n 
A 1 131 GLY 131 132 132 GLY GLY A . n 
A 1 132 LEU 132 133 133 LEU LEU A . n 
# 
loop_
_pdbx_nonpoly_scheme.asym_id 
_pdbx_nonpoly_scheme.entity_id 
_pdbx_nonpoly_scheme.mon_id 
_pdbx_nonpoly_scheme.ndb_seq_num 
_pdbx_nonpoly_scheme.pdb_seq_num 
_pdbx_nonpoly_scheme.auth_seq_num 
_pdbx_nonpoly_scheme.pdb_mon_id 
_pdbx_nonpoly_scheme.auth_mon_id 
_pdbx_nonpoly_scheme.pdb_strand_id 
_pdbx_nonpoly_scheme.pdb_ins_code 
B 2 HOH 1  201 65  HOH HOH A . 
B 2 HOH 2  202 93  HOH HOH A . 
B 2 HOH 3  203 54  HOH HOH A . 
B 2 HOH 4  204 75  HOH HOH A . 
B 2 HOH 5  205 78  HOH HOH A . 
B 2 HOH 6  206 28  HOH HOH A . 
B 2 HOH 7  207 99  HOH HOH A . 
B 2 HOH 8  208 40  HOH HOH A . 
B 2 HOH 9  209 79  HOH HOH A . 
B 2 HOH 10 210 10  HOH HOH A . 
B 2 HOH 11 211 97  HOH HOH A . 
B 2 HOH 12 212 38  HOH HOH A . 
B 2 HOH 13 213 14  HOH HOH A . 
B 2 HOH 14 214 55  HOH HOH A . 
B 2 HOH 15 215 52  HOH HOH A . 
B 2 HOH 16 216 98  HOH HOH A . 
B 2 HOH 17 217 17  HOH HOH A . 
B 2 HOH 18 218 25  HOH HOH A . 
B 2 HOH 19 219 31  HOH HOH A . 
B 2 HOH 20 220 43  HOH HOH A . 
B 2 HOH 21 221 68  HOH HOH A . 
B 2 HOH 22 222 24  HOH HOH A . 
B 2 HOH 23 223 71  HOH HOH A . 
B 2 HOH 24 224 32  HOH HOH A . 
B 2 HOH 25 225 2   HOH HOH A . 
B 2 HOH 26 226 19  HOH HOH A . 
B 2 HOH 27 227 5   HOH HOH A . 
B 2 HOH 28 228 81  HOH HOH A . 
B 2 HOH 29 229 92  HOH HOH A . 
B 2 HOH 30 230 26  HOH HOH A . 
B 2 HOH 31 231 84  HOH HOH A . 
B 2 HOH 32 232 67  HOH HOH A . 
B 2 HOH 33 233 8   HOH HOH A . 
B 2 HOH 34 234 63  HOH HOH A . 
B 2 HOH 35 235 50  HOH HOH A . 
B 2 HOH 36 236 42  HOH HOH A . 
B 2 HOH 37 237 6   HOH HOH A . 
B 2 HOH 38 238 1   HOH HOH A . 
B 2 HOH 39 239 21  HOH HOH A . 
B 2 HOH 40 240 18  HOH HOH A . 
B 2 HOH 41 241 4   HOH HOH A . 
B 2 HOH 42 242 7   HOH HOH A . 
B 2 HOH 43 243 37  HOH HOH A . 
B 2 HOH 44 244 12  HOH HOH A . 
B 2 HOH 45 245 66  HOH HOH A . 
B 2 HOH 46 246 48  HOH HOH A . 
B 2 HOH 47 247 3   HOH HOH A . 
B 2 HOH 48 248 87  HOH HOH A . 
B 2 HOH 49 249 94  HOH HOH A . 
B 2 HOH 50 250 27  HOH HOH A . 
B 2 HOH 51 251 61  HOH HOH A . 
B 2 HOH 52 252 86  HOH HOH A . 
B 2 HOH 53 253 36  HOH HOH A . 
B 2 HOH 54 254 39  HOH HOH A . 
B 2 HOH 55 255 57  HOH HOH A . 
B 2 HOH 56 256 11  HOH HOH A . 
B 2 HOH 57 257 58  HOH HOH A . 
B 2 HOH 58 258 29  HOH HOH A . 
B 2 HOH 59 259 89  HOH HOH A . 
B 2 HOH 60 260 34  HOH HOH A . 
B 2 HOH 61 261 22  HOH HOH A . 
B 2 HOH 62 262 88  HOH HOH A . 
B 2 HOH 63 263 23  HOH HOH A . 
B 2 HOH 64 264 9   HOH HOH A . 
B 2 HOH 65 265 15  HOH HOH A . 
B 2 HOH 66 266 96  HOH HOH A . 
B 2 HOH 67 267 16  HOH HOH A . 
B 2 HOH 68 268 76  HOH HOH A . 
B 2 HOH 69 269 35  HOH HOH A . 
B 2 HOH 70 270 33  HOH HOH A . 
B 2 HOH 71 271 59  HOH HOH A . 
B 2 HOH 72 272 109 HOH HOH A . 
B 2 HOH 73 273 103 HOH HOH A . 
B 2 HOH 74 274 46  HOH HOH A . 
B 2 HOH 75 275 90  HOH HOH A . 
B 2 HOH 76 276 13  HOH HOH A . 
B 2 HOH 77 277 77  HOH HOH A . 
B 2 HOH 78 278 62  HOH HOH A . 
B 2 HOH 79 279 64  HOH HOH A . 
B 2 HOH 80 280 44  HOH HOH A . 
B 2 HOH 81 281 85  HOH HOH A . 
B 2 HOH 82 282 49  HOH HOH A . 
B 2 HOH 83 283 95  HOH HOH A . 
B 2 HOH 84 284 51  HOH HOH A . 
B 2 HOH 85 285 41  HOH HOH A . 
B 2 HOH 86 286 82  HOH HOH A . 
B 2 HOH 87 287 100 HOH HOH A . 
B 2 HOH 88 288 20  HOH HOH A . 
B 2 HOH 89 289 72  HOH HOH A . 
B 2 HOH 90 290 70  HOH HOH A . 
B 2 HOH 91 291 56  HOH HOH A . 
B 2 HOH 92 292 45  HOH HOH A . 
B 2 HOH 93 293 74  HOH HOH A . 
B 2 HOH 94 294 91  HOH HOH A . 
B 2 HOH 95 295 108 HOH HOH A . 
B 2 HOH 96 296 73  HOH HOH A . 
B 2 HOH 97 297 101 HOH HOH A . 
B 2 HOH 98 298 105 HOH HOH A . 
B 2 HOH 99 299 30  HOH HOH A . 
# 
loop_
_pdbx_unobs_or_zero_occ_atoms.id 
_pdbx_unobs_or_zero_occ_atoms.PDB_model_num 
_pdbx_unobs_or_zero_occ_atoms.polymer_flag 
_pdbx_unobs_or_zero_occ_atoms.occupancy_flag 
_pdbx_unobs_or_zero_occ_atoms.auth_asym_id 
_pdbx_unobs_or_zero_occ_atoms.auth_comp_id 
_pdbx_unobs_or_zero_occ_atoms.auth_seq_id 
_pdbx_unobs_or_zero_occ_atoms.PDB_ins_code 
_pdbx_unobs_or_zero_occ_atoms.auth_atom_id 
_pdbx_unobs_or_zero_occ_atoms.label_alt_id 
_pdbx_unobs_or_zero_occ_atoms.label_asym_id 
_pdbx_unobs_or_zero_occ_atoms.label_comp_id 
_pdbx_unobs_or_zero_occ_atoms.label_seq_id 
_pdbx_unobs_or_zero_occ_atoms.label_atom_id 
1  1 Y 0 A GLU 9   ? CD  ? A GLU 8   CD  
2  1 Y 0 A GLU 9   ? OE1 ? A GLU 8   OE1 
3  1 Y 0 A GLU 9   ? OE2 ? A GLU 8   OE2 
4  1 Y 0 A ILE 15  ? N   ? A ILE 14  N   
5  1 Y 0 A ILE 15  ? CB  ? A ILE 14  CB  
6  1 Y 0 A ILE 15  ? CG1 ? A ILE 14  CG1 
7  1 Y 0 A ILE 15  ? CG2 ? A ILE 14  CG2 
8  1 Y 0 A ILE 15  ? CD1 ? A ILE 14  CD1 
9  1 Y 0 A ASP 16  ? CB  ? A ASP 15  CB  
10 1 Y 0 A ASP 16  ? CG  ? A ASP 15  CG  
11 1 Y 0 A ASP 16  ? OD1 ? A ASP 15  OD1 
12 1 Y 0 A ASP 16  ? OD2 ? A ASP 15  OD2 
13 1 Y 0 A GLN 21  ? N   ? A GLN 20  N   
14 1 Y 0 A GLN 21  ? CB  ? A GLN 20  CB  
15 1 Y 0 A GLN 21  ? CG  ? A GLN 20  CG  
16 1 Y 0 A GLN 21  ? CD  ? A GLN 20  CD  
17 1 Y 0 A GLN 21  ? OE1 ? A GLN 20  OE1 
18 1 Y 0 A GLN 21  ? NE2 ? A GLN 20  NE2 
19 1 Y 0 A LEU 22  ? CG  ? A LEU 21  CG  
20 1 Y 0 A LEU 22  ? CD1 ? A LEU 21  CD1 
21 1 Y 0 A LEU 22  ? CD2 ? A LEU 21  CD2 
22 1 Y 0 A GLN 43  ? CD  ? A GLN 42  CD  
23 1 Y 0 A GLN 43  ? OE1 ? A GLN 42  OE1 
24 1 Y 0 A GLN 43  ? NE2 ? A GLN 42  NE2 
25 1 Y 0 A LYS 54  ? NZ  ? A LYS 53  NZ  
26 1 Y 0 A GLU 80  ? CD  ? A GLU 79  CD  
27 1 Y 0 A GLU 80  ? OE1 ? A GLU 79  OE1 
28 1 Y 0 A GLU 80  ? OE2 ? A GLU 79  OE2 
29 1 Y 0 A LYS 89  ? CE  ? A LYS 88  CE  
30 1 Y 0 A LYS 89  ? NZ  ? A LYS 88  NZ  
31 1 Y 0 A GLU 109 ? CG  ? A GLU 108 CG  
32 1 Y 0 A GLU 109 ? CD  ? A GLU 108 CD  
33 1 Y 0 A GLU 109 ? OE1 ? A GLU 108 OE1 
34 1 Y 0 A GLU 109 ? OE2 ? A GLU 108 OE2 
35 1 Y 0 A GLU 110 ? CG  ? A GLU 109 CG  
36 1 Y 0 A GLU 110 ? CD  ? A GLU 109 CD  
37 1 Y 0 A GLU 110 ? OE1 ? A GLU 109 OE1 
38 1 Y 0 A GLU 110 ? OE2 ? A GLU 109 OE2 
39 1 Y 0 A GLN 131 ? OE1 ? A GLN 130 OE1 
40 1 Y 0 A GLN 131 ? NE2 ? A GLN 130 NE2 
# 
loop_
_software.citation_id 
_software.classification 
_software.compiler_name 
_software.compiler_version 
_software.contact_author 
_software.contact_author_email 
_software.date 
_software.description 
_software.dependencies 
_software.hardware 
_software.language 
_software.location 
_software.mods 
_software.name 
_software.os 
_software.os_version 
_software.type 
_software.version 
_software.pdbx_ordinal 
? refinement       ? ? ? ? ? ? ? ? ? ? ? PHENIX ? ? ? '(1.10.1_2155: ???)' 1 
? 'data reduction' ? ? ? ? ? ? ? ? ? ? ? XDS    ? ? ? .                    2 
? 'model building' ? ? ? ? ? ? ? ? ? ? ? Coot   ? ? ? .                    3 
# 
_cell.angle_alpha                  90.00 
_cell.angle_alpha_esd              ? 
_cell.angle_beta                   90.00 
_cell.angle_beta_esd               ? 
_cell.angle_gamma                  90.00 
_cell.angle_gamma_esd              ? 
_cell.entry_id                     5NZB 
_cell.details                      ? 
_cell.formula_units_Z              ? 
_cell.length_a                     31.763 
_cell.length_a_esd                 ? 
_cell.length_b                     57.336 
_cell.length_b_esd                 ? 
_cell.length_c                     59.041 
_cell.length_c_esd                 ? 
_cell.volume                       ? 
_cell.volume_esd                   ? 
_cell.Z_PDB                        4 
_cell.reciprocal_angle_alpha       ? 
_cell.reciprocal_angle_beta        ? 
_cell.reciprocal_angle_gamma       ? 
_cell.reciprocal_angle_alpha_esd   ? 
_cell.reciprocal_angle_beta_esd    ? 
_cell.reciprocal_angle_gamma_esd   ? 
_cell.reciprocal_length_a          ? 
_cell.reciprocal_length_b          ? 
_cell.reciprocal_length_c          ? 
_cell.reciprocal_length_a_esd      ? 
_cell.reciprocal_length_b_esd      ? 
_cell.reciprocal_length_c_esd      ? 
_cell.pdbx_unique_axis             ? 
# 
_symmetry.entry_id                         5NZB 
_symmetry.cell_setting                     ? 
_symmetry.Int_Tables_number                19 
_symmetry.space_group_name_Hall            ? 
_symmetry.space_group_name_H-M             'P 21 21 21' 
_symmetry.pdbx_full_space_group_name_H-M   ? 
# 
_exptl.absorpt_coefficient_mu     ? 
_exptl.absorpt_correction_T_max   ? 
_exptl.absorpt_correction_T_min   ? 
_exptl.absorpt_correction_type    ? 
_exptl.absorpt_process_details    ? 
_exptl.entry_id                   5NZB 
_exptl.crystals_number            1 
_exptl.details                    ? 
_exptl.method                     'X-RAY DIFFRACTION' 
_exptl.method_details             ? 
# 
_exptl_crystal.colour                      ? 
_exptl_crystal.density_diffrn              ? 
_exptl_crystal.density_Matthews            1.90 
_exptl_crystal.density_method              ? 
_exptl_crystal.density_percent_sol         35.21 
_exptl_crystal.description                 ? 
_exptl_crystal.F_000                       ? 
_exptl_crystal.id                          1 
_exptl_crystal.preparation                 ? 
_exptl_crystal.size_max                    ? 
_exptl_crystal.size_mid                    ? 
_exptl_crystal.size_min                    ? 
_exptl_crystal.size_rad                    ? 
_exptl_crystal.colour_lustre               ? 
_exptl_crystal.colour_modifier             ? 
_exptl_crystal.colour_primary              ? 
_exptl_crystal.density_meas                ? 
_exptl_crystal.density_meas_esd            ? 
_exptl_crystal.density_meas_gt             ? 
_exptl_crystal.density_meas_lt             ? 
_exptl_crystal.density_meas_temp           ? 
_exptl_crystal.density_meas_temp_esd       ? 
_exptl_crystal.density_meas_temp_gt        ? 
_exptl_crystal.density_meas_temp_lt        ? 
_exptl_crystal.pdbx_crystal_image_url      ? 
_exptl_crystal.pdbx_crystal_image_format   ? 
_exptl_crystal.pdbx_mosaicity              ? 
_exptl_crystal.pdbx_mosaicity_esd          ? 
# 
_exptl_crystal_grow.apparatus       ? 
_exptl_crystal_grow.atmosphere      ? 
_exptl_crystal_grow.crystal_id      1 
_exptl_crystal_grow.details         ? 
_exptl_crystal_grow.method          'VAPOR DIFFUSION, SITTING DROP' 
_exptl_crystal_grow.method_ref      ? 
_exptl_crystal_grow.pH              ? 
_exptl_crystal_grow.pressure        ? 
_exptl_crystal_grow.pressure_esd    ? 
_exptl_crystal_grow.seeding         ? 
_exptl_crystal_grow.seeding_ref     ? 
_exptl_crystal_grow.temp            293 
_exptl_crystal_grow.temp_details    ? 
_exptl_crystal_grow.temp_esd        ? 
_exptl_crystal_grow.time            ? 
_exptl_crystal_grow.pdbx_details    '0.2 M Magnesium chloride hexahydrate, 0.1 M HEPES pH 7.5, 25% PEG3350' 
_exptl_crystal_grow.pdbx_pH_range   ? 
# 
_diffrn.ambient_environment    ? 
_diffrn.ambient_temp           100 
_diffrn.ambient_temp_details   ? 
_diffrn.ambient_temp_esd       ? 
_diffrn.crystal_id             1 
_diffrn.crystal_support        ? 
_diffrn.crystal_treatment      ? 
_diffrn.details                ? 
_diffrn.id                     1 
_diffrn.ambient_pressure       ? 
_diffrn.ambient_pressure_esd   ? 
_diffrn.ambient_pressure_gt    ? 
_diffrn.ambient_pressure_lt    ? 
_diffrn.ambient_temp_gt        ? 
_diffrn.ambient_temp_lt        ? 
# 
_diffrn_detector.details                      ? 
_diffrn_detector.detector                     PIXEL 
_diffrn_detector.diffrn_id                    1 
_diffrn_detector.type                         'DECTRIS EIGER X 4M' 
_diffrn_detector.area_resol_mean              ? 
_diffrn_detector.dtime                        ? 
_diffrn_detector.pdbx_frames_total            ? 
_diffrn_detector.pdbx_collection_time_total   ? 
_diffrn_detector.pdbx_collection_date         2016-12-08 
# 
_diffrn_radiation.collimation                      ? 
_diffrn_radiation.diffrn_id                        1 
_diffrn_radiation.filter_edge                      ? 
_diffrn_radiation.inhomogeneity                    ? 
_diffrn_radiation.monochromator                    ? 
_diffrn_radiation.polarisn_norm                    ? 
_diffrn_radiation.polarisn_ratio                   ? 
_diffrn_radiation.probe                            ? 
_diffrn_radiation.type                             ? 
_diffrn_radiation.xray_symbol                      ? 
_diffrn_radiation.wavelength_id                    1 
_diffrn_radiation.pdbx_monochromatic_or_laue_m_l   M 
_diffrn_radiation.pdbx_wavelength_list             ? 
_diffrn_radiation.pdbx_wavelength                  ? 
_diffrn_radiation.pdbx_diffrn_protocol             'SINGLE WAVELENGTH' 
_diffrn_radiation.pdbx_analyzer                    ? 
_diffrn_radiation.pdbx_scattering_type             x-ray 
# 
_diffrn_radiation_wavelength.id           1 
_diffrn_radiation_wavelength.wavelength   0.9677 
_diffrn_radiation_wavelength.wt           1.0 
# 
_diffrn_source.current                     ? 
_diffrn_source.details                     ? 
_diffrn_source.diffrn_id                   1 
_diffrn_source.power                       ? 
_diffrn_source.size                        ? 
_diffrn_source.source                      SYNCHROTRON 
_diffrn_source.target                      ? 
_diffrn_source.type                        'ESRF BEAMLINE MASSIF-3' 
_diffrn_source.voltage                     ? 
_diffrn_source.take-off_angle              ? 
_diffrn_source.pdbx_wavelength_list        0.9677 
_diffrn_source.pdbx_wavelength             ? 
_diffrn_source.pdbx_synchrotron_beamline   MASSIF-3 
_diffrn_source.pdbx_synchrotron_site       ESRF 
# 
_reflns.B_iso_Wilson_estimate            23.1 
_reflns.entry_id                         5NZB 
_reflns.data_reduction_details           ? 
_reflns.data_reduction_method            ? 
_reflns.d_resolution_high                1.69 
_reflns.d_resolution_low                 41.13 
_reflns.details                          ? 
_reflns.limit_h_max                      ? 
_reflns.limit_h_min                      ? 
_reflns.limit_k_max                      ? 
_reflns.limit_k_min                      ? 
_reflns.limit_l_max                      ? 
_reflns.limit_l_min                      ? 
_reflns.number_all                       ? 
_reflns.number_obs                       12513 
_reflns.observed_criterion               ? 
_reflns.observed_criterion_F_max         ? 
_reflns.observed_criterion_F_min         ? 
_reflns.observed_criterion_I_max         ? 
_reflns.observed_criterion_I_min         ? 
_reflns.observed_criterion_sigma_F       ? 
_reflns.observed_criterion_sigma_I       ? 
_reflns.percent_possible_obs             99.6 
_reflns.R_free_details                   ? 
_reflns.Rmerge_F_all                     ? 
_reflns.Rmerge_F_obs                     ? 
_reflns.Friedel_coverage                 ? 
_reflns.number_gt                        ? 
_reflns.threshold_expression             ? 
_reflns.pdbx_redundancy                  16.12 
_reflns.pdbx_Rmerge_I_obs                0.079 
_reflns.pdbx_Rmerge_I_all                ? 
_reflns.pdbx_Rsym_value                  ? 
_reflns.pdbx_netI_over_av_sigmaI         ? 
_reflns.pdbx_netI_over_sigmaI            20.21 
_reflns.pdbx_res_netI_over_av_sigmaI_2   ? 
_reflns.pdbx_res_netI_over_sigmaI_2      ? 
_reflns.pdbx_chi_squared                 ? 
_reflns.pdbx_scaling_rejects             ? 
_reflns.pdbx_d_res_high_opt              ? 
_reflns.pdbx_d_res_low_opt               ? 
_reflns.pdbx_d_res_opt_method            ? 
_reflns.phase_calculation_details        ? 
_reflns.pdbx_Rrim_I_all                  0.082 
_reflns.pdbx_Rpim_I_all                  ? 
_reflns.pdbx_d_opt                       ? 
_reflns.pdbx_number_measured_all         ? 
_reflns.pdbx_diffrn_id                   1 
_reflns.pdbx_ordinal                     1 
_reflns.pdbx_CC_half                     ? 
_reflns.pdbx_R_split                     ? 
# 
_reflns_shell.d_res_high                  1.69 
_reflns_shell.d_res_low                   1.80 
_reflns_shell.meanI_over_sigI_all         ? 
_reflns_shell.meanI_over_sigI_obs         4.37 
_reflns_shell.number_measured_all         ? 
_reflns_shell.number_measured_obs         ? 
_reflns_shell.number_possible             ? 
_reflns_shell.number_unique_all           ? 
_reflns_shell.number_unique_obs           ? 
_reflns_shell.percent_possible_all        99.1 
_reflns_shell.percent_possible_obs        ? 
_reflns_shell.Rmerge_F_all                ? 
_reflns_shell.Rmerge_F_obs                ? 
_reflns_shell.Rmerge_I_all                ? 
_reflns_shell.Rmerge_I_obs                0.64 
_reflns_shell.meanI_over_sigI_gt          ? 
_reflns_shell.meanI_over_uI_all           ? 
_reflns_shell.meanI_over_uI_gt            ? 
_reflns_shell.number_measured_gt          ? 
_reflns_shell.number_unique_gt            ? 
_reflns_shell.percent_possible_gt         ? 
_reflns_shell.Rmerge_F_gt                 ? 
_reflns_shell.Rmerge_I_gt                 ? 
_reflns_shell.pdbx_redundancy             16.47 
_reflns_shell.pdbx_Rsym_value             ? 
_reflns_shell.pdbx_chi_squared            ? 
_reflns_shell.pdbx_netI_over_sigmaI_all   ? 
_reflns_shell.pdbx_netI_over_sigmaI_obs   ? 
_reflns_shell.pdbx_Rrim_I_all             0.66 
_reflns_shell.pdbx_Rpim_I_all             ? 
_reflns_shell.pdbx_rejects                ? 
_reflns_shell.pdbx_ordinal                1 
_reflns_shell.pdbx_diffrn_id              1 
_reflns_shell.pdbx_CC_half                ? 
_reflns_shell.pdbx_R_split                ? 
# 
_refine.aniso_B[1][1]                            ? 
_refine.aniso_B[1][2]                            ? 
_refine.aniso_B[1][3]                            ? 
_refine.aniso_B[2][2]                            ? 
_refine.aniso_B[2][3]                            ? 
_refine.aniso_B[3][3]                            ? 
_refine.B_iso_max                                ? 
_refine.B_iso_mean                               ? 
_refine.B_iso_min                                ? 
_refine.correlation_coeff_Fo_to_Fc               ? 
_refine.correlation_coeff_Fo_to_Fc_free          ? 
_refine.details                                  ? 
_refine.diff_density_max                         ? 
_refine.diff_density_max_esd                     ? 
_refine.diff_density_min                         ? 
_refine.diff_density_min_esd                     ? 
_refine.diff_density_rms                         ? 
_refine.diff_density_rms_esd                     ? 
_refine.entry_id                                 5NZB 
_refine.pdbx_refine_id                           'X-RAY DIFFRACTION' 
_refine.ls_abs_structure_details                 ? 
_refine.ls_abs_structure_Flack                   ? 
_refine.ls_abs_structure_Flack_esd               ? 
_refine.ls_abs_structure_Rogers                  ? 
_refine.ls_abs_structure_Rogers_esd              ? 
_refine.ls_d_res_high                            1.695 
_refine.ls_d_res_low                             28.668 
_refine.ls_extinction_coef                       ? 
_refine.ls_extinction_coef_esd                   ? 
_refine.ls_extinction_expression                 ? 
_refine.ls_extinction_method                     ? 
_refine.ls_goodness_of_fit_all                   ? 
_refine.ls_goodness_of_fit_all_esd               ? 
_refine.ls_goodness_of_fit_obs                   ? 
_refine.ls_goodness_of_fit_obs_esd               ? 
_refine.ls_hydrogen_treatment                    ? 
_refine.ls_matrix_type                           ? 
_refine.ls_number_constraints                    ? 
_refine.ls_number_parameters                     ? 
_refine.ls_number_reflns_all                     ? 
_refine.ls_number_reflns_obs                     12447 
_refine.ls_number_reflns_R_free                  640 
_refine.ls_number_reflns_R_work                  ? 
_refine.ls_number_restraints                     ? 
_refine.ls_percent_reflns_obs                    99.51 
_refine.ls_percent_reflns_R_free                 5.14 
_refine.ls_R_factor_all                          ? 
_refine.ls_R_factor_obs                          0.1962 
_refine.ls_R_factor_R_free                       0.2244 
_refine.ls_R_factor_R_free_error                 ? 
_refine.ls_R_factor_R_free_error_details         ? 
_refine.ls_R_factor_R_work                       0.1948 
_refine.ls_R_Fsqd_factor_obs                     ? 
_refine.ls_R_I_factor_obs                        ? 
_refine.ls_redundancy_reflns_all                 ? 
_refine.ls_redundancy_reflns_obs                 ? 
_refine.ls_restrained_S_all                      ? 
_refine.ls_restrained_S_obs                      ? 
_refine.ls_shift_over_esd_max                    ? 
_refine.ls_shift_over_esd_mean                   ? 
_refine.ls_structure_factor_coef                 ? 
_refine.ls_weighting_details                     ? 
_refine.ls_weighting_scheme                      ? 
_refine.ls_wR_factor_all                         ? 
_refine.ls_wR_factor_obs                         ? 
_refine.ls_wR_factor_R_free                      ? 
_refine.ls_wR_factor_R_work                      ? 
_refine.occupancy_max                            ? 
_refine.occupancy_min                            ? 
_refine.solvent_model_details                    ? 
_refine.solvent_model_param_bsol                 ? 
_refine.solvent_model_param_ksol                 ? 
_refine.ls_R_factor_gt                           ? 
_refine.ls_goodness_of_fit_gt                    ? 
_refine.ls_goodness_of_fit_ref                   ? 
_refine.ls_shift_over_su_max                     ? 
_refine.ls_shift_over_su_max_lt                  ? 
_refine.ls_shift_over_su_mean                    ? 
_refine.ls_shift_over_su_mean_lt                 ? 
_refine.pdbx_ls_sigma_I                          ? 
_refine.pdbx_ls_sigma_F                          1.38 
_refine.pdbx_ls_sigma_Fsqd                       ? 
_refine.pdbx_data_cutoff_high_absF               ? 
_refine.pdbx_data_cutoff_high_rms_absF           ? 
_refine.pdbx_data_cutoff_low_absF                ? 
_refine.pdbx_isotropic_thermal_model             ? 
_refine.pdbx_ls_cross_valid_method               'FREE R-VALUE' 
_refine.pdbx_method_to_determine_struct          'MOLECULAR REPLACEMENT' 
_refine.pdbx_starting_model                      1CQA 
_refine.pdbx_stereochemistry_target_values       ? 
_refine.pdbx_R_Free_selection_details            ? 
_refine.pdbx_stereochem_target_val_spec_case     ? 
_refine.pdbx_overall_ESU_R                       ? 
_refine.pdbx_overall_ESU_R_Free                  ? 
_refine.pdbx_solvent_vdw_probe_radii             1.11 
_refine.pdbx_solvent_ion_probe_radii             ? 
_refine.pdbx_solvent_shrinkage_radii             0.90 
_refine.pdbx_real_space_R                        ? 
_refine.pdbx_density_correlation                 ? 
_refine.pdbx_pd_number_of_powder_patterns        ? 
_refine.pdbx_pd_number_of_points                 ? 
_refine.pdbx_pd_meas_number_of_points            ? 
_refine.pdbx_pd_proc_ls_prof_R_factor            ? 
_refine.pdbx_pd_proc_ls_prof_wR_factor           ? 
_refine.pdbx_pd_Marquardt_correlation_coeff      ? 
_refine.pdbx_pd_Fsqrd_R_factor                   ? 
_refine.pdbx_pd_ls_matrix_band_width             ? 
_refine.pdbx_overall_phase_error                 25.40 
_refine.pdbx_overall_SU_R_free_Cruickshank_DPI   ? 
_refine.pdbx_overall_SU_R_free_Blow_DPI          ? 
_refine.pdbx_overall_SU_R_Blow_DPI               ? 
_refine.pdbx_TLS_residual_ADP_flag               ? 
_refine.pdbx_diffrn_id                           1 
_refine.overall_SU_B                             ? 
_refine.overall_SU_ML                            0.18 
_refine.overall_SU_R_Cruickshank_DPI             ? 
_refine.overall_SU_R_free                        ? 
_refine.overall_FOM_free_R_set                   ? 
_refine.overall_FOM_work_R_set                   ? 
_refine.pdbx_average_fsc_overall                 ? 
_refine.pdbx_average_fsc_work                    ? 
_refine.pdbx_average_fsc_free                    ? 
# 
_refine_hist.pdbx_refine_id                   'X-RAY DIFFRACTION' 
_refine_hist.cycle_id                         LAST 
_refine_hist.pdbx_number_atoms_protein        994 
_refine_hist.pdbx_number_atoms_nucleic_acid   0 
_refine_hist.pdbx_number_atoms_ligand         0 
_refine_hist.number_atoms_solvent             99 
_refine_hist.number_atoms_total               1093 
_refine_hist.d_res_high                       1.695 
_refine_hist.d_res_low                        28.668 
# 
loop_
_refine_ls_restr.pdbx_refine_id 
_refine_ls_restr.criterion 
_refine_ls_restr.dev_ideal 
_refine_ls_restr.dev_ideal_target 
_refine_ls_restr.number 
_refine_ls_restr.rejects 
_refine_ls_restr.type 
_refine_ls_restr.weight 
_refine_ls_restr.pdbx_restraint_function 
'X-RAY DIFFRACTION' ? 0.009  ? 1046 ? f_bond_d           ? ? 
'X-RAY DIFFRACTION' ? 0.989  ? 1420 ? f_angle_d          ? ? 
'X-RAY DIFFRACTION' ? 12.149 ? 620  ? f_dihedral_angle_d ? ? 
'X-RAY DIFFRACTION' ? 0.058  ? 151  ? f_chiral_restr     ? ? 
'X-RAY DIFFRACTION' ? 0.005  ? 189  ? f_plane_restr      ? ? 
# 
loop_
_refine_ls_shell.pdbx_refine_id 
_refine_ls_shell.d_res_high 
_refine_ls_shell.d_res_low 
_refine_ls_shell.number_reflns_all 
_refine_ls_shell.number_reflns_obs 
_refine_ls_shell.number_reflns_R_free 
_refine_ls_shell.number_reflns_R_work 
_refine_ls_shell.percent_reflns_obs 
_refine_ls_shell.percent_reflns_R_free 
_refine_ls_shell.R_factor_all 
_refine_ls_shell.R_factor_obs 
_refine_ls_shell.R_factor_R_free 
_refine_ls_shell.R_factor_R_free_error 
_refine_ls_shell.R_factor_R_work 
_refine_ls_shell.redundancy_reflns_all 
_refine_ls_shell.redundancy_reflns_obs 
_refine_ls_shell.wR_factor_all 
_refine_ls_shell.wR_factor_obs 
_refine_ls_shell.wR_factor_R_free 
_refine_ls_shell.wR_factor_R_work 
_refine_ls_shell.pdbx_total_number_of_bins_used 
_refine_ls_shell.pdbx_phase_error 
_refine_ls_shell.pdbx_fsc_work 
_refine_ls_shell.pdbx_fsc_free 
'X-RAY DIFFRACTION' 1.6951 1.8260  . . 123 2315 99.00  . . . 0.3223 . 0.2533 . . . . . . . . . . 
'X-RAY DIFFRACTION' 1.8260 2.0097  . . 128 2307 99.00  . . . 0.2775 . 0.2115 . . . . . . . . . . 
'X-RAY DIFFRACTION' 2.0097 2.3004  . . 141 2321 100.00 . . . 0.2523 . 0.2013 . . . . . . . . . . 
'X-RAY DIFFRACTION' 2.3004 2.8978  . . 138 2349 99.00  . . . 0.2462 . 0.2140 . . . . . . . . . . 
'X-RAY DIFFRACTION' 2.8978 28.6721 . . 110 2515 100.00 . . . 0.1776 . 0.1757 . . . . . . . . . . 
# 
_struct.entry_id                     5NZB 
_struct.title                        'A disulfide switch determines proteolytic resistance in the birch pollen allergen Bet v 2' 
_struct.pdbx_model_details           ? 
_struct.pdbx_formula_weight          ? 
_struct.pdbx_formula_weight_method   ? 
_struct.pdbx_model_type_details      ? 
_struct.pdbx_CASP_flag               N 
# 
_struct_keywords.entry_id        5NZB 
_struct_keywords.text            'Profilin, disulfide, Bet v 2, allergen' 
_struct_keywords.pdbx_keywords   ALLERGEN 
# 
loop_
_struct_asym.id 
_struct_asym.pdbx_blank_PDB_chainid_flag 
_struct_asym.pdbx_modified 
_struct_asym.entity_id 
_struct_asym.details 
A N N 1 ? 
B N N 2 ? 
# 
_struct_ref.id                         1 
_struct_ref.db_name                    UNP 
_struct_ref.db_code                    PROF2_BETPN 
_struct_ref.pdbx_db_accession          A4K9Z8 
_struct_ref.pdbx_db_isoform            ? 
_struct_ref.entity_id                  1 
_struct_ref.pdbx_seq_one_letter_code   
;SWQTYVDEHLMCDIDGQGQQLAASAIVGHDGSVWAQSSSFPQFKPQEITGIMKDFEEPGHLAPTGLHLGGIKYMVIQGEA
GAVIRGKKGSGGITIKKTGQALVFGIYEEPVTPGQCNMVVERLGDYLIDQGL
;
_struct_ref.pdbx_align_begin           2 
# 
_struct_ref_seq.align_id                      1 
_struct_ref_seq.ref_id                        1 
_struct_ref_seq.pdbx_PDB_id_code              5NZB 
_struct_ref_seq.pdbx_strand_id                A 
_struct_ref_seq.seq_align_beg                 1 
_struct_ref_seq.pdbx_seq_align_beg_ins_code   ? 
_struct_ref_seq.seq_align_end                 132 
_struct_ref_seq.pdbx_seq_align_end_ins_code   ? 
_struct_ref_seq.pdbx_db_accession             A4K9Z8 
_struct_ref_seq.db_align_beg                  2 
_struct_ref_seq.pdbx_db_align_beg_ins_code    ? 
_struct_ref_seq.db_align_end                  133 
_struct_ref_seq.pdbx_db_align_end_ins_code    ? 
_struct_ref_seq.pdbx_auth_seq_align_beg       2 
_struct_ref_seq.pdbx_auth_seq_align_end       133 
# 
_pdbx_struct_assembly.id                   1 
_pdbx_struct_assembly.details              author_and_software_defined_assembly 
_pdbx_struct_assembly.method_details       PISA 
_pdbx_struct_assembly.oligomeric_details   monomeric 
_pdbx_struct_assembly.oligomeric_count     1 
# 
loop_
_pdbx_struct_assembly_prop.biol_id 
_pdbx_struct_assembly_prop.type 
_pdbx_struct_assembly_prop.value 
_pdbx_struct_assembly_prop.details 
1 'ABSA (A^2)' 0    ? 
1 MORE         0    ? 
1 'SSA (A^2)'  7070 ? 
# 
_pdbx_struct_assembly_gen.assembly_id       1 
_pdbx_struct_assembly_gen.oper_expression   1 
_pdbx_struct_assembly_gen.asym_id_list      A,B 
# 
_pdbx_struct_assembly_auth_evidence.id                     1 
_pdbx_struct_assembly_auth_evidence.assembly_id            1 
_pdbx_struct_assembly_auth_evidence.experimental_support   none 
_pdbx_struct_assembly_auth_evidence.details                ? 
# 
_pdbx_struct_oper_list.id                   1 
_pdbx_struct_oper_list.type                 'identity operation' 
_pdbx_struct_oper_list.name                 1_555 
_pdbx_struct_oper_list.symmetry_operation   x,y,z 
_pdbx_struct_oper_list.matrix[1][1]         1.0000000000 
_pdbx_struct_oper_list.matrix[1][2]         0.0000000000 
_pdbx_struct_oper_list.matrix[1][3]         0.0000000000 
_pdbx_struct_oper_list.vector[1]            0.0000000000 
_pdbx_struct_oper_list.matrix[2][1]         0.0000000000 
_pdbx_struct_oper_list.matrix[2][2]         1.0000000000 
_pdbx_struct_oper_list.matrix[2][3]         0.0000000000 
_pdbx_struct_oper_list.vector[2]            0.0000000000 
_pdbx_struct_oper_list.matrix[3][1]         0.0000000000 
_pdbx_struct_oper_list.matrix[3][2]         0.0000000000 
_pdbx_struct_oper_list.matrix[3][3]         1.0000000000 
_pdbx_struct_oper_list.vector[3]            0.0000000000 
# 
loop_
_struct_conf.conf_type_id 
_struct_conf.id 
_struct_conf.pdbx_PDB_helix_id 
_struct_conf.beg_label_comp_id 
_struct_conf.beg_label_asym_id 
_struct_conf.beg_label_seq_id 
_struct_conf.pdbx_beg_PDB_ins_code 
_struct_conf.end_label_comp_id 
_struct_conf.end_label_asym_id 
_struct_conf.end_label_seq_id 
_struct_conf.pdbx_end_PDB_ins_code 
_struct_conf.beg_auth_comp_id 
_struct_conf.beg_auth_asym_id 
_struct_conf.beg_auth_seq_id 
_struct_conf.end_auth_comp_id 
_struct_conf.end_auth_asym_id 
_struct_conf.end_auth_seq_id 
_struct_conf.pdbx_PDB_helix_class 
_struct_conf.details 
_struct_conf.pdbx_PDB_helix_length 
HELX_P HELX_P1 AA1 SER A 1   ? LEU A 10  ? SER A 2   LEU A 11  1 ? 10 
HELX_P HELX_P2 AA3 LYS A 44  ? GLU A 57  ? LYS A 45  GLU A 58  1 ? 14 
HELX_P HELX_P3 AA4 THR A 112 ? GLN A 130 ? THR A 113 GLN A 131 1 ? 19 
# 
_struct_conf_type.id          HELX_P 
_struct_conf_type.criteria    ? 
_struct_conf_type.reference   ? 
# 
_struct_conn.id                            disulf1 
_struct_conn.conn_type_id                  disulf 
_struct_conn.pdbx_leaving_atom_flag        ? 
_struct_conn.pdbx_PDB_id                   ? 
_struct_conn.ptnr1_label_asym_id           A 
_struct_conn.ptnr1_label_comp_id           CYS 
_struct_conn.ptnr1_label_seq_id            12 
_struct_conn.ptnr1_label_atom_id           SG 
_struct_conn.pdbx_ptnr1_label_alt_id       ? 
_struct_conn.pdbx_ptnr1_PDB_ins_code       ? 
_struct_conn.pdbx_ptnr1_standard_comp_id   ? 
_struct_conn.ptnr1_symmetry                1_555 
_struct_conn.ptnr2_label_asym_id           A 
_struct_conn.ptnr2_label_comp_id           CYS 
_struct_conn.ptnr2_label_seq_id            116 
_struct_conn.ptnr2_label_atom_id           SG 
_struct_conn.pdbx_ptnr2_label_alt_id       A 
_struct_conn.pdbx_ptnr2_PDB_ins_code       ? 
_struct_conn.ptnr1_auth_asym_id            A 
_struct_conn.ptnr1_auth_comp_id            CYS 
_struct_conn.ptnr1_auth_seq_id             13 
_struct_conn.ptnr2_auth_asym_id            A 
_struct_conn.ptnr2_auth_comp_id            CYS 
_struct_conn.ptnr2_auth_seq_id             117 
_struct_conn.ptnr2_symmetry                1_555 
_struct_conn.pdbx_ptnr3_label_atom_id      ? 
_struct_conn.pdbx_ptnr3_label_seq_id       ? 
_struct_conn.pdbx_ptnr3_label_comp_id      ? 
_struct_conn.pdbx_ptnr3_label_asym_id      ? 
_struct_conn.pdbx_ptnr3_label_alt_id       ? 
_struct_conn.pdbx_ptnr3_PDB_ins_code       ? 
_struct_conn.details                       ? 
_struct_conn.pdbx_dist_value               2.061 
_struct_conn.pdbx_value_order              ? 
_struct_conn.pdbx_role                     ? 
# 
_struct_conn_type.id          disulf 
_struct_conn_type.criteria    ? 
_struct_conn_type.reference   ? 
# 
_pdbx_modification_feature.ordinal                            1 
_pdbx_modification_feature.label_comp_id                      CYS 
_pdbx_modification_feature.label_asym_id                      A 
_pdbx_modification_feature.label_seq_id                       12 
_pdbx_modification_feature.label_alt_id                       ? 
_pdbx_modification_feature.modified_residue_label_comp_id     CYS 
_pdbx_modification_feature.modified_residue_label_asym_id     A 
_pdbx_modification_feature.modified_residue_label_seq_id      116 
_pdbx_modification_feature.modified_residue_label_alt_id      A 
_pdbx_modification_feature.auth_comp_id                       CYS 
_pdbx_modification_feature.auth_asym_id                       A 
_pdbx_modification_feature.auth_seq_id                        13 
_pdbx_modification_feature.PDB_ins_code                       ? 
_pdbx_modification_feature.symmetry                           1_555 
_pdbx_modification_feature.modified_residue_auth_comp_id      CYS 
_pdbx_modification_feature.modified_residue_auth_asym_id      A 
_pdbx_modification_feature.modified_residue_auth_seq_id       117 
_pdbx_modification_feature.modified_residue_PDB_ins_code      ? 
_pdbx_modification_feature.modified_residue_symmetry          1_555 
_pdbx_modification_feature.comp_id_linking_atom               SG 
_pdbx_modification_feature.modified_residue_id_linking_atom   SG 
_pdbx_modification_feature.modified_residue_id                . 
_pdbx_modification_feature.ref_pcm_id                         . 
_pdbx_modification_feature.ref_comp_id                        . 
_pdbx_modification_feature.type                               None 
_pdbx_modification_feature.category                           'Disulfide bridge' 
# 
loop_
_struct_mon_prot_cis.pdbx_id 
_struct_mon_prot_cis.label_comp_id 
_struct_mon_prot_cis.label_seq_id 
_struct_mon_prot_cis.label_asym_id 
_struct_mon_prot_cis.label_alt_id 
_struct_mon_prot_cis.pdbx_PDB_ins_code 
_struct_mon_prot_cis.auth_comp_id 
_struct_mon_prot_cis.auth_seq_id 
_struct_mon_prot_cis.auth_asym_id 
_struct_mon_prot_cis.pdbx_label_comp_id_2 
_struct_mon_prot_cis.pdbx_label_seq_id_2 
_struct_mon_prot_cis.pdbx_label_asym_id_2 
_struct_mon_prot_cis.pdbx_PDB_ins_code_2 
_struct_mon_prot_cis.pdbx_auth_comp_id_2 
_struct_mon_prot_cis.pdbx_auth_seq_id_2 
_struct_mon_prot_cis.pdbx_auth_asym_id_2 
_struct_mon_prot_cis.pdbx_PDB_model_num 
_struct_mon_prot_cis.pdbx_omega_angle 
1 GLY 16  A . ? GLY 17  A GLN 17  A ? GLN 18  A 1 -5.52 
2 GLU 109 A . ? GLU 110 A PRO 110 A ? PRO 111 A 1 7.01  
# 
_struct_sheet.id               AA1 
_struct_sheet.type             ? 
_struct_sheet.number_strands   7 
_struct_sheet.details          ? 
# 
loop_
_struct_sheet_order.sheet_id 
_struct_sheet_order.range_id_1 
_struct_sheet_order.range_id_2 
_struct_sheet_order.offset 
_struct_sheet_order.sense 
AA1 1 2 ? anti-parallel 
AA1 2 3 ? anti-parallel 
AA1 3 4 ? anti-parallel 
AA1 4 5 ? anti-parallel 
AA1 5 6 ? anti-parallel 
AA1 6 7 ? anti-parallel 
# 
loop_
_struct_sheet_range.sheet_id 
_struct_sheet_range.id 
_struct_sheet_range.beg_label_comp_id 
_struct_sheet_range.beg_label_asym_id 
_struct_sheet_range.beg_label_seq_id 
_struct_sheet_range.pdbx_beg_PDB_ins_code 
_struct_sheet_range.end_label_comp_id 
_struct_sheet_range.end_label_asym_id 
_struct_sheet_range.end_label_seq_id 
_struct_sheet_range.pdbx_end_PDB_ins_code 
_struct_sheet_range.beg_auth_comp_id 
_struct_sheet_range.beg_auth_asym_id 
_struct_sheet_range.beg_auth_seq_id 
_struct_sheet_range.end_auth_comp_id 
_struct_sheet_range.end_auth_asym_id 
_struct_sheet_range.end_auth_seq_id 
AA1 1 VAL A 33  ? GLN A 36  ? VAL A 34  GLN A 37  
AA1 2 ALA A 22  ? GLY A 28  ? ALA A 23  GLY A 29  
AA1 3 ALA A 101 ? TYR A 107 ? ALA A 102 TYR A 108 
AA1 4 GLY A 91  ? LYS A 97  ? GLY A 92  LYS A 98  
AA1 5 VAL A 83  ? LYS A 88  ? VAL A 84  LYS A 89  
AA1 6 ILE A 71  ? GLU A 79  ? ILE A 72  GLU A 80  
AA1 7 LEU A 66  ? LEU A 68  ? LEU A 67  LEU A 69  
# 
loop_
_pdbx_struct_sheet_hbond.sheet_id 
_pdbx_struct_sheet_hbond.range_id_1 
_pdbx_struct_sheet_hbond.range_id_2 
_pdbx_struct_sheet_hbond.range_1_label_atom_id 
_pdbx_struct_sheet_hbond.range_1_label_comp_id 
_pdbx_struct_sheet_hbond.range_1_label_asym_id 
_pdbx_struct_sheet_hbond.range_1_label_seq_id 
_pdbx_struct_sheet_hbond.range_1_PDB_ins_code 
_pdbx_struct_sheet_hbond.range_1_auth_atom_id 
_pdbx_struct_sheet_hbond.range_1_auth_comp_id 
_pdbx_struct_sheet_hbond.range_1_auth_asym_id 
_pdbx_struct_sheet_hbond.range_1_auth_seq_id 
_pdbx_struct_sheet_hbond.range_2_label_atom_id 
_pdbx_struct_sheet_hbond.range_2_label_comp_id 
_pdbx_struct_sheet_hbond.range_2_label_asym_id 
_pdbx_struct_sheet_hbond.range_2_label_seq_id 
_pdbx_struct_sheet_hbond.range_2_PDB_ins_code 
_pdbx_struct_sheet_hbond.range_2_auth_atom_id 
_pdbx_struct_sheet_hbond.range_2_auth_comp_id 
_pdbx_struct_sheet_hbond.range_2_auth_asym_id 
_pdbx_struct_sheet_hbond.range_2_auth_seq_id 
AA1 1 2 O ALA A 35  ? O ALA A 36  N ILE A 26  ? N ILE A 27  
AA1 2 3 N ALA A 23  ? N ALA A 24  O ILE A 106 ? O ILE A 107 
AA1 3 4 O VAL A 103 ? O VAL A 104 N LYS A 96  ? N LYS A 97  
AA1 4 5 O ILE A 95  ? O ILE A 96  N ILE A 84  ? N ILE A 85  
AA1 5 6 N VAL A 83  ? N VAL A 84  O GLU A 79  ? O GLU A 80  
AA1 6 7 O TYR A 73  ? O TYR A 74  N LEU A 66  ? N LEU A 67  
# 
_pdbx_entry_details.entry_id                   5NZB 
_pdbx_entry_details.compound_details           ? 
_pdbx_entry_details.source_details             ? 
_pdbx_entry_details.nonpolymer_details         ? 
_pdbx_entry_details.sequence_details           ? 
_pdbx_entry_details.has_ligand_of_interest     ? 
_pdbx_entry_details.has_protein_modification   Y 
# 
loop_
_pdbx_validate_rmsd_bond.id 
_pdbx_validate_rmsd_bond.PDB_model_num 
_pdbx_validate_rmsd_bond.auth_atom_id_1 
_pdbx_validate_rmsd_bond.auth_asym_id_1 
_pdbx_validate_rmsd_bond.auth_comp_id_1 
_pdbx_validate_rmsd_bond.auth_seq_id_1 
_pdbx_validate_rmsd_bond.PDB_ins_code_1 
_pdbx_validate_rmsd_bond.label_alt_id_1 
_pdbx_validate_rmsd_bond.auth_atom_id_2 
_pdbx_validate_rmsd_bond.auth_asym_id_2 
_pdbx_validate_rmsd_bond.auth_comp_id_2 
_pdbx_validate_rmsd_bond.auth_seq_id_2 
_pdbx_validate_rmsd_bond.PDB_ins_code_2 
_pdbx_validate_rmsd_bond.label_alt_id_2 
_pdbx_validate_rmsd_bond.bond_value 
_pdbx_validate_rmsd_bond.bond_target_value 
_pdbx_validate_rmsd_bond.bond_deviation 
_pdbx_validate_rmsd_bond.bond_standard_deviation 
_pdbx_validate_rmsd_bond.linker_flag 
1 1 CB A CYS 13  ? ? SG A CYS 13  ? ? 1.931 1.818 0.113 0.017 N 
2 1 CB A CYS 117 ? A SG A CYS 117 ? A 1.970 1.818 0.152 0.017 N 
# 
_pdbx_validate_rmsd_angle.id                         1 
_pdbx_validate_rmsd_angle.PDB_model_num              1 
_pdbx_validate_rmsd_angle.auth_atom_id_1             CA 
_pdbx_validate_rmsd_angle.auth_asym_id_1             A 
_pdbx_validate_rmsd_angle.auth_comp_id_1             CYS 
_pdbx_validate_rmsd_angle.auth_seq_id_1              117 
_pdbx_validate_rmsd_angle.PDB_ins_code_1             ? 
_pdbx_validate_rmsd_angle.label_alt_id_1             A 
_pdbx_validate_rmsd_angle.auth_atom_id_2             CB 
_pdbx_validate_rmsd_angle.auth_asym_id_2             A 
_pdbx_validate_rmsd_angle.auth_comp_id_2             CYS 
_pdbx_validate_rmsd_angle.auth_seq_id_2              117 
_pdbx_validate_rmsd_angle.PDB_ins_code_2             ? 
_pdbx_validate_rmsd_angle.label_alt_id_2             A 
_pdbx_validate_rmsd_angle.auth_atom_id_3             SG 
_pdbx_validate_rmsd_angle.auth_asym_id_3             A 
_pdbx_validate_rmsd_angle.auth_comp_id_3             CYS 
_pdbx_validate_rmsd_angle.auth_seq_id_3              117 
_pdbx_validate_rmsd_angle.PDB_ins_code_3             ? 
_pdbx_validate_rmsd_angle.label_alt_id_3             A 
_pdbx_validate_rmsd_angle.angle_value                123.95 
_pdbx_validate_rmsd_angle.angle_target_value         114.20 
_pdbx_validate_rmsd_angle.angle_deviation            9.75 
_pdbx_validate_rmsd_angle.angle_standard_deviation   1.10 
_pdbx_validate_rmsd_angle.linker_flag                N 
# 
loop_
_pdbx_validate_torsion.id 
_pdbx_validate_torsion.PDB_model_num 
_pdbx_validate_torsion.auth_comp_id 
_pdbx_validate_torsion.auth_asym_id 
_pdbx_validate_torsion.auth_seq_id 
_pdbx_validate_torsion.PDB_ins_code 
_pdbx_validate_torsion.label_alt_id 
_pdbx_validate_torsion.phi 
_pdbx_validate_torsion.psi 
1 1 LEU A 11 ? ? -131.29 -54.11  
2 1 ASP A 14 ? ? -119.03 56.66   
3 1 THR A 99 ? ? -114.38 -169.17 
# 
loop_
_pdbx_unobs_or_zero_occ_residues.id 
_pdbx_unobs_or_zero_occ_residues.PDB_model_num 
_pdbx_unobs_or_zero_occ_residues.polymer_flag 
_pdbx_unobs_or_zero_occ_residues.occupancy_flag 
_pdbx_unobs_or_zero_occ_residues.auth_asym_id 
_pdbx_unobs_or_zero_occ_residues.auth_comp_id 
_pdbx_unobs_or_zero_occ_residues.auth_seq_id 
_pdbx_unobs_or_zero_occ_residues.PDB_ins_code 
_pdbx_unobs_or_zero_occ_residues.label_asym_id 
_pdbx_unobs_or_zero_occ_residues.label_comp_id 
_pdbx_unobs_or_zero_occ_residues.label_seq_id 
1 1 Y 0 A GLY 17 ? A GLY 16 
2 1 Y 0 A GLN 18 ? A GLN 17 
3 1 Y 0 A GLN 20 ? A GLN 19 
# 
loop_
_chem_comp_atom.comp_id 
_chem_comp_atom.atom_id 
_chem_comp_atom.type_symbol 
_chem_comp_atom.pdbx_aromatic_flag 
_chem_comp_atom.pdbx_stereo_config 
_chem_comp_atom.pdbx_ordinal 
ALA N    N N N 1   
ALA CA   C N S 2   
ALA C    C N N 3   
ALA O    O N N 4   
ALA CB   C N N 5   
ALA OXT  O N N 6   
ALA H    H N N 7   
ALA H2   H N N 8   
ALA HA   H N N 9   
ALA HB1  H N N 10  
ALA HB2  H N N 11  
ALA HB3  H N N 12  
ALA HXT  H N N 13  
ARG N    N N N 14  
ARG CA   C N S 15  
ARG C    C N N 16  
ARG O    O N N 17  
ARG CB   C N N 18  
ARG CG   C N N 19  
ARG CD   C N N 20  
ARG NE   N N N 21  
ARG CZ   C N N 22  
ARG NH1  N N N 23  
ARG NH2  N N N 24  
ARG OXT  O N N 25  
ARG H    H N N 26  
ARG H2   H N N 27  
ARG HA   H N N 28  
ARG HB2  H N N 29  
ARG HB3  H N N 30  
ARG HG2  H N N 31  
ARG HG3  H N N 32  
ARG HD2  H N N 33  
ARG HD3  H N N 34  
ARG HE   H N N 35  
ARG HH11 H N N 36  
ARG HH12 H N N 37  
ARG HH21 H N N 38  
ARG HH22 H N N 39  
ARG HXT  H N N 40  
ASN N    N N N 41  
ASN CA   C N S 42  
ASN C    C N N 43  
ASN O    O N N 44  
ASN CB   C N N 45  
ASN CG   C N N 46  
ASN OD1  O N N 47  
ASN ND2  N N N 48  
ASN OXT  O N N 49  
ASN H    H N N 50  
ASN H2   H N N 51  
ASN HA   H N N 52  
ASN HB2  H N N 53  
ASN HB3  H N N 54  
ASN HD21 H N N 55  
ASN HD22 H N N 56  
ASN HXT  H N N 57  
ASP N    N N N 58  
ASP CA   C N S 59  
ASP C    C N N 60  
ASP O    O N N 61  
ASP CB   C N N 62  
ASP CG   C N N 63  
ASP OD1  O N N 64  
ASP OD2  O N N 65  
ASP OXT  O N N 66  
ASP H    H N N 67  
ASP H2   H N N 68  
ASP HA   H N N 69  
ASP HB2  H N N 70  
ASP HB3  H N N 71  
ASP HD2  H N N 72  
ASP HXT  H N N 73  
CYS N    N N N 74  
CYS CA   C N R 75  
CYS C    C N N 76  
CYS O    O N N 77  
CYS CB   C N N 78  
CYS SG   S N N 79  
CYS OXT  O N N 80  
CYS H    H N N 81  
CYS H2   H N N 82  
CYS HA   H N N 83  
CYS HB2  H N N 84  
CYS HB3  H N N 85  
CYS HG   H N N 86  
CYS HXT  H N N 87  
GLN N    N N N 88  
GLN CA   C N S 89  
GLN C    C N N 90  
GLN O    O N N 91  
GLN CB   C N N 92  
GLN CG   C N N 93  
GLN CD   C N N 94  
GLN OE1  O N N 95  
GLN NE2  N N N 96  
GLN OXT  O N N 97  
GLN H    H N N 98  
GLN H2   H N N 99  
GLN HA   H N N 100 
GLN HB2  H N N 101 
GLN HB3  H N N 102 
GLN HG2  H N N 103 
GLN HG3  H N N 104 
GLN HE21 H N N 105 
GLN HE22 H N N 106 
GLN HXT  H N N 107 
GLU N    N N N 108 
GLU CA   C N S 109 
GLU C    C N N 110 
GLU O    O N N 111 
GLU CB   C N N 112 
GLU CG   C N N 113 
GLU CD   C N N 114 
GLU OE1  O N N 115 
GLU OE2  O N N 116 
GLU OXT  O N N 117 
GLU H    H N N 118 
GLU H2   H N N 119 
GLU HA   H N N 120 
GLU HB2  H N N 121 
GLU HB3  H N N 122 
GLU HG2  H N N 123 
GLU HG3  H N N 124 
GLU HE2  H N N 125 
GLU HXT  H N N 126 
GLY N    N N N 127 
GLY CA   C N N 128 
GLY C    C N N 129 
GLY O    O N N 130 
GLY OXT  O N N 131 
GLY H    H N N 132 
GLY H2   H N N 133 
GLY HA2  H N N 134 
GLY HA3  H N N 135 
GLY HXT  H N N 136 
HIS N    N N N 137 
HIS CA   C N S 138 
HIS C    C N N 139 
HIS O    O N N 140 
HIS CB   C N N 141 
HIS CG   C Y N 142 
HIS ND1  N Y N 143 
HIS CD2  C Y N 144 
HIS CE1  C Y N 145 
HIS NE2  N Y N 146 
HIS OXT  O N N 147 
HIS H    H N N 148 
HIS H2   H N N 149 
HIS HA   H N N 150 
HIS HB2  H N N 151 
HIS HB3  H N N 152 
HIS HD1  H N N 153 
HIS HD2  H N N 154 
HIS HE1  H N N 155 
HIS HE2  H N N 156 
HIS HXT  H N N 157 
HOH O    O N N 158 
HOH H1   H N N 159 
HOH H2   H N N 160 
ILE N    N N N 161 
ILE CA   C N S 162 
ILE C    C N N 163 
ILE O    O N N 164 
ILE CB   C N S 165 
ILE CG1  C N N 166 
ILE CG2  C N N 167 
ILE CD1  C N N 168 
ILE OXT  O N N 169 
ILE H    H N N 170 
ILE H2   H N N 171 
ILE HA   H N N 172 
ILE HB   H N N 173 
ILE HG12 H N N 174 
ILE HG13 H N N 175 
ILE HG21 H N N 176 
ILE HG22 H N N 177 
ILE HG23 H N N 178 
ILE HD11 H N N 179 
ILE HD12 H N N 180 
ILE HD13 H N N 181 
ILE HXT  H N N 182 
LEU N    N N N 183 
LEU CA   C N S 184 
LEU C    C N N 185 
LEU O    O N N 186 
LEU CB   C N N 187 
LEU CG   C N N 188 
LEU CD1  C N N 189 
LEU CD2  C N N 190 
LEU OXT  O N N 191 
LEU H    H N N 192 
LEU H2   H N N 193 
LEU HA   H N N 194 
LEU HB2  H N N 195 
LEU HB3  H N N 196 
LEU HG   H N N 197 
LEU HD11 H N N 198 
LEU HD12 H N N 199 
LEU HD13 H N N 200 
LEU HD21 H N N 201 
LEU HD22 H N N 202 
LEU HD23 H N N 203 
LEU HXT  H N N 204 
LYS N    N N N 205 
LYS CA   C N S 206 
LYS C    C N N 207 
LYS O    O N N 208 
LYS CB   C N N 209 
LYS CG   C N N 210 
LYS CD   C N N 211 
LYS CE   C N N 212 
LYS NZ   N N N 213 
LYS OXT  O N N 214 
LYS H    H N N 215 
LYS H2   H N N 216 
LYS HA   H N N 217 
LYS HB2  H N N 218 
LYS HB3  H N N 219 
LYS HG2  H N N 220 
LYS HG3  H N N 221 
LYS HD2  H N N 222 
LYS HD3  H N N 223 
LYS HE2  H N N 224 
LYS HE3  H N N 225 
LYS HZ1  H N N 226 
LYS HZ2  H N N 227 
LYS HZ3  H N N 228 
LYS HXT  H N N 229 
MET N    N N N 230 
MET CA   C N S 231 
MET C    C N N 232 
MET O    O N N 233 
MET CB   C N N 234 
MET CG   C N N 235 
MET SD   S N N 236 
MET CE   C N N 237 
MET OXT  O N N 238 
MET H    H N N 239 
MET H2   H N N 240 
MET HA   H N N 241 
MET HB2  H N N 242 
MET HB3  H N N 243 
MET HG2  H N N 244 
MET HG3  H N N 245 
MET HE1  H N N 246 
MET HE2  H N N 247 
MET HE3  H N N 248 
MET HXT  H N N 249 
PHE N    N N N 250 
PHE CA   C N S 251 
PHE C    C N N 252 
PHE O    O N N 253 
PHE CB   C N N 254 
PHE CG   C Y N 255 
PHE CD1  C Y N 256 
PHE CD2  C Y N 257 
PHE CE1  C Y N 258 
PHE CE2  C Y N 259 
PHE CZ   C Y N 260 
PHE OXT  O N N 261 
PHE H    H N N 262 
PHE H2   H N N 263 
PHE HA   H N N 264 
PHE HB2  H N N 265 
PHE HB3  H N N 266 
PHE HD1  H N N 267 
PHE HD2  H N N 268 
PHE HE1  H N N 269 
PHE HE2  H N N 270 
PHE HZ   H N N 271 
PHE HXT  H N N 272 
PRO N    N N N 273 
PRO CA   C N S 274 
PRO C    C N N 275 
PRO O    O N N 276 
PRO CB   C N N 277 
PRO CG   C N N 278 
PRO CD   C N N 279 
PRO OXT  O N N 280 
PRO H    H N N 281 
PRO HA   H N N 282 
PRO HB2  H N N 283 
PRO HB3  H N N 284 
PRO HG2  H N N 285 
PRO HG3  H N N 286 
PRO HD2  H N N 287 
PRO HD3  H N N 288 
PRO HXT  H N N 289 
SER N    N N N 290 
SER CA   C N S 291 
SER C    C N N 292 
SER O    O N N 293 
SER CB   C N N 294 
SER OG   O N N 295 
SER OXT  O N N 296 
SER H    H N N 297 
SER H2   H N N 298 
SER HA   H N N 299 
SER HB2  H N N 300 
SER HB3  H N N 301 
SER HG   H N N 302 
SER HXT  H N N 303 
THR N    N N N 304 
THR CA   C N S 305 
THR C    C N N 306 
THR O    O N N 307 
THR CB   C N R 308 
THR OG1  O N N 309 
THR CG2  C N N 310 
THR OXT  O N N 311 
THR H    H N N 312 
THR H2   H N N 313 
THR HA   H N N 314 
THR HB   H N N 315 
THR HG1  H N N 316 
THR HG21 H N N 317 
THR HG22 H N N 318 
THR HG23 H N N 319 
THR HXT  H N N 320 
TRP N    N N N 321 
TRP CA   C N S 322 
TRP C    C N N 323 
TRP O    O N N 324 
TRP CB   C N N 325 
TRP CG   C Y N 326 
TRP CD1  C Y N 327 
TRP CD2  C Y N 328 
TRP NE1  N Y N 329 
TRP CE2  C Y N 330 
TRP CE3  C Y N 331 
TRP CZ2  C Y N 332 
TRP CZ3  C Y N 333 
TRP CH2  C Y N 334 
TRP OXT  O N N 335 
TRP H    H N N 336 
TRP H2   H N N 337 
TRP HA   H N N 338 
TRP HB2  H N N 339 
TRP HB3  H N N 340 
TRP HD1  H N N 341 
TRP HE1  H N N 342 
TRP HE3  H N N 343 
TRP HZ2  H N N 344 
TRP HZ3  H N N 345 
TRP HH2  H N N 346 
TRP HXT  H N N 347 
TYR N    N N N 348 
TYR CA   C N S 349 
TYR C    C N N 350 
TYR O    O N N 351 
TYR CB   C N N 352 
TYR CG   C Y N 353 
TYR CD1  C Y N 354 
TYR CD2  C Y N 355 
TYR CE1  C Y N 356 
TYR CE2  C Y N 357 
TYR CZ   C Y N 358 
TYR OH   O N N 359 
TYR OXT  O N N 360 
TYR H    H N N 361 
TYR H2   H N N 362 
TYR HA   H N N 363 
TYR HB2  H N N 364 
TYR HB3  H N N 365 
TYR HD1  H N N 366 
TYR HD2  H N N 367 
TYR HE1  H N N 368 
TYR HE2  H N N 369 
TYR HH   H N N 370 
TYR HXT  H N N 371 
VAL N    N N N 372 
VAL CA   C N S 373 
VAL C    C N N 374 
VAL O    O N N 375 
VAL CB   C N N 376 
VAL CG1  C N N 377 
VAL CG2  C N N 378 
VAL OXT  O N N 379 
VAL H    H N N 380 
VAL H2   H N N 381 
VAL HA   H N N 382 
VAL HB   H N N 383 
VAL HG11 H N N 384 
VAL HG12 H N N 385 
VAL HG13 H N N 386 
VAL HG21 H N N 387 
VAL HG22 H N N 388 
VAL HG23 H N N 389 
VAL HXT  H N N 390 
# 
loop_
_chem_comp_bond.comp_id 
_chem_comp_bond.atom_id_1 
_chem_comp_bond.atom_id_2 
_chem_comp_bond.value_order 
_chem_comp_bond.pdbx_aromatic_flag 
_chem_comp_bond.pdbx_stereo_config 
_chem_comp_bond.pdbx_ordinal 
ALA N   CA   sing N N 1   
ALA N   H    sing N N 2   
ALA N   H2   sing N N 3   
ALA CA  C    sing N N 4   
ALA CA  CB   sing N N 5   
ALA CA  HA   sing N N 6   
ALA C   O    doub N N 7   
ALA C   OXT  sing N N 8   
ALA CB  HB1  sing N N 9   
ALA CB  HB2  sing N N 10  
ALA CB  HB3  sing N N 11  
ALA OXT HXT  sing N N 12  
ARG N   CA   sing N N 13  
ARG N   H    sing N N 14  
ARG N   H2   sing N N 15  
ARG CA  C    sing N N 16  
ARG CA  CB   sing N N 17  
ARG CA  HA   sing N N 18  
ARG C   O    doub N N 19  
ARG C   OXT  sing N N 20  
ARG CB  CG   sing N N 21  
ARG CB  HB2  sing N N 22  
ARG CB  HB3  sing N N 23  
ARG CG  CD   sing N N 24  
ARG CG  HG2  sing N N 25  
ARG CG  HG3  sing N N 26  
ARG CD  NE   sing N N 27  
ARG CD  HD2  sing N N 28  
ARG CD  HD3  sing N N 29  
ARG NE  CZ   sing N N 30  
ARG NE  HE   sing N N 31  
ARG CZ  NH1  sing N N 32  
ARG CZ  NH2  doub N N 33  
ARG NH1 HH11 sing N N 34  
ARG NH1 HH12 sing N N 35  
ARG NH2 HH21 sing N N 36  
ARG NH2 HH22 sing N N 37  
ARG OXT HXT  sing N N 38  
ASN N   CA   sing N N 39  
ASN N   H    sing N N 40  
ASN N   H2   sing N N 41  
ASN CA  C    sing N N 42  
ASN CA  CB   sing N N 43  
ASN CA  HA   sing N N 44  
ASN C   O    doub N N 45  
ASN C   OXT  sing N N 46  
ASN CB  CG   sing N N 47  
ASN CB  HB2  sing N N 48  
ASN CB  HB3  sing N N 49  
ASN CG  OD1  doub N N 50  
ASN CG  ND2  sing N N 51  
ASN ND2 HD21 sing N N 52  
ASN ND2 HD22 sing N N 53  
ASN OXT HXT  sing N N 54  
ASP N   CA   sing N N 55  
ASP N   H    sing N N 56  
ASP N   H2   sing N N 57  
ASP CA  C    sing N N 58  
ASP CA  CB   sing N N 59  
ASP CA  HA   sing N N 60  
ASP C   O    doub N N 61  
ASP C   OXT  sing N N 62  
ASP CB  CG   sing N N 63  
ASP CB  HB2  sing N N 64  
ASP CB  HB3  sing N N 65  
ASP CG  OD1  doub N N 66  
ASP CG  OD2  sing N N 67  
ASP OD2 HD2  sing N N 68  
ASP OXT HXT  sing N N 69  
CYS N   CA   sing N N 70  
CYS N   H    sing N N 71  
CYS N   H2   sing N N 72  
CYS CA  C    sing N N 73  
CYS CA  CB   sing N N 74  
CYS CA  HA   sing N N 75  
CYS C   O    doub N N 76  
CYS C   OXT  sing N N 77  
CYS CB  SG   sing N N 78  
CYS CB  HB2  sing N N 79  
CYS CB  HB3  sing N N 80  
CYS SG  HG   sing N N 81  
CYS OXT HXT  sing N N 82  
GLN N   CA   sing N N 83  
GLN N   H    sing N N 84  
GLN N   H2   sing N N 85  
GLN CA  C    sing N N 86  
GLN CA  CB   sing N N 87  
GLN CA  HA   sing N N 88  
GLN C   O    doub N N 89  
GLN C   OXT  sing N N 90  
GLN CB  CG   sing N N 91  
GLN CB  HB2  sing N N 92  
GLN CB  HB3  sing N N 93  
GLN CG  CD   sing N N 94  
GLN CG  HG2  sing N N 95  
GLN CG  HG3  sing N N 96  
GLN CD  OE1  doub N N 97  
GLN CD  NE2  sing N N 98  
GLN NE2 HE21 sing N N 99  
GLN NE2 HE22 sing N N 100 
GLN OXT HXT  sing N N 101 
GLU N   CA   sing N N 102 
GLU N   H    sing N N 103 
GLU N   H2   sing N N 104 
GLU CA  C    sing N N 105 
GLU CA  CB   sing N N 106 
GLU CA  HA   sing N N 107 
GLU C   O    doub N N 108 
GLU C   OXT  sing N N 109 
GLU CB  CG   sing N N 110 
GLU CB  HB2  sing N N 111 
GLU CB  HB3  sing N N 112 
GLU CG  CD   sing N N 113 
GLU CG  HG2  sing N N 114 
GLU CG  HG3  sing N N 115 
GLU CD  OE1  doub N N 116 
GLU CD  OE2  sing N N 117 
GLU OE2 HE2  sing N N 118 
GLU OXT HXT  sing N N 119 
GLY N   CA   sing N N 120 
GLY N   H    sing N N 121 
GLY N   H2   sing N N 122 
GLY CA  C    sing N N 123 
GLY CA  HA2  sing N N 124 
GLY CA  HA3  sing N N 125 
GLY C   O    doub N N 126 
GLY C   OXT  sing N N 127 
GLY OXT HXT  sing N N 128 
HIS N   CA   sing N N 129 
HIS N   H    sing N N 130 
HIS N   H2   sing N N 131 
HIS CA  C    sing N N 132 
HIS CA  CB   sing N N 133 
HIS CA  HA   sing N N 134 
HIS C   O    doub N N 135 
HIS C   OXT  sing N N 136 
HIS CB  CG   sing N N 137 
HIS CB  HB2  sing N N 138 
HIS CB  HB3  sing N N 139 
HIS CG  ND1  sing Y N 140 
HIS CG  CD2  doub Y N 141 
HIS ND1 CE1  doub Y N 142 
HIS ND1 HD1  sing N N 143 
HIS CD2 NE2  sing Y N 144 
HIS CD2 HD2  sing N N 145 
HIS CE1 NE2  sing Y N 146 
HIS CE1 HE1  sing N N 147 
HIS NE2 HE2  sing N N 148 
HIS OXT HXT  sing N N 149 
HOH O   H1   sing N N 150 
HOH O   H2   sing N N 151 
ILE N   CA   sing N N 152 
ILE N   H    sing N N 153 
ILE N   H2   sing N N 154 
ILE CA  C    sing N N 155 
ILE CA  CB   sing N N 156 
ILE CA  HA   sing N N 157 
ILE C   O    doub N N 158 
ILE C   OXT  sing N N 159 
ILE CB  CG1  sing N N 160 
ILE CB  CG2  sing N N 161 
ILE CB  HB   sing N N 162 
ILE CG1 CD1  sing N N 163 
ILE CG1 HG12 sing N N 164 
ILE CG1 HG13 sing N N 165 
ILE CG2 HG21 sing N N 166 
ILE CG2 HG22 sing N N 167 
ILE CG2 HG23 sing N N 168 
ILE CD1 HD11 sing N N 169 
ILE CD1 HD12 sing N N 170 
ILE CD1 HD13 sing N N 171 
ILE OXT HXT  sing N N 172 
LEU N   CA   sing N N 173 
LEU N   H    sing N N 174 
LEU N   H2   sing N N 175 
LEU CA  C    sing N N 176 
LEU CA  CB   sing N N 177 
LEU CA  HA   sing N N 178 
LEU C   O    doub N N 179 
LEU C   OXT  sing N N 180 
LEU CB  CG   sing N N 181 
LEU CB  HB2  sing N N 182 
LEU CB  HB3  sing N N 183 
LEU CG  CD1  sing N N 184 
LEU CG  CD2  sing N N 185 
LEU CG  HG   sing N N 186 
LEU CD1 HD11 sing N N 187 
LEU CD1 HD12 sing N N 188 
LEU CD1 HD13 sing N N 189 
LEU CD2 HD21 sing N N 190 
LEU CD2 HD22 sing N N 191 
LEU CD2 HD23 sing N N 192 
LEU OXT HXT  sing N N 193 
LYS N   CA   sing N N 194 
LYS N   H    sing N N 195 
LYS N   H2   sing N N 196 
LYS CA  C    sing N N 197 
LYS CA  CB   sing N N 198 
LYS CA  HA   sing N N 199 
LYS C   O    doub N N 200 
LYS C   OXT  sing N N 201 
LYS CB  CG   sing N N 202 
LYS CB  HB2  sing N N 203 
LYS CB  HB3  sing N N 204 
LYS CG  CD   sing N N 205 
LYS CG  HG2  sing N N 206 
LYS CG  HG3  sing N N 207 
LYS CD  CE   sing N N 208 
LYS CD  HD2  sing N N 209 
LYS CD  HD3  sing N N 210 
LYS CE  NZ   sing N N 211 
LYS CE  HE2  sing N N 212 
LYS CE  HE3  sing N N 213 
LYS NZ  HZ1  sing N N 214 
LYS NZ  HZ2  sing N N 215 
LYS NZ  HZ3  sing N N 216 
LYS OXT HXT  sing N N 217 
MET N   CA   sing N N 218 
MET N   H    sing N N 219 
MET N   H2   sing N N 220 
MET CA  C    sing N N 221 
MET CA  CB   sing N N 222 
MET CA  HA   sing N N 223 
MET C   O    doub N N 224 
MET C   OXT  sing N N 225 
MET CB  CG   sing N N 226 
MET CB  HB2  sing N N 227 
MET CB  HB3  sing N N 228 
MET CG  SD   sing N N 229 
MET CG  HG2  sing N N 230 
MET CG  HG3  sing N N 231 
MET SD  CE   sing N N 232 
MET CE  HE1  sing N N 233 
MET CE  HE2  sing N N 234 
MET CE  HE3  sing N N 235 
MET OXT HXT  sing N N 236 
PHE N   CA   sing N N 237 
PHE N   H    sing N N 238 
PHE N   H2   sing N N 239 
PHE CA  C    sing N N 240 
PHE CA  CB   sing N N 241 
PHE CA  HA   sing N N 242 
PHE C   O    doub N N 243 
PHE C   OXT  sing N N 244 
PHE CB  CG   sing N N 245 
PHE CB  HB2  sing N N 246 
PHE CB  HB3  sing N N 247 
PHE CG  CD1  doub Y N 248 
PHE CG  CD2  sing Y N 249 
PHE CD1 CE1  sing Y N 250 
PHE CD1 HD1  sing N N 251 
PHE CD2 CE2  doub Y N 252 
PHE CD2 HD2  sing N N 253 
PHE CE1 CZ   doub Y N 254 
PHE CE1 HE1  sing N N 255 
PHE CE2 CZ   sing Y N 256 
PHE CE2 HE2  sing N N 257 
PHE CZ  HZ   sing N N 258 
PHE OXT HXT  sing N N 259 
PRO N   CA   sing N N 260 
PRO N   CD   sing N N 261 
PRO N   H    sing N N 262 
PRO CA  C    sing N N 263 
PRO CA  CB   sing N N 264 
PRO CA  HA   sing N N 265 
PRO C   O    doub N N 266 
PRO C   OXT  sing N N 267 
PRO CB  CG   sing N N 268 
PRO CB  HB2  sing N N 269 
PRO CB  HB3  sing N N 270 
PRO CG  CD   sing N N 271 
PRO CG  HG2  sing N N 272 
PRO CG  HG3  sing N N 273 
PRO CD  HD2  sing N N 274 
PRO CD  HD3  sing N N 275 
PRO OXT HXT  sing N N 276 
SER N   CA   sing N N 277 
SER N   H    sing N N 278 
SER N   H2   sing N N 279 
SER CA  C    sing N N 280 
SER CA  CB   sing N N 281 
SER CA  HA   sing N N 282 
SER C   O    doub N N 283 
SER C   OXT  sing N N 284 
SER CB  OG   sing N N 285 
SER CB  HB2  sing N N 286 
SER CB  HB3  sing N N 287 
SER OG  HG   sing N N 288 
SER OXT HXT  sing N N 289 
THR N   CA   sing N N 290 
THR N   H    sing N N 291 
THR N   H2   sing N N 292 
THR CA  C    sing N N 293 
THR CA  CB   sing N N 294 
THR CA  HA   sing N N 295 
THR C   O    doub N N 296 
THR C   OXT  sing N N 297 
THR CB  OG1  sing N N 298 
THR CB  CG2  sing N N 299 
THR CB  HB   sing N N 300 
THR OG1 HG1  sing N N 301 
THR CG2 HG21 sing N N 302 
THR CG2 HG22 sing N N 303 
THR CG2 HG23 sing N N 304 
THR OXT HXT  sing N N 305 
TRP N   CA   sing N N 306 
TRP N   H    sing N N 307 
TRP N   H2   sing N N 308 
TRP CA  C    sing N N 309 
TRP CA  CB   sing N N 310 
TRP CA  HA   sing N N 311 
TRP C   O    doub N N 312 
TRP C   OXT  sing N N 313 
TRP CB  CG   sing N N 314 
TRP CB  HB2  sing N N 315 
TRP CB  HB3  sing N N 316 
TRP CG  CD1  doub Y N 317 
TRP CG  CD2  sing Y N 318 
TRP CD1 NE1  sing Y N 319 
TRP CD1 HD1  sing N N 320 
TRP CD2 CE2  doub Y N 321 
TRP CD2 CE3  sing Y N 322 
TRP NE1 CE2  sing Y N 323 
TRP NE1 HE1  sing N N 324 
TRP CE2 CZ2  sing Y N 325 
TRP CE3 CZ3  doub Y N 326 
TRP CE3 HE3  sing N N 327 
TRP CZ2 CH2  doub Y N 328 
TRP CZ2 HZ2  sing N N 329 
TRP CZ3 CH2  sing Y N 330 
TRP CZ3 HZ3  sing N N 331 
TRP CH2 HH2  sing N N 332 
TRP OXT HXT  sing N N 333 
TYR N   CA   sing N N 334 
TYR N   H    sing N N 335 
TYR N   H2   sing N N 336 
TYR CA  C    sing N N 337 
TYR CA  CB   sing N N 338 
TYR CA  HA   sing N N 339 
TYR C   O    doub N N 340 
TYR C   OXT  sing N N 341 
TYR CB  CG   sing N N 342 
TYR CB  HB2  sing N N 343 
TYR CB  HB3  sing N N 344 
TYR CG  CD1  doub Y N 345 
TYR CG  CD2  sing Y N 346 
TYR CD1 CE1  sing Y N 347 
TYR CD1 HD1  sing N N 348 
TYR CD2 CE2  doub Y N 349 
TYR CD2 HD2  sing N N 350 
TYR CE1 CZ   doub Y N 351 
TYR CE1 HE1  sing N N 352 
TYR CE2 CZ   sing Y N 353 
TYR CE2 HE2  sing N N 354 
TYR CZ  OH   sing N N 355 
TYR OH  HH   sing N N 356 
TYR OXT HXT  sing N N 357 
VAL N   CA   sing N N 358 
VAL N   H    sing N N 359 
VAL N   H2   sing N N 360 
VAL CA  C    sing N N 361 
VAL CA  CB   sing N N 362 
VAL CA  HA   sing N N 363 
VAL C   O    doub N N 364 
VAL C   OXT  sing N N 365 
VAL CB  CG1  sing N N 366 
VAL CB  CG2  sing N N 367 
VAL CB  HB   sing N N 368 
VAL CG1 HG11 sing N N 369 
VAL CG1 HG12 sing N N 370 
VAL CG1 HG13 sing N N 371 
VAL CG2 HG21 sing N N 372 
VAL CG2 HG22 sing N N 373 
VAL CG2 HG23 sing N N 374 
VAL OXT HXT  sing N N 375 
# 
_pdbx_audit_support.funding_organization   'Austrian Science Fund' 
_pdbx_audit_support.country                Austria 
_pdbx_audit_support.grant_number           'project W_01213' 
_pdbx_audit_support.ordinal                1 
# 
_pdbx_initial_refinement_model.id               1 
_pdbx_initial_refinement_model.entity_id_list   ? 
_pdbx_initial_refinement_model.type             'experimental model' 
_pdbx_initial_refinement_model.source_name      PDB 
_pdbx_initial_refinement_model.accession_code   1CQA 
_pdbx_initial_refinement_model.details          ? 
# 
_atom_sites.entry_id                    5NZB 
_atom_sites.fract_transf_matrix[1][1]   0.02305146 
_atom_sites.fract_transf_matrix[1][2]   -0.01271698 
_atom_sites.fract_transf_matrix[1][3]   0.01726522 
_atom_sites.fract_transf_matrix[2][1]   0.00320356 
_atom_sites.fract_transf_matrix[2][2]   -0.01148016 
_atom_sites.fract_transf_matrix[2][3]   -0.01273309 
_atom_sites.fract_transf_matrix[3][1]   0.01110844 
_atom_sites.fract_transf_matrix[3][2]   0.01075966 
_atom_sites.fract_transf_matrix[3][3]   -0.00690610 
_atom_sites.fract_transf_vector[1]      0.226966 
_atom_sites.fract_transf_vector[2]      -0.037773 
_atom_sites.fract_transf_vector[3]      -0.118907 
# 
loop_
_atom_type.symbol 
C 
N 
O 
S 
# 
loop_
_atom_site.group_PDB 
_atom_site.id 
_atom_site.type_symbol 
_atom_site.label_atom_id 
_atom_site.label_alt_id 
_atom_site.label_comp_id 
_atom_site.label_asym_id 
_atom_site.label_entity_id 
_atom_site.label_seq_id 
_atom_site.pdbx_PDB_ins_code 
_atom_site.Cartn_x 
_atom_site.Cartn_y 
_atom_site.Cartn_z 
_atom_site.occupancy 
_atom_site.B_iso_or_equiv 
_atom_site.pdbx_formal_charge 
_atom_site.auth_seq_id 
_atom_site.auth_comp_id 
_atom_site.auth_asym_id 
_atom_site.auth_atom_id 
_atom_site.pdbx_PDB_model_num 
ATOM   1    N N   . SER A 1 1   ? 0.501   22.369  -7.085  1.00 39.72 ? 2   SER A N   1 
ATOM   2    C CA  . SER A 1 1   ? 1.780   21.977  -6.517  1.00 36.19 ? 2   SER A CA  1 
ATOM   3    C C   . SER A 1 1   ? 2.024   20.500  -6.776  1.00 37.98 ? 2   SER A C   1 
ATOM   4    O O   . SER A 1 1   ? 1.138   19.804  -7.265  1.00 41.34 ? 2   SER A O   1 
ATOM   5    C CB  . SER A 1 1   ? 1.811   22.253  -5.021  1.00 36.24 ? 2   SER A CB  1 
ATOM   6    O OG  . SER A 1 1   ? 0.988   21.331  -4.332  1.00 35.41 ? 2   SER A OG  1 
ATOM   7    N N   . TRP A 1 2   ? 3.219   20.017  -6.440  1.00 29.45 ? 3   TRP A N   1 
ATOM   8    C CA  . TRP A 1 2   ? 3.478   18.588  -6.580  1.00 31.69 ? 3   TRP A CA  1 
ATOM   9    C C   . TRP A 1 2   ? 2.574   17.773  -5.658  1.00 31.22 ? 3   TRP A C   1 
ATOM   10   O O   . TRP A 1 2   ? 2.029   16.739  -6.067  1.00 30.06 ? 3   TRP A O   1 
ATOM   11   C CB  . TRP A 1 2   ? 4.953   18.290  -6.312  1.00 28.32 ? 3   TRP A CB  1 
ATOM   12   C CG  . TRP A 1 2   ? 5.230   16.856  -5.999  1.00 27.19 ? 3   TRP A CG  1 
ATOM   13   C CD1 . TRP A 1 2   ? 5.522   16.335  -4.776  1.00 28.30 ? 3   TRP A CD1 1 
ATOM   14   C CD2 . TRP A 1 2   ? 5.238   15.752  -6.916  1.00 23.94 ? 3   TRP A CD2 1 
ATOM   15   N NE1 . TRP A 1 2   ? 5.709   14.981  -4.871  1.00 27.39 ? 3   TRP A NE1 1 
ATOM   16   C CE2 . TRP A 1 2   ? 5.539   14.597  -6.175  1.00 24.10 ? 3   TRP A CE2 1 
ATOM   17   C CE3 . TRP A 1 2   ? 5.016   15.631  -8.288  1.00 26.49 ? 3   TRP A CE3 1 
ATOM   18   C CZ2 . TRP A 1 2   ? 5.629   13.333  -6.757  1.00 21.53 ? 3   TRP A CZ2 1 
ATOM   19   C CZ3 . TRP A 1 2   ? 5.104   14.377  -8.864  1.00 23.03 ? 3   TRP A CZ3 1 
ATOM   20   C CH2 . TRP A 1 2   ? 5.405   13.243  -8.097  1.00 21.52 ? 3   TRP A CH2 1 
ATOM   21   N N   . GLN A 1 3   ? 2.386   18.227  -4.414  1.00 25.74 ? 4   GLN A N   1 
ATOM   22   C CA  . GLN A 1 3   ? 1.620   17.418  -3.474  1.00 25.24 ? 4   GLN A CA  1 
ATOM   23   C C   . GLN A 1 3   ? 0.121   17.459  -3.761  1.00 28.48 ? 4   GLN A C   1 
ATOM   24   O O   . GLN A 1 3   ? -0.564  16.454  -3.543  1.00 26.46 ? 4   GLN A O   1 
ATOM   25   C CB  . GLN A 1 3   ? 1.907   17.847  -2.036  1.00 28.30 ? 4   GLN A CB  1 
ATOM   26   C CG  . GLN A 1 3   ? 1.376   16.856  -0.983  1.00 27.87 ? 4   GLN A CG  1 
ATOM   27   C CD  . GLN A 1 3   ? 1.957   15.453  -1.138  1.00 34.51 ? 4   GLN A CD  1 
ATOM   28   O OE1 . GLN A 1 3   ? 3.155   15.283  -1.384  1.00 33.27 ? 4   GLN A OE1 1 
ATOM   29   N NE2 . GLN A 1 3   ? 1.101   14.439  -1.007  1.00 21.73 ? 4   GLN A NE2 1 
ATOM   30   N N   . THR A 1 4   ? -0.418  18.577  -4.262  1.00 29.56 ? 5   THR A N   1 
ATOM   31   C CA  . THR A 1 4   ? -1.815  18.533  -4.675  1.00 32.26 ? 5   THR A CA  1 
ATOM   32   C C   . THR A 1 4   ? -1.991  17.614  -5.877  1.00 31.64 ? 5   THR A C   1 
ATOM   33   O O   . THR A 1 4   ? -2.939  16.822  -5.914  1.00 35.94 ? 5   THR A O   1 
ATOM   34   C CB  . THR A 1 4   ? -2.366  19.932  -4.974  1.00 36.43 ? 5   THR A CB  1 
ATOM   35   O OG1 . THR A 1 4   ? -1.757  20.465  -6.151  1.00 32.74 ? 5   THR A OG1 1 
ATOM   36   C CG2 . THR A 1 4   ? -2.147  20.872  -3.786  1.00 33.55 ? 5   THR A CG2 1 
ATOM   37   N N   . TYR A 1 5   ? -1.070  17.675  -6.848  1.00 32.73 ? 6   TYR A N   1 
ATOM   38   C CA  . TYR A 1 5   ? -1.121  16.730  -7.961  1.00 31.03 ? 6   TYR A CA  1 
ATOM   39   C C   . TYR A 1 5   ? -1.075  15.290  -7.459  1.00 30.54 ? 6   TYR A C   1 
ATOM   40   O O   . TYR A 1 5   ? -1.818  14.433  -7.947  1.00 31.27 ? 6   TYR A O   1 
ATOM   41   C CB  . TYR A 1 5   ? 0.026   16.991  -8.941  1.00 33.08 ? 6   TYR A CB  1 
ATOM   42   C CG  . TYR A 1 5   ? 0.156   15.921  -10.016 1.00 29.15 ? 6   TYR A CG  1 
ATOM   43   C CD1 . TYR A 1 5   ? -0.601  15.983  -11.183 1.00 35.43 ? 6   TYR A CD1 1 
ATOM   44   C CD2 . TYR A 1 5   ? 1.029   14.850  -9.863  1.00 25.72 ? 6   TYR A CD2 1 
ATOM   45   C CE1 . TYR A 1 5   ? -0.493  15.008  -12.161 1.00 28.70 ? 6   TYR A CE1 1 
ATOM   46   C CE2 . TYR A 1 5   ? 1.141   13.872  -10.835 1.00 30.43 ? 6   TYR A CE2 1 
ATOM   47   C CZ  . TYR A 1 5   ? 0.372   13.958  -11.976 1.00 26.84 ? 6   TYR A CZ  1 
ATOM   48   O OH  . TYR A 1 5   ? 0.486   12.987  -12.944 1.00 40.83 ? 6   TYR A OH  1 
ATOM   49   N N   . VAL A 1 6   ? -0.210  15.005  -6.483  1.00 24.32 ? 7   VAL A N   1 
ATOM   50   C CA  . VAL A 1 6   ? -0.132  13.653  -5.932  1.00 25.31 ? 7   VAL A CA  1 
ATOM   51   C C   . VAL A 1 6   ? -1.438  13.286  -5.244  1.00 28.86 ? 7   VAL A C   1 
ATOM   52   O O   . VAL A 1 6   ? -1.990  12.198  -5.458  1.00 25.65 ? 7   VAL A O   1 
ATOM   53   C CB  . VAL A 1 6   ? 1.074   13.531  -4.979  1.00 25.25 ? 7   VAL A CB  1 
ATOM   54   C CG1 . VAL A 1 6   ? 0.963   12.297  -4.108  1.00 23.22 ? 7   VAL A CG1 1 
ATOM   55   C CG2 . VAL A 1 6   ? 2.360   13.492  -5.777  1.00 22.28 ? 7   VAL A CG2 1 
ATOM   56   N N   . ASP A 1 7   ? -1.963  14.188  -4.413  1.00 26.27 ? 8   ASP A N   1 
ATOM   57   C CA  . ASP A 1 7   ? -3.179  13.854  -3.672  1.00 28.64 ? 8   ASP A CA  1 
ATOM   58   C C   . ASP A 1 7   ? -4.384  13.704  -4.599  1.00 31.05 ? 8   ASP A C   1 
ATOM   59   O O   . ASP A 1 7   ? -5.281  12.895  -4.325  1.00 34.88 ? 8   ASP A O   1 
ATOM   60   C CB  . ASP A 1 7   ? -3.460  14.916  -2.602  1.00 31.50 ? 8   ASP A CB  1 
ATOM   61   C CG  . ASP A 1 7   ? -2.560  14.780  -1.370  1.00 34.56 ? 8   ASP A CG  1 
ATOM   62   O OD1 . ASP A 1 7   ? -2.067  13.667  -1.089  1.00 33.06 ? 8   ASP A OD1 1 
ATOM   63   O OD2 . ASP A 1 7   ? -2.368  15.786  -0.664  1.00 32.15 ? 8   ASP A OD2 1 
ATOM   64   N N   . GLU A 1 8   ? -4.401  14.442  -5.705  1.00 33.50 ? 9   GLU A N   1 
ATOM   65   C CA  . GLU A 1 8   ? -5.533  14.536  -6.620  1.00 38.16 ? 9   GLU A CA  1 
ATOM   66   C C   . GLU A 1 8   ? -5.482  13.487  -7.731  1.00 43.88 ? 9   GLU A C   1 
ATOM   67   O O   . GLU A 1 8   ? -6.481  12.807  -7.994  1.00 43.93 ? 9   GLU A O   1 
ATOM   68   C CB  . GLU A 1 8   ? -5.574  15.951  -7.215  1.00 38.11 ? 9   GLU A CB  1 
ATOM   69   C CG  . GLU A 1 8   ? -6.389  16.126  -8.482  1.00 44.00 ? 9   GLU A CG  1 
ATOM   70   C CD  . GLU A 1 8   ? -7.278  17.361  -8.440  0.00 38.66 ? 9   GLU A CD  1 
ATOM   71   O OE1 . GLU A 1 8   ? -7.431  17.936  -7.344  0.00 38.12 ? 9   GLU A OE1 1 
ATOM   72   O OE2 . GLU A 1 8   ? -7.805  17.742  -9.502  0.00 37.45 ? 9   GLU A OE2 1 
ATOM   73   N N   . HIS A 1 9   ? -4.338  13.355  -8.408  1.00 39.13 ? 10  HIS A N   1 
ATOM   74   C CA  . HIS A 1 9   ? -4.238  12.537  -9.610  1.00 41.40 ? 10  HIS A CA  1 
ATOM   75   C C   . HIS A 1 9   ? -3.708  11.136  -9.376  1.00 44.70 ? 10  HIS A C   1 
ATOM   76   O O   . HIS A 1 9   ? -3.734  10.333  -10.313 1.00 53.98 ? 10  HIS A O   1 
ATOM   77   C CB  . HIS A 1 9   ? -3.344  13.209  -10.645 1.00 33.46 ? 10  HIS A CB  1 
ATOM   78   C CG  . HIS A 1 9   ? -4.048  14.248  -11.443 1.00 38.15 ? 10  HIS A CG  1 
ATOM   79   N ND1 . HIS A 1 9   ? -4.192  15.547  -11.006 1.00 44.86 ? 10  HIS A ND1 1 
ATOM   80   C CD2 . HIS A 1 9   ? -4.675  14.178  -12.639 1.00 41.51 ? 10  HIS A CD2 1 
ATOM   81   C CE1 . HIS A 1 9   ? -4.862  16.239  -11.910 1.00 37.68 ? 10  HIS A CE1 1 
ATOM   82   N NE2 . HIS A 1 9   ? -5.168  15.431  -12.911 1.00 50.60 ? 10  HIS A NE2 1 
ATOM   83   N N   . LEU A 1 10  ? -3.221  10.822  -8.175  1.00 41.09 ? 11  LEU A N   1 
ATOM   84   C CA  . LEU A 1 10  ? -2.570  9.532   -7.970  1.00 46.64 ? 11  LEU A CA  1 
ATOM   85   C C   . LEU A 1 10  ? -3.082  8.797   -6.730  1.00 43.93 ? 11  LEU A C   1 
ATOM   86   O O   . LEU A 1 10  ? -3.515  7.651   -6.838  1.00 46.67 ? 11  LEU A O   1 
ATOM   87   C CB  . LEU A 1 10  ? -1.044  9.711   -7.895  1.00 45.62 ? 11  LEU A CB  1 
ATOM   88   C CG  . LEU A 1 10  ? -0.214  10.137  -9.124  1.00 50.29 ? 11  LEU A CG  1 
ATOM   89   C CD1 . LEU A 1 10  ? 1.265   10.339  -8.758  1.00 39.57 ? 11  LEU A CD1 1 
ATOM   90   C CD2 . LEU A 1 10  ? -0.336  9.148   -10.282 1.00 42.89 ? 11  LEU A CD2 1 
ATOM   91   N N   . MET A 1 11  ? -3.058  9.426   -5.560  1.00 38.69 ? 12  MET A N   1 
ATOM   92   C CA  . MET A 1 11  ? -3.266  8.701   -4.309  1.00 37.26 ? 12  MET A CA  1 
ATOM   93   C C   . MET A 1 11  ? -4.753  8.576   -3.955  1.00 41.97 ? 12  MET A C   1 
ATOM   94   O O   . MET A 1 11  ? -5.585  9.349   -4.438  1.00 43.89 ? 12  MET A O   1 
ATOM   95   C CB  . MET A 1 11  ? -2.519  9.399   -3.178  1.00 34.02 ? 12  MET A CB  1 
ATOM   96   C CG  . MET A 1 11  ? -1.063  9.663   -3.466  1.00 34.86 ? 12  MET A CG  1 
ATOM   97   S SD  . MET A 1 11  ? 0.025   8.227   -3.499  1.00 41.03 ? 12  MET A SD  1 
ATOM   98   C CE  . MET A 1 11  ? 0.206   7.926   -5.243  1.00 37.67 ? 12  MET A CE  1 
ATOM   99   N N   . CYS A 1 12  ? -5.076  7.581   -3.102  1.00 47.94 ? 13  CYS A N   1 
ATOM   100  C CA  . CYS A 1 12  ? -6.461  7.327   -2.673  1.00 46.73 ? 13  CYS A CA  1 
ATOM   101  C C   . CYS A 1 12  ? -7.135  8.659   -2.357  1.00 49.42 ? 13  CYS A C   1 
ATOM   102  O O   . CYS A 1 12  ? -6.586  9.490   -1.627  1.00 50.37 ? 13  CYS A O   1 
ATOM   103  C CB  . CYS A 1 12  ? -6.534  6.360   -1.441  1.00 42.27 ? 13  CYS A CB  1 
ATOM   104  S SG  . CYS A 1 12  ? -6.409  4.455   -1.734  1.00 58.24 ? 13  CYS A SG  1 
ATOM   105  N N   . ASP A 1 13  ? -8.285  8.897   -2.991  1.00 50.84 ? 14  ASP A N   1 
ATOM   106  C CA  . ASP A 1 13  ? -8.928  10.207  -2.940  1.00 53.69 ? 14  ASP A CA  1 
ATOM   107  C C   . ASP A 1 13  ? -10.315 10.125  -2.307  1.00 59.78 ? 14  ASP A C   1 
ATOM   108  O O   . ASP A 1 13  ? -11.310 10.537  -2.914  1.00 66.51 ? 14  ASP A O   1 
ATOM   109  C CB  . ASP A 1 13  ? -9.012  10.802  -4.350  1.00 60.77 ? 14  ASP A CB  1 
ATOM   110  C CG  . ASP A 1 13  ? -9.205  12.311  -4.344  1.00 62.20 ? 14  ASP A CG  1 
ATOM   111  O OD1 . ASP A 1 13  ? -9.260  12.897  -3.243  1.00 70.20 ? 14  ASP A OD1 1 
ATOM   112  O OD2 . ASP A 1 13  ? -9.288  12.913  -5.442  1.00 59.82 ? 14  ASP A OD2 1 
ATOM   113  N N   . ILE A 1 14  ? -10.384 9.610   -1.082  0.00 57.13 ? 15  ILE A N   1 
ATOM   114  C CA  . ILE A 1 14  ? -11.654 9.380   -0.400  1.00 55.10 ? 15  ILE A CA  1 
ATOM   115  C C   . ILE A 1 14  ? -12.191 10.704  0.134   1.00 60.96 ? 15  ILE A C   1 
ATOM   116  O O   . ILE A 1 14  ? -11.424 11.559  0.595   1.00 63.27 ? 15  ILE A O   1 
ATOM   117  C CB  . ILE A 1 14  ? -11.474 8.335   0.720   0.00 54.43 ? 15  ILE A CB  1 
ATOM   118  C CG1 . ILE A 1 14  ? -11.465 6.915   0.139   0.00 51.22 ? 15  ILE A CG1 1 
ATOM   119  C CG2 . ILE A 1 14  ? -12.559 8.460   1.782   0.00 54.20 ? 15  ILE A CG2 1 
ATOM   120  C CD1 . ILE A 1 14  ? -10.179 6.522   -0.567  0.00 50.02 ? 15  ILE A CD1 1 
ATOM   121  N N   . ASP A 1 15  ? -13.520 10.869  0.071   1.00 65.14 ? 16  ASP A N   1 
ATOM   122  C CA  . ASP A 1 15  ? -14.177 12.138  0.375   1.00 59.04 ? 16  ASP A CA  1 
ATOM   123  C C   . ASP A 1 15  ? -13.744 12.698  1.725   1.00 57.99 ? 16  ASP A C   1 
ATOM   124  O O   . ASP A 1 15  ? -13.370 11.964  2.644   1.00 64.79 ? 16  ASP A O   1 
ATOM   125  C CB  . ASP A 1 15  ? -15.695 11.964  0.354   0.00 52.12 ? 16  ASP A CB  1 
ATOM   126  C CG  . ASP A 1 15  ? -16.220 11.677  -1.029  0.00 46.89 ? 16  ASP A CG  1 
ATOM   127  O OD1 . ASP A 1 15  ? -15.614 12.167  -2.005  0.00 46.69 ? 16  ASP A OD1 1 
ATOM   128  O OD2 . ASP A 1 15  ? -17.231 10.957  -1.141  0.00 43.34 ? 16  ASP A OD2 1 
ATOM   129  N N   . GLY A 1 16  ? -13.843 14.018  1.845   0.00 51.31 ? 17  GLY A N   1 
ATOM   130  C CA  . GLY A 1 16  ? -13.168 14.761  2.894   0.00 48.74 ? 17  GLY A CA  1 
ATOM   131  C C   . GLY A 1 16  ? -12.976 16.245  2.601   0.00 42.67 ? 17  GLY A C   1 
ATOM   132  O O   . GLY A 1 16  ? -13.366 17.073  3.417   0.00 37.45 ? 17  GLY A O   1 
ATOM   133  N N   . GLN A 1 17  ? -12.354 16.596  1.474   0.00 43.78 ? 18  GLN A N   1 
ATOM   134  C CA  . GLN A 1 17  ? -11.745 15.633  0.562   0.00 47.47 ? 18  GLN A CA  1 
ATOM   135  C C   . GLN A 1 17  ? -10.309 15.359  0.977   0.00 49.67 ? 18  GLN A C   1 
ATOM   136  O O   . GLN A 1 17  ? -9.519  16.276  1.204   0.00 47.43 ? 18  GLN A O   1 
ATOM   137  C CB  . GLN A 1 17  ? -11.821 16.111  -0.894  0.00 45.57 ? 18  GLN A CB  1 
ATOM   138  C CG  . GLN A 1 17  ? -11.131 17.431  -1.198  0.00 40.28 ? 18  GLN A CG  1 
ATOM   139  C CD  . GLN A 1 17  ? -11.960 18.635  -0.797  0.00 35.68 ? 18  GLN A CD  1 
ATOM   140  O OE1 . GLN A 1 17  ? -13.028 18.499  -0.199  0.00 35.73 ? 18  GLN A OE1 1 
ATOM   141  N NE2 . GLN A 1 17  ? -11.475 19.824  -1.133  0.00 31.44 ? 18  GLN A NE2 1 
ATOM   142  N N   . GLY A 1 18  ? -9.986  14.075  1.088   1.00 55.27 ? 19  GLY A N   1 
ATOM   143  C CA  . GLY A 1 18  ? -8.701  13.669  1.614   1.00 62.57 ? 19  GLY A CA  1 
ATOM   144  C C   . GLY A 1 18  ? -8.730  13.481  3.117   1.00 61.36 ? 19  GLY A C   1 
ATOM   145  O O   . GLY A 1 18  ? -7.772  13.829  3.816   1.00 70.81 ? 19  GLY A O   1 
ATOM   146  N N   . GLN A 1 19  ? -9.831  12.939  3.628   0.00 55.77 ? 20  GLN A N   1 
ATOM   147  C CA  . GLN A 1 19  ? -9.920  12.667  5.053   0.00 54.28 ? 20  GLN A CA  1 
ATOM   148  C C   . GLN A 1 19  ? -8.857  11.649  5.452   0.00 52.24 ? 20  GLN A C   1 
ATOM   149  O O   . GLN A 1 19  ? -8.469  10.780  4.666   0.00 50.20 ? 20  GLN A O   1 
ATOM   150  C CB  . GLN A 1 19  ? -11.318 12.164  5.416   0.00 53.44 ? 20  GLN A CB  1 
ATOM   151  C CG  . GLN A 1 19  ? -11.627 12.223  6.901   0.00 51.20 ? 20  GLN A CG  1 
ATOM   152  C CD  . GLN A 1 19  ? -13.106 12.072  7.198   0.00 49.96 ? 20  GLN A CD  1 
ATOM   153  O OE1 . GLN A 1 19  ? -13.945 12.186  6.305   0.00 50.31 ? 20  GLN A OE1 1 
ATOM   154  N NE2 . GLN A 1 19  ? -13.433 11.809  8.458   0.00 48.34 ? 20  GLN A NE2 1 
ATOM   155  N N   . GLN A 1 20  ? -8.389  11.763  6.693   0.00 51.55 ? 21  GLN A N   1 
ATOM   156  C CA  . GLN A 1 20  ? -7.189  11.067  7.141   1.00 48.17 ? 21  GLN A CA  1 
ATOM   157  C C   . GLN A 1 20  ? -7.336  9.547   7.182   1.00 48.41 ? 21  GLN A C   1 
ATOM   158  O O   . GLN A 1 20  ? -6.376  8.843   7.509   1.00 58.33 ? 21  GLN A O   1 
ATOM   159  C CB  . GLN A 1 20  ? -6.777  11.572  8.527   0.00 49.98 ? 21  GLN A CB  1 
ATOM   160  C CG  . GLN A 1 20  ? -7.797  11.316  9.640   0.00 49.71 ? 21  GLN A CG  1 
ATOM   161  C CD  . GLN A 1 20  ? -9.007  12.232  9.573   0.00 49.98 ? 21  GLN A CD  1 
ATOM   162  O OE1 . GLN A 1 20  ? -8.993  13.248  8.878   0.00 50.03 ? 21  GLN A OE1 1 
ATOM   163  N NE2 . GLN A 1 20  ? -10.065 11.869  10.291  0.00 49.17 ? 21  GLN A NE2 1 
ATOM   164  N N   . LEU A 1 21  ? -8.516  9.019   6.844   1.00 52.64 ? 22  LEU A N   1 
ATOM   165  C CA  . LEU A 1 21  ? -8.792  7.598   7.049   1.00 44.17 ? 22  LEU A CA  1 
ATOM   166  C C   . LEU A 1 21  ? -8.191  6.682   5.985   1.00 43.96 ? 22  LEU A C   1 
ATOM   167  O O   . LEU A 1 21  ? -8.117  5.471   6.222   1.00 40.72 ? 22  LEU A O   1 
ATOM   168  C CB  . LEU A 1 21  ? -10.304 7.347   7.108   1.00 45.15 ? 22  LEU A CB  1 
ATOM   169  C CG  . LEU A 1 21  ? -11.053 7.658   8.404   0.00 44.36 ? 22  LEU A CG  1 
ATOM   170  C CD1 . LEU A 1 21  ? -10.285 7.137   9.605   0.00 43.39 ? 22  LEU A CD1 1 
ATOM   171  C CD2 . LEU A 1 21  ? -11.321 9.141   8.550   0.00 47.16 ? 22  LEU A CD2 1 
ATOM   172  N N   . ALA A 1 22  ? -7.805  7.204   4.821   1.00 34.02 ? 23  ALA A N   1 
ATOM   173  C CA  . ALA A 1 22  ? -7.259  6.401   3.733   1.00 27.33 ? 23  ALA A CA  1 
ATOM   174  C C   . ALA A 1 22  ? -5.977  7.051   3.251   1.00 29.79 ? 23  ALA A C   1 
ATOM   175  O O   . ALA A 1 22  ? -5.908  8.272   3.145   1.00 32.38 ? 23  ALA A O   1 
ATOM   176  C CB  . ALA A 1 22  ? -8.237  6.283   2.567   1.00 32.29 ? 23  ALA A CB  1 
ATOM   177  N N   . ALA A 1 23  ? -4.965  6.238   2.958   1.00 24.39 ? 24  ALA A N   1 
ATOM   178  C CA  . ALA A 1 23  ? -3.682  6.780   2.522   1.00 24.55 ? 24  ALA A CA  1 
ATOM   179  C C   . ALA A 1 23  ? -3.022  5.808   1.557   1.00 23.12 ? 24  ALA A C   1 
ATOM   180  O O   . ALA A 1 23  ? -3.244  4.598   1.629   1.00 22.91 ? 24  ALA A O   1 
ATOM   181  C CB  . ALA A 1 23  ? -2.748  7.043   3.710   1.00 26.59 ? 24  ALA A CB  1 
ATOM   182  N N   . SER A 1 24  ? -2.181  6.338   0.671   1.00 20.79 ? 25  SER A N   1 
ATOM   183  C CA  . SER A 1 24  ? -1.531  5.473   -0.299  1.00 17.16 ? 25  SER A CA  1 
ATOM   184  C C   . SER A 1 24  ? -0.155  6.026   -0.627  1.00 19.73 ? 25  SER A C   1 
ATOM   185  O O   . SER A 1 24  ? 0.165   7.179   -0.331  1.00 19.30 ? 25  SER A O   1 
ATOM   186  C CB  . SER A 1 24  ? -2.375  5.319   -1.568  1.00 25.79 ? 25  SER A CB  1 
ATOM   187  O OG  . SER A 1 24  ? -2.668  6.578   -2.121  1.00 29.22 ? 25  SER A OG  1 
ATOM   188  N N   . ALA A 1 25  ? 0.658   5.185   -1.257  1.00 17.33 ? 26  ALA A N   1 
ATOM   189  C CA  . ALA A 1 25  ? 2.022   5.585   -1.571  1.00 15.82 ? 26  ALA A CA  1 
ATOM   190  C C   . ALA A 1 25  ? 2.547   4.727   -2.709  1.00 15.90 ? 26  ALA A C   1 
ATOM   191  O O   . ALA A 1 25  ? 2.104   3.594   -2.916  1.00 17.02 ? 26  ALA A O   1 
ATOM   192  C CB  . ALA A 1 25  ? 2.952   5.458   -0.354  1.00 16.15 ? 26  ALA A CB  1 
ATOM   193  N N   . ILE A 1 26  ? 3.519   5.282   -3.423  1.00 14.84 ? 27  ILE A N   1 
ATOM   194  C CA  . ILE A 1 26  ? 4.326   4.551   -4.393  1.00 14.70 ? 27  ILE A CA  1 
ATOM   195  C C   . ILE A 1 26  ? 5.751   4.539   -3.863  1.00 17.47 ? 27  ILE A C   1 
ATOM   196  O O   . ILE A 1 26  ? 6.351   5.604   -3.693  1.00 17.61 ? 27  ILE A O   1 
ATOM   197  C CB  . ILE A 1 26  ? 4.292   5.207   -5.779  1.00 13.91 ? 27  ILE A CB  1 
ATOM   198  C CG1 . ILE A 1 26  ? 2.871   5.187   -6.353  1.00 17.88 ? 27  ILE A CG1 1 
ATOM   199  C CG2 . ILE A 1 26  ? 5.266   4.506   -6.699  1.00 17.95 ? 27  ILE A CG2 1 
ATOM   200  C CD1 . ILE A 1 26  ? 2.799   5.967   -7.672  1.00 22.18 ? 27  ILE A CD1 1 
ATOM   201  N N   . VAL A 1 27  ? 6.295   3.347   -3.622  1.00 14.59 ? 28  VAL A N   1 
ATOM   202  C CA  . VAL A 1 27  ? 7.580   3.173   -2.949  1.00 13.69 ? 28  VAL A CA  1 
ATOM   203  C C   . VAL A 1 27  ? 8.462   2.294   -3.824  1.00 15.04 ? 28  VAL A C   1 
ATOM   204  O O   . VAL A 1 27  ? 8.040   1.215   -4.246  1.00 20.07 ? 28  VAL A O   1 
ATOM   205  C CB  . VAL A 1 27  ? 7.385   2.536   -1.561  1.00 17.31 ? 28  VAL A CB  1 
ATOM   206  C CG1 . VAL A 1 27  ? 8.732   2.135   -0.935  1.00 21.18 ? 28  VAL A CG1 1 
ATOM   207  C CG2 . VAL A 1 27  ? 6.615   3.466   -0.656  1.00 18.58 ? 28  VAL A CG2 1 
ATOM   208  N N   . GLY A 1 28  ? 9.679   2.748   -4.110  1.00 16.42 ? 29  GLY A N   1 
ATOM   209  C CA  . GLY A 1 28  ? 10.579  1.924   -4.892  1.00 18.76 ? 29  GLY A CA  1 
ATOM   210  C C   . GLY A 1 28  ? 10.895  0.610   -4.201  1.00 23.00 ? 29  GLY A C   1 
ATOM   211  O O   . GLY A 1 28  ? 10.802  0.477   -2.975  1.00 20.95 ? 29  GLY A O   1 
ATOM   212  N N   . HIS A 1 29  ? 11.269  -0.393  -5.008  1.00 21.52 ? 30  HIS A N   1 
ATOM   213  C CA  . HIS A 1 29  ? 11.730  -1.654  -4.427  1.00 23.09 ? 30  HIS A CA  1 
ATOM   214  C C   . HIS A 1 29  ? 12.849  -1.419  -3.419  1.00 25.35 ? 30  HIS A C   1 
ATOM   215  O O   . HIS A 1 29  ? 13.034  -2.220  -2.492  1.00 25.25 ? 30  HIS A O   1 
ATOM   216  C CB  . HIS A 1 29  ? 12.223  -2.609  -5.515  1.00 26.15 ? 30  HIS A CB  1 
ATOM   217  C CG  . HIS A 1 29  ? 11.140  -3.230  -6.340  1.00 23.34 ? 30  HIS A CG  1 
ATOM   218  N ND1 . HIS A 1 29  ? 9.801   -2.964  -6.157  1.00 23.28 ? 30  HIS A ND1 1 
ATOM   219  C CD2 . HIS A 1 29  ? 11.208  -4.103  -7.372  1.00 23.19 ? 30  HIS A CD2 1 
ATOM   220  C CE1 . HIS A 1 29  ? 9.091   -3.646  -7.039  1.00 21.75 ? 30  HIS A CE1 1 
ATOM   221  N NE2 . HIS A 1 29  ? 9.922   -4.350  -7.784  1.00 25.58 ? 30  HIS A NE2 1 
ATOM   222  N N   . ASP A 1 30  ? 13.596  -0.328  -3.575  1.00 25.96 ? 31  ASP A N   1 
ATOM   223  C CA  . ASP A 1 30  ? 14.705  -0.006  -2.689  1.00 26.53 ? 31  ASP A CA  1 
ATOM   224  C C   . ASP A 1 30  ? 14.290  0.780   -1.450  1.00 26.80 ? 31  ASP A C   1 
ATOM   225  O O   . ASP A 1 30  ? 15.160  1.144   -0.652  1.00 28.10 ? 31  ASP A O   1 
ATOM   226  C CB  . ASP A 1 30  ? 15.789  0.768   -3.463  1.00 28.99 ? 31  ASP A CB  1 
ATOM   227  C CG  . ASP A 1 30  ? 15.287  2.099   -4.031  1.00 35.11 ? 31  ASP A CG  1 
ATOM   228  O OD1 . ASP A 1 30  ? 14.091  2.432   -3.854  1.00 27.92 ? 31  ASP A OD1 1 
ATOM   229  O OD2 . ASP A 1 30  ? 16.094  2.813   -4.675  1.00 33.29 ? 31  ASP A OD2 1 
ATOM   230  N N   . GLY A 1 31  ? 12.998  1.051   -1.261  1.00 20.12 ? 32  GLY A N   1 
ATOM   231  C CA  . GLY A 1 31  ? 12.529  1.756   -0.084  1.00 22.52 ? 32  GLY A CA  1 
ATOM   232  C C   . GLY A 1 31  ? 12.393  3.261   -0.217  1.00 20.74 ? 32  GLY A C   1 
ATOM   233  O O   . GLY A 1 31  ? 11.933  3.910   0.733   1.00 23.26 ? 32  GLY A O   1 
ATOM   234  N N   . SER A 1 32  ? 12.778  3.842   -1.349  1.00 23.08 ? 33  SER A N   1 
ATOM   235  C CA  . SER A 1 32  ? 12.622  5.277   -1.551  1.00 24.92 ? 33  SER A CA  1 
ATOM   236  C C   . SER A 1 32  ? 11.169  5.612   -1.860  1.00 22.17 ? 33  SER A C   1 
ATOM   237  O O   . SER A 1 32  ? 10.470  4.846   -2.528  1.00 20.64 ? 33  SER A O   1 
ATOM   238  C CB  . SER A 1 32  ? 13.518  5.760   -2.686  1.00 25.10 ? 33  SER A CB  1 
ATOM   239  O OG  . SER A 1 32  ? 13.135  5.145   -3.905  1.00 29.76 ? 33  SER A OG  1 
ATOM   240  N N   . VAL A 1 33  ? 10.718  6.759   -1.364  1.00 22.02 ? 34  VAL A N   1 
ATOM   241  C CA  . VAL A 1 33  ? 9.348   7.211   -1.605  1.00 16.08 ? 34  VAL A CA  1 
ATOM   242  C C   . VAL A 1 33  ? 9.283   7.941   -2.942  1.00 20.13 ? 34  VAL A C   1 
ATOM   243  O O   . VAL A 1 33  ? 9.955   8.958   -3.140  1.00 21.52 ? 34  VAL A O   1 
ATOM   244  C CB  . VAL A 1 33  ? 8.863   8.118   -0.472  1.00 24.33 ? 34  VAL A CB  1 
ATOM   245  C CG1 . VAL A 1 33  ? 7.627   8.885   -0.915  1.00 26.91 ? 34  VAL A CG1 1 
ATOM   246  C CG2 . VAL A 1 33  ? 8.581   7.288   0.759   1.00 26.37 ? 34  VAL A CG2 1 
ATOM   247  N N   . TRP A 1 34  ? 8.461   7.436   -3.861  1.00 16.56 ? 35  TRP A N   1 
ATOM   248  C CA  . TRP A 1 34  ? 8.284   8.153   -5.120  1.00 13.65 ? 35  TRP A CA  1 
ATOM   249  C C   . TRP A 1 34  ? 7.152   9.164   -5.022  1.00 18.36 ? 35  TRP A C   1 
ATOM   250  O O   . TRP A 1 34  ? 7.213   10.233  -5.631  1.00 17.58 ? 35  TRP A O   1 
ATOM   251  C CB  . TRP A 1 34  ? 7.991   7.182   -6.261  1.00 17.01 ? 35  TRP A CB  1 
ATOM   252  C CG  . TRP A 1 34  ? 9.082   6.197   -6.612  1.00 15.36 ? 35  TRP A CG  1 
ATOM   253  C CD1 . TRP A 1 34  ? 10.220  5.923   -5.902  1.00 16.94 ? 35  TRP A CD1 1 
ATOM   254  C CD2 . TRP A 1 34  ? 9.129   5.367   -7.780  1.00 15.26 ? 35  TRP A CD2 1 
ATOM   255  N NE1 . TRP A 1 34  ? 10.963  4.966   -6.554  1.00 17.42 ? 35  TRP A NE1 1 
ATOM   256  C CE2 . TRP A 1 34  ? 10.317  4.611   -7.709  1.00 16.70 ? 35  TRP A CE2 1 
ATOM   257  C CE3 . TRP A 1 34  ? 8.282   5.191   -8.878  1.00 17.58 ? 35  TRP A CE3 1 
ATOM   258  C CZ2 . TRP A 1 34  ? 10.684  3.698   -8.698  1.00 18.89 ? 35  TRP A CZ2 1 
ATOM   259  C CZ3 . TRP A 1 34  ? 8.656   4.284   -9.868  1.00 17.40 ? 35  TRP A CZ3 1 
ATOM   260  C CH2 . TRP A 1 34  ? 9.838   3.544   -9.763  1.00 16.46 ? 35  TRP A CH2 1 
ATOM   261  N N   . ALA A 1 35  ? 6.115   8.840   -4.260  1.00 18.57 ? 36  ALA A N   1 
ATOM   262  C CA  . ALA A 1 35  ? 4.965   9.709   -4.080  1.00 13.89 ? 36  ALA A CA  1 
ATOM   263  C C   . ALA A 1 35  ? 4.190   9.151   -2.895  1.00 17.82 ? 36  ALA A C   1 
ATOM   264  O O   . ALA A 1 35  ? 4.101   7.936   -2.747  1.00 20.13 ? 36  ALA A O   1 
ATOM   265  C CB  . ALA A 1 35  ? 4.074   9.732   -5.327  1.00 19.68 ? 36  ALA A CB  1 
ATOM   266  N N   . GLN A 1 36  ? 3.656   10.022  -2.044  1.00 16.35 ? 37  GLN A N   1 
ATOM   267  C CA  . GLN A 1 36  ? 2.785   9.500   -0.999  1.00 18.97 ? 37  GLN A CA  1 
ATOM   268  C C   . GLN A 1 36  ? 1.704   10.512  -0.670  1.00 22.70 ? 37  GLN A C   1 
ATOM   269  O O   . GLN A 1 36  ? 1.893   11.723  -0.839  1.00 21.66 ? 37  GLN A O   1 
ATOM   270  C CB  . GLN A 1 36  ? 3.564   9.142   0.265   1.00 21.95 ? 37  GLN A CB  1 
ATOM   271  C CG  . GLN A 1 36  ? 4.381   10.292  0.815   1.00 24.57 ? 37  GLN A CG  1 
ATOM   272  C CD  . GLN A 1 36  ? 5.308   9.862   1.934   1.00 36.48 ? 37  GLN A CD  1 
ATOM   273  O OE1 . GLN A 1 36  ? 5.345   8.695   2.312   1.00 36.17 ? 37  GLN A OE1 1 
ATOM   274  N NE2 . GLN A 1 36  ? 6.082   10.802  2.451   1.00 41.03 ? 37  GLN A NE2 1 
ATOM   275  N N   A SER A 1 37  ? 0.572   9.990   -0.186  0.42 21.52 ? 38  SER A N   1 
ATOM   276  N N   B SER A 1 37  ? 0.560   10.012  -0.213  0.58 21.49 ? 38  SER A N   1 
ATOM   277  C CA  A SER A 1 37  ? -0.500  10.816  0.352   0.42 22.09 ? 38  SER A CA  1 
ATOM   278  C CA  B SER A 1 37  ? -0.500  10.910  0.215   0.58 21.86 ? 38  SER A CA  1 
ATOM   279  C C   A SER A 1 37  ? 0.026   11.703  1.467   0.42 23.57 ? 38  SER A C   1 
ATOM   280  C C   B SER A 1 37  ? -0.068  11.649  1.476   0.58 23.46 ? 38  SER A C   1 
ATOM   281  O O   A SER A 1 37  ? 0.990   11.362  2.159   0.42 25.21 ? 38  SER A O   1 
ATOM   282  O O   B SER A 1 37  ? 0.755   11.163  2.256   0.58 24.29 ? 38  SER A O   1 
ATOM   283  C CB  A SER A 1 37  ? -1.639  9.951   0.918   0.42 23.87 ? 38  SER A CB  1 
ATOM   284  C CB  B SER A 1 37  ? -1.802  10.142  0.468   0.58 24.52 ? 38  SER A CB  1 
ATOM   285  O OG  A SER A 1 37  ? -2.135  9.017   -0.016  0.42 25.74 ? 38  SER A OG  1 
ATOM   286  O OG  B SER A 1 37  ? -1.653  9.270   1.564   0.58 25.22 ? 38  SER A OG  1 
ATOM   287  N N   . SER A 1 38  ? -0.638  12.844  1.665   1.00 27.70 ? 39  SER A N   1 
ATOM   288  C CA  . SER A 1 38  ? -0.239  13.712  2.768   1.00 31.67 ? 39  SER A CA  1 
ATOM   289  C C   . SER A 1 38  ? -0.374  13.018  4.120   1.00 32.11 ? 39  SER A C   1 
ATOM   290  O O   . SER A 1 38  ? 0.360   13.340  5.060   1.00 40.96 ? 39  SER A O   1 
ATOM   291  C CB  . SER A 1 38  ? -1.055  15.005  2.735   1.00 33.56 ? 39  SER A CB  1 
ATOM   292  O OG  . SER A 1 38  ? -0.883  15.689  1.500   1.00 31.93 ? 39  SER A OG  1 
ATOM   293  N N   . SER A 1 39  ? -1.268  12.042  4.232   1.00 35.46 ? 40  SER A N   1 
ATOM   294  C CA  . SER A 1 39  ? -1.485  11.333  5.485   1.00 37.43 ? 40  SER A CA  1 
ATOM   295  C C   . SER A 1 39  ? -0.711  10.025  5.596   1.00 36.09 ? 40  SER A C   1 
ATOM   296  O O   . SER A 1 39  ? -0.839  9.339   6.613   1.00 35.97 ? 40  SER A O   1 
ATOM   297  C CB  . SER A 1 39  ? -2.978  11.054  5.669   1.00 44.40 ? 40  SER A CB  1 
ATOM   298  O OG  . SER A 1 39  ? -3.498  10.325  4.562   1.00 43.09 ? 40  SER A OG  1 
ATOM   299  N N   . PHE A 1 40  ? 0.084   9.654   4.591   1.00 30.06 ? 41  PHE A N   1 
ATOM   300  C CA  . PHE A 1 40  ? 0.712   8.337   4.599   1.00 29.47 ? 41  PHE A CA  1 
ATOM   301  C C   . PHE A 1 40  ? 1.785   8.254   5.686   1.00 25.52 ? 41  PHE A C   1 
ATOM   302  O O   . PHE A 1 40  ? 2.542   9.209   5.888   1.00 26.97 ? 41  PHE A O   1 
ATOM   303  C CB  . PHE A 1 40  ? 1.331   8.011   3.232   1.00 23.25 ? 41  PHE A CB  1 
ATOM   304  C CG  . PHE A 1 40  ? 1.650   6.554   3.059   1.00 23.00 ? 41  PHE A CG  1 
ATOM   305  C CD1 . PHE A 1 40  ? 0.653   5.658   2.684   1.00 20.04 ? 41  PHE A CD1 1 
ATOM   306  C CD2 . PHE A 1 40  ? 2.927   6.069   3.305   1.00 23.74 ? 41  PHE A CD2 1 
ATOM   307  C CE1 . PHE A 1 40  ? 0.924   4.301   2.562   1.00 23.70 ? 41  PHE A CE1 1 
ATOM   308  C CE2 . PHE A 1 40  ? 3.216   4.716   3.175   1.00 25.33 ? 41  PHE A CE2 1 
ATOM   309  C CZ  . PHE A 1 40  ? 2.213   3.828   2.801   1.00 20.99 ? 41  PHE A CZ  1 
ATOM   310  N N   . PRO A 1 41  ? 1.902   7.122   6.380   1.00 27.73 ? 42  PRO A N   1 
ATOM   311  C CA  . PRO A 1 41  ? 2.857   7.038   7.494   1.00 31.69 ? 42  PRO A CA  1 
ATOM   312  C C   . PRO A 1 41  ? 4.310   6.972   7.047   1.00 27.59 ? 42  PRO A C   1 
ATOM   313  O O   . PRO A 1 41  ? 4.640   6.467   5.970   1.00 27.84 ? 42  PRO A O   1 
ATOM   314  C CB  . PRO A 1 41  ? 2.454   5.742   8.207   1.00 32.32 ? 42  PRO A CB  1 
ATOM   315  C CG  . PRO A 1 41  ? 1.796   4.921   7.143   1.00 30.03 ? 42  PRO A CG  1 
ATOM   316  C CD  . PRO A 1 41  ? 1.044   5.924   6.308   1.00 24.43 ? 42  PRO A CD  1 
ATOM   317  N N   . GLN A 1 42  ? 5.192   7.479   7.906   1.00 28.90 ? 43  GLN A N   1 
ATOM   318  C CA  . GLN A 1 42  ? 6.601   7.150   7.767   1.00 28.59 ? 43  GLN A CA  1 
ATOM   319  C C   . GLN A 1 42  ? 6.786   5.674   8.073   1.00 30.75 ? 43  GLN A C   1 
ATOM   320  O O   . GLN A 1 42  ? 6.079   5.116   8.912   1.00 30.24 ? 43  GLN A O   1 
ATOM   321  C CB  . GLN A 1 42  ? 7.452   8.003   8.699   1.00 36.25 ? 43  GLN A CB  1 
ATOM   322  C CG  . GLN A 1 42  ? 6.988   9.457   8.769   1.00 34.44 ? 43  GLN A CG  1 
ATOM   323  C CD  . GLN A 1 42  ? 8.060   10.435  8.355   0.00 41.30 ? 43  GLN A CD  1 
ATOM   324  O OE1 . GLN A 1 42  ? 8.767   10.217  7.375   0.00 43.93 ? 43  GLN A OE1 1 
ATOM   325  N NE2 . GLN A 1 42  ? 8.203   11.511  9.113   0.00 43.02 ? 43  GLN A NE2 1 
ATOM   326  N N   . PHE A 1 43  ? 7.702   5.030   7.354   1.00 27.43 ? 44  PHE A N   1 
ATOM   327  C CA  . PHE A 1 43  ? 7.931   3.599   7.481   1.00 26.71 ? 44  PHE A CA  1 
ATOM   328  C C   . PHE A 1 43  ? 9.426   3.334   7.569   1.00 28.60 ? 44  PHE A C   1 
ATOM   329  O O   . PHE A 1 43  ? 10.252  4.189   7.247   1.00 31.27 ? 44  PHE A O   1 
ATOM   330  C CB  . PHE A 1 43  ? 7.314   2.803   6.309   1.00 26.37 ? 44  PHE A CB  1 
ATOM   331  C CG  . PHE A 1 43  ? 7.860   3.182   4.952   1.00 26.88 ? 44  PHE A CG  1 
ATOM   332  C CD1 . PHE A 1 43  ? 9.021   2.605   4.462   1.00 22.73 ? 44  PHE A CD1 1 
ATOM   333  C CD2 . PHE A 1 43  ? 7.205   4.113   4.170   1.00 30.28 ? 44  PHE A CD2 1 
ATOM   334  C CE1 . PHE A 1 43  ? 9.518   2.961   3.226   1.00 24.32 ? 44  PHE A CE1 1 
ATOM   335  C CE2 . PHE A 1 43  ? 7.694   4.462   2.935   1.00 23.99 ? 44  PHE A CE2 1 
ATOM   336  C CZ  . PHE A 1 43  ? 8.855   3.890   2.464   1.00 25.90 ? 44  PHE A CZ  1 
ATOM   337  N N   . LYS A 1 44  ? 9.762   2.146   7.999   1.00 26.77 ? 45  LYS A N   1 
ATOM   338  C CA  . LYS A 1 44  ? 11.166  1.831   8.180   1.00 23.87 ? 45  LYS A CA  1 
ATOM   339  C C   . LYS A 1 44  ? 11.699  1.037   6.997   1.00 29.52 ? 45  LYS A C   1 
ATOM   340  O O   . LYS A 1 44  ? 10.961  0.264   6.382   1.00 28.04 ? 45  LYS A O   1 
ATOM   341  C CB  . LYS A 1 44  ? 11.381  1.014   9.456   1.00 33.32 ? 45  LYS A CB  1 
ATOM   342  C CG  . LYS A 1 44  ? 10.545  1.432   10.661  1.00 36.12 ? 45  LYS A CG  1 
ATOM   343  C CD  . LYS A 1 44  ? 10.522  0.302   11.692  1.00 42.81 ? 45  LYS A CD  1 
ATOM   344  C CE  . LYS A 1 44  ? 9.972   0.746   13.034  1.00 45.15 ? 45  LYS A CE  1 
ATOM   345  N NZ  . LYS A 1 44  ? 10.053  -0.373  14.007  1.00 53.09 ? 45  LYS A NZ  1 
ATOM   346  N N   . PRO A 1 45  ? 12.985  1.211   6.684   1.00 26.14 ? 46  PRO A N   1 
ATOM   347  C CA  . PRO A 1 45  ? 13.602  0.457   5.577   1.00 26.65 ? 46  PRO A CA  1 
ATOM   348  C C   . PRO A 1 45  ? 13.428  -1.053  5.635   1.00 27.17 ? 46  PRO A C   1 
ATOM   349  O O   . PRO A 1 45  ? 13.194  -1.680  4.592   1.00 28.44 ? 46  PRO A O   1 
ATOM   350  C CB  . PRO A 1 45  ? 15.080  0.850   5.699   1.00 31.42 ? 46  PRO A CB  1 
ATOM   351  C CG  . PRO A 1 45  ? 15.030  2.225   6.226   1.00 31.09 ? 46  PRO A CG  1 
ATOM   352  C CD  . PRO A 1 45  ? 13.882  2.270   7.189   1.00 29.86 ? 46  PRO A CD  1 
ATOM   353  N N   . GLN A 1 46  ? 13.554  -1.666  6.812   1.00 26.21 ? 47  GLN A N   1 
ATOM   354  C CA  . GLN A 1 46  ? 13.466  -3.120  6.890   1.00 25.84 ? 47  GLN A CA  1 
ATOM   355  C C   . GLN A 1 46  ? 12.034  -3.618  6.787   1.00 21.67 ? 47  GLN A C   1 
ATOM   356  O O   . GLN A 1 46  ? 11.818  -4.807  6.539   1.00 28.62 ? 47  GLN A O   1 
ATOM   357  C CB  . GLN A 1 46  ? 14.088  -3.629  8.189   1.00 39.18 ? 47  GLN A CB  1 
ATOM   358  C CG  . GLN A 1 46  ? 15.536  -3.207  8.406   1.00 39.68 ? 47  GLN A CG  1 
ATOM   359  C CD  . GLN A 1 46  ? 16.098  -3.731  9.723   1.00 51.10 ? 47  GLN A CD  1 
ATOM   360  O OE1 . GLN A 1 46  ? 15.553  -4.669  10.320  1.00 53.15 ? 47  GLN A OE1 1 
ATOM   361  N NE2 . GLN A 1 46  ? 17.188  -3.122  10.183  1.00 51.55 ? 47  GLN A NE2 1 
ATOM   362  N N   . GLU A 1 47  ? 11.056  -2.738  6.968   1.00 19.91 ? 48  GLU A N   1 
ATOM   363  C CA  . GLU A 1 47  ? 9.684   -3.134  6.676   1.00 22.44 ? 48  GLU A CA  1 
ATOM   364  C C   . GLU A 1 47  ? 9.503   -3.360  5.182   1.00 21.11 ? 48  GLU A C   1 
ATOM   365  O O   . GLU A 1 47  ? 8.814   -4.295  4.765   1.00 20.34 ? 48  GLU A O   1 
ATOM   366  C CB  . GLU A 1 47  ? 8.725   -2.078  7.212   1.00 22.64 ? 48  GLU A CB  1 
ATOM   367  C CG  . GLU A 1 47  ? 8.757   -1.964  8.730   1.00 24.35 ? 48  GLU A CG  1 
ATOM   368  C CD  . GLU A 1 47  ? 7.825   -0.899  9.246   1.00 28.49 ? 48  GLU A CD  1 
ATOM   369  O OE1 . GLU A 1 47  ? 7.651   0.124   8.550   1.00 30.12 ? 48  GLU A OE1 1 
ATOM   370  O OE2 . GLU A 1 47  ? 7.263   -1.083  10.346  1.00 27.29 ? 48  GLU A OE2 1 
ATOM   371  N N   . ILE A 1 48  ? 10.156  -2.540  4.355   1.00 22.30 ? 49  ILE A N   1 
ATOM   372  C CA  . ILE A 1 48  ? 10.117  -2.778  2.916   1.00 20.68 ? 49  ILE A CA  1 
ATOM   373  C C   . ILE A 1 48  ? 10.859  -4.060  2.561   1.00 19.58 ? 49  ILE A C   1 
ATOM   374  O O   . ILE A 1 48  ? 10.440  -4.808  1.675   1.00 20.13 ? 49  ILE A O   1 
ATOM   375  C CB  . ILE A 1 48  ? 10.692  -1.569  2.160   1.00 20.78 ? 49  ILE A CB  1 
ATOM   376  C CG1 . ILE A 1 48  ? 9.938   -0.301  2.538   1.00 18.31 ? 49  ILE A CG1 1 
ATOM   377  C CG2 . ILE A 1 48  ? 10.647  -1.813  0.656   1.00 23.08 ? 49  ILE A CG2 1 
ATOM   378  C CD1 . ILE A 1 48  ? 8.438   -0.379  2.306   1.00 24.92 ? 49  ILE A CD1 1 
ATOM   379  N N   . THR A 1 49  ? 12.001  -4.309  3.206   1.00 21.98 ? 50  THR A N   1 
ATOM   380  C CA  . THR A 1 49  ? 12.748  -5.527  2.926   1.00 20.36 ? 50  THR A CA  1 
ATOM   381  C C   . THR A 1 49  ? 11.904  -6.766  3.198   1.00 19.82 ? 50  THR A C   1 
ATOM   382  O O   . THR A 1 49  ? 11.893  -7.713  2.403   1.00 21.93 ? 50  THR A O   1 
ATOM   383  C CB  . THR A 1 49  ? 14.022  -5.547  3.765   1.00 26.99 ? 50  THR A CB  1 
ATOM   384  O OG1 . THR A 1 49  ? 14.768  -4.349  3.493   1.00 27.27 ? 50  THR A OG1 1 
ATOM   385  C CG2 . THR A 1 49  ? 14.854  -6.761  3.412   1.00 26.36 ? 50  THR A CG2 1 
ATOM   386  N N   . GLY A 1 50  ? 11.180  -6.771  4.311   1.00 22.23 ? 51  GLY A N   1 
ATOM   387  C CA  . GLY A 1 50  ? 10.349  -7.923  4.632   1.00 23.43 ? 51  GLY A CA  1 
ATOM   388  C C   . GLY A 1 50  ? 9.202   -8.104  3.654   1.00 22.48 ? 51  GLY A C   1 
ATOM   389  O O   . GLY A 1 50  ? 8.846   -9.229  3.299   1.00 23.18 ? 51  GLY A O   1 
ATOM   390  N N   . ILE A 1 51  ? 8.611   -6.995  3.206   1.00 20.84 ? 52  ILE A N   1 
ATOM   391  C CA  . ILE A 1 51  ? 7.542   -7.048  2.212   1.00 19.82 ? 52  ILE A CA  1 
ATOM   392  C C   . ILE A 1 51  ? 8.055   -7.597  0.885   1.00 18.96 ? 52  ILE A C   1 
ATOM   393  O O   . ILE A 1 51  ? 7.407   -8.444  0.249   1.00 19.60 ? 52  ILE A O   1 
ATOM   394  C CB  . ILE A 1 51  ? 6.932   -5.643  2.057   1.00 18.63 ? 52  ILE A CB  1 
ATOM   395  C CG1 . ILE A 1 51  ? 6.103   -5.329  3.304   1.00 18.87 ? 52  ILE A CG1 1 
ATOM   396  C CG2 . ILE A 1 51  ? 6.134   -5.537  0.772   1.00 17.70 ? 52  ILE A CG2 1 
ATOM   397  C CD1 . ILE A 1 51  ? 5.700   -3.875  3.466   1.00 16.65 ? 52  ILE A CD1 1 
ATOM   398  N N   . MET A 1 52  ? 9.212   -7.106  0.426   1.00 19.01 ? 53  MET A N   1 
ATOM   399  C CA  . MET A 1 52  ? 9.783   -7.641  -0.809  1.00 23.18 ? 53  MET A CA  1 
ATOM   400  C C   . MET A 1 52  ? 10.039  -9.137  -0.698  1.00 23.06 ? 53  MET A C   1 
ATOM   401  O O   . MET A 1 52  ? 9.874   -9.880  -1.673  1.00 25.71 ? 53  MET A O   1 
ATOM   402  C CB  . MET A 1 52  ? 11.085  -6.917  -1.141  1.00 18.65 ? 53  MET A CB  1 
ATOM   403  C CG  . MET A 1 52  ? 10.898  -5.458  -1.538  1.00 21.13 ? 53  MET A CG  1 
ATOM   404  S SD  . MET A 1 52  ? 9.901   -5.264  -3.018  1.00 25.95 ? 53  MET A SD  1 
ATOM   405  C CE  . MET A 1 52  ? 10.890  -6.171  -4.199  1.00 26.16 ? 53  MET A CE  1 
ATOM   406  N N   . LYS A 1 53  ? 10.462  -9.587  0.482   1.00 20.80 ? 54  LYS A N   1 
ATOM   407  C CA  . LYS A 1 53  ? 10.693  -11.015 0.701   1.00 25.92 ? 54  LYS A CA  1 
ATOM   408  C C   . LYS A 1 53  ? 9.393   -11.806 0.612   1.00 25.10 ? 54  LYS A C   1 
ATOM   409  O O   . LYS A 1 53  ? 9.362   -12.898 0.035   1.00 27.33 ? 54  LYS A O   1 
ATOM   410  C CB  . LYS A 1 53  ? 11.363  -11.216 2.060   1.00 27.22 ? 54  LYS A CB  1 
ATOM   411  C CG  . LYS A 1 53  ? 11.776  -12.631 2.327   1.00 31.17 ? 54  LYS A CG  1 
ATOM   412  C CD  . LYS A 1 53  ? 12.540  -13.143 1.125   1.00 35.82 ? 54  LYS A CD  1 
ATOM   413  C CE  . LYS A 1 53  ? 13.274  -14.429 1.418   1.00 50.50 ? 54  LYS A CE  1 
ATOM   414  N NZ  . LYS A 1 53  ? 14.004  -14.909 0.204   0.00 48.73 ? 54  LYS A NZ  1 
ATOM   415  N N   . ASP A 1 54  ? 8.302   -11.255 1.146   1.00 19.52 ? 55  ASP A N   1 
ATOM   416  C CA  . ASP A 1 54  ? 7.005   -11.928 1.087   1.00 20.71 ? 55  ASP A CA  1 
ATOM   417  C C   . ASP A 1 54  ? 6.470   -12.008 -0.342  1.00 24.26 ? 55  ASP A C   1 
ATOM   418  O O   . ASP A 1 54  ? 5.726   -12.940 -0.669  1.00 28.83 ? 55  ASP A O   1 
ATOM   419  C CB  . ASP A 1 54  ? 6.007   -11.218 2.011   1.00 21.68 ? 55  ASP A CB  1 
ATOM   420  C CG  . ASP A 1 54  ? 4.784   -12.075 2.346   1.00 31.47 ? 55  ASP A CG  1 
ATOM   421  O OD1 . ASP A 1 54  ? 4.792   -12.754 3.403   1.00 28.82 ? 55  ASP A OD1 1 
ATOM   422  O OD2 . ASP A 1 54  ? 3.803   -12.058 1.564   1.00 29.17 ? 55  ASP A OD2 1 
ATOM   423  N N   . PHE A 1 55  ? 6.815   -11.046 -1.209  1.00 23.28 ? 56  PHE A N   1 
ATOM   424  C CA  . PHE A 1 55  ? 6.461   -11.208 -2.617  1.00 25.38 ? 56  PHE A CA  1 
ATOM   425  C C   . PHE A 1 55  ? 7.230   -12.368 -3.252  1.00 29.60 ? 56  PHE A C   1 
ATOM   426  O O   . PHE A 1 55  ? 6.694   -13.056 -4.126  1.00 30.54 ? 56  PHE A O   1 
ATOM   427  C CB  . PHE A 1 55  ? 6.707   -9.913  -3.405  1.00 21.56 ? 56  PHE A CB  1 
ATOM   428  C CG  . PHE A 1 55  ? 5.633   -8.857  -3.215  1.00 17.48 ? 56  PHE A CG  1 
ATOM   429  C CD1 . PHE A 1 55  ? 4.325   -9.112  -3.599  1.00 19.92 ? 56  PHE A CD1 1 
ATOM   430  C CD2 . PHE A 1 55  ? 5.945   -7.613  -2.689  1.00 18.76 ? 56  PHE A CD2 1 
ATOM   431  C CE1 . PHE A 1 55  ? 3.342   -8.167  -3.443  1.00 18.13 ? 56  PHE A CE1 1 
ATOM   432  C CE2 . PHE A 1 55  ? 4.963   -6.641  -2.534  1.00 16.94 ? 56  PHE A CE2 1 
ATOM   433  C CZ  . PHE A 1 55  ? 3.648   -6.931  -2.906  1.00 19.23 ? 56  PHE A CZ  1 
ATOM   434  N N   . GLU A 1 56  ? 8.472   -12.611 -2.818  1.00 30.29 ? 57  GLU A N   1 
ATOM   435  C CA  . GLU A 1 56  ? 9.218   -13.747 -3.357  1.00 31.39 ? 57  GLU A CA  1 
ATOM   436  C C   . GLU A 1 56  ? 8.725   -15.057 -2.760  1.00 34.12 ? 57  GLU A C   1 
ATOM   437  O O   . GLU A 1 56  ? 8.594   -16.062 -3.472  1.00 40.74 ? 57  GLU A O   1 
ATOM   438  C CB  . GLU A 1 56  ? 10.718  -13.590 -3.102  1.00 35.83 ? 57  GLU A CB  1 
ATOM   439  C CG  . GLU A 1 56  ? 11.317  -12.245 -3.512  1.00 42.76 ? 57  GLU A CG  1 
ATOM   440  C CD  . GLU A 1 56  ? 12.691  -12.010 -2.877  1.00 54.20 ? 57  GLU A CD  1 
ATOM   441  O OE1 . GLU A 1 56  ? 13.476  -12.984 -2.824  1.00 51.64 ? 57  GLU A OE1 1 
ATOM   442  O OE2 . GLU A 1 56  ? 12.968  -10.864 -2.452  1.00 51.45 ? 57  GLU A OE2 1 
ATOM   443  N N   . GLU A 1 57  ? 8.471   -15.072 -1.451  1.00 31.00 ? 58  GLU A N   1 
ATOM   444  C CA  . GLU A 1 57  ? 7.948   -16.245 -0.750  1.00 32.90 ? 58  GLU A CA  1 
ATOM   445  C C   . GLU A 1 57  ? 6.662   -15.923 -0.009  1.00 25.26 ? 58  GLU A C   1 
ATOM   446  O O   . GLU A 1 57  ? 6.693   -15.555 1.173   1.00 26.29 ? 58  GLU A O   1 
ATOM   447  C CB  . GLU A 1 57  ? 8.967   -16.798 0.233   1.00 38.51 ? 58  GLU A CB  1 
ATOM   448  C CG  . GLU A 1 57  ? 10.209  -17.358 -0.367  1.00 47.57 ? 58  GLU A CG  1 
ATOM   449  C CD  . GLU A 1 57  ? 11.281  -17.503 0.680   1.00 53.16 ? 58  GLU A CD  1 
ATOM   450  O OE1 . GLU A 1 57  ? 10.996  -18.103 1.746   1.00 65.03 ? 58  GLU A OE1 1 
ATOM   451  O OE2 . GLU A 1 57  ? 12.422  -17.099 0.405   1.00 73.20 ? 58  GLU A OE2 1 
ATOM   452  N N   . PRO A 1 58  ? 5.511   -16.066 -0.658  1.00 26.51 ? 59  PRO A N   1 
ATOM   453  C CA  . PRO A 1 58  ? 4.246   -15.694 -0.016  1.00 25.58 ? 59  PRO A CA  1 
ATOM   454  C C   . PRO A 1 58  ? 4.083   -16.409 1.314   1.00 32.47 ? 59  PRO A C   1 
ATOM   455  O O   . PRO A 1 58  ? 4.408   -17.587 1.443   1.00 29.88 ? 59  PRO A O   1 
ATOM   456  C CB  . PRO A 1 58  ? 3.191   -16.133 -1.036  1.00 30.75 ? 59  PRO A CB  1 
ATOM   457  C CG  . PRO A 1 58  ? 3.910   -16.075 -2.345  1.00 33.09 ? 59  PRO A CG  1 
ATOM   458  C CD  . PRO A 1 58  ? 5.320   -16.506 -2.049  1.00 29.00 ? 59  PRO A CD  1 
ATOM   459  N N   . GLY A 1 59  ? 3.621   -15.668 2.317   1.00 29.49 ? 60  GLY A N   1 
ATOM   460  C CA  . GLY A 1 59  ? 3.506   -16.187 3.657   1.00 33.67 ? 60  GLY A CA  1 
ATOM   461  C C   . GLY A 1 59  ? 4.736   -16.009 4.512   1.00 32.31 ? 60  GLY A C   1 
ATOM   462  O O   . GLY A 1 59  ? 4.732   -16.434 5.675   1.00 31.87 ? 60  GLY A O   1 
ATOM   463  N N   . HIS A 1 60  ? 5.796   -15.409 3.968   1.00 26.80 ? 61  HIS A N   1 
ATOM   464  C CA  . HIS A 1 60  ? 6.996   -15.154 4.757   1.00 26.57 ? 61  HIS A CA  1 
ATOM   465  C C   . HIS A 1 60  ? 6.669   -14.373 6.021   1.00 27.89 ? 61  HIS A C   1 
ATOM   466  O O   . HIS A 1 60  ? 7.199   -14.669 7.100   1.00 28.63 ? 61  HIS A O   1 
ATOM   467  C CB  . HIS A 1 60  ? 8.012   -14.399 3.897   1.00 26.93 ? 61  HIS A CB  1 
ATOM   468  C CG  . HIS A 1 60  ? 9.233   -13.955 4.636   1.00 27.99 ? 61  HIS A CG  1 
ATOM   469  N ND1 . HIS A 1 60  ? 9.475   -12.634 4.947   1.00 35.96 ? 61  HIS A ND1 1 
ATOM   470  C CD2 . HIS A 1 60  ? 10.286  -14.656 5.123   1.00 30.67 ? 61  HIS A CD2 1 
ATOM   471  C CE1 . HIS A 1 60  ? 10.628  -12.540 5.587   1.00 33.80 ? 61  HIS A CE1 1 
ATOM   472  N NE2 . HIS A 1 60  ? 11.137  -13.752 5.710   1.00 36.40 ? 61  HIS A NE2 1 
ATOM   473  N N   . LEU A 1 61  ? 5.786   -13.379 5.914   1.00 22.33 ? 62  LEU A N   1 
ATOM   474  C CA  . LEU A 1 61  ? 5.450   -12.511 7.034   1.00 21.58 ? 62  LEU A CA  1 
ATOM   475  C C   . LEU A 1 61  ? 4.302   -13.028 7.889   1.00 22.11 ? 62  LEU A C   1 
ATOM   476  O O   . LEU A 1 61  ? 3.985   -12.411 8.908   1.00 22.81 ? 62  LEU A O   1 
ATOM   477  C CB  . LEU A 1 61  ? 5.090   -11.121 6.518   1.00 21.52 ? 62  LEU A CB  1 
ATOM   478  C CG  . LEU A 1 61  ? 6.240   -10.393 5.821   1.00 20.74 ? 62  LEU A CG  1 
ATOM   479  C CD1 . LEU A 1 61  ? 5.729   -9.101  5.222   1.00 22.88 ? 62  LEU A CD1 1 
ATOM   480  C CD2 . LEU A 1 61  ? 7.336   -10.115 6.827   1.00 21.72 ? 62  LEU A CD2 1 
ATOM   481  N N   . ALA A 1 62  ? 3.664   -14.120 7.507   1.00 22.24 ? 63  ALA A N   1 
ATOM   482  C CA  . ALA A 1 62  ? 2.465   -14.541 8.227   1.00 24.93 ? 63  ALA A CA  1 
ATOM   483  C C   . ALA A 1 62  ? 2.736   -14.882 9.689   1.00 21.76 ? 63  ALA A C   1 
ATOM   484  O O   . ALA A 1 62  ? 1.988   -14.405 10.561  1.00 22.14 ? 63  ALA A O   1 
ATOM   485  C CB  . ALA A 1 62  ? 1.813   -15.702 7.474   1.00 24.39 ? 63  ALA A CB  1 
ATOM   486  N N   . PRO A 1 63  ? 3.765   -15.655 10.039  1.00 25.54 ? 64  PRO A N   1 
ATOM   487  C CA  . PRO A 1 63  ? 3.955   -15.968 11.468  1.00 24.64 ? 64  PRO A CA  1 
ATOM   488  C C   . PRO A 1 63  ? 4.211   -14.747 12.334  1.00 30.50 ? 64  PRO A C   1 
ATOM   489  O O   . PRO A 1 63  ? 3.718   -14.692 13.468  1.00 26.87 ? 64  PRO A O   1 
ATOM   490  C CB  . PRO A 1 63  ? 5.160   -16.919 11.459  1.00 30.18 ? 64  PRO A CB  1 
ATOM   491  C CG  . PRO A 1 63  ? 5.227   -17.452 10.069  1.00 31.51 ? 64  PRO A CG  1 
ATOM   492  C CD  . PRO A 1 63  ? 4.763   -16.335 9.194   1.00 29.41 ? 64  PRO A CD  1 
ATOM   493  N N   . THR A 1 64  ? 4.978   -13.764 11.835  1.00 23.83 ? 65  THR A N   1 
ATOM   494  C CA  . THR A 1 64  ? 5.322   -12.574 12.602  1.00 25.30 ? 65  THR A CA  1 
ATOM   495  C C   . THR A 1 64  ? 4.324   -11.436 12.447  1.00 27.91 ? 65  THR A C   1 
ATOM   496  O O   . THR A 1 64  ? 4.325   -10.511 13.267  1.00 27.86 ? 65  THR A O   1 
ATOM   497  C CB  . THR A 1 64  ? 6.701   -12.055 12.181  1.00 30.74 ? 65  THR A CB  1 
ATOM   498  O OG1 . THR A 1 64  ? 6.646   -11.604 10.818  1.00 29.70 ? 65  THR A OG1 1 
ATOM   499  C CG2 . THR A 1 64  ? 7.741   -13.151 12.296  1.00 36.17 ? 65  THR A CG2 1 
ATOM   500  N N   . GLY A 1 65  ? 3.482   -11.478 11.426  1.00 25.84 ? 66  GLY A N   1 
ATOM   501  C CA  . GLY A 1 65  ? 2.724   -10.306 11.042  1.00 22.95 ? 66  GLY A CA  1 
ATOM   502  C C   . GLY A 1 65  ? 3.508   -9.424  10.088  1.00 21.95 ? 66  GLY A C   1 
ATOM   503  O O   . GLY A 1 65  ? 4.731   -9.490  9.990   1.00 26.41 ? 66  GLY A O   1 
ATOM   504  N N   . LEU A 1 66  ? 2.774   -8.594  9.359   1.00 17.34 ? 67  LEU A N   1 
ATOM   505  C CA  . LEU A 1 66  ? 3.358   -7.600  8.468   1.00 17.54 ? 67  LEU A CA  1 
ATOM   506  C C   . LEU A 1 66  ? 3.364   -6.253  9.172   1.00 18.49 ? 67  LEU A C   1 
ATOM   507  O O   . LEU A 1 66  ? 2.328   -5.804  9.666   1.00 21.47 ? 67  LEU A O   1 
ATOM   508  C CB  . LEU A 1 66  ? 2.567   -7.515  7.160   1.00 20.05 ? 67  LEU A CB  1 
ATOM   509  C CG  . LEU A 1 66  ? 3.062   -6.501  6.111   1.00 19.52 ? 67  LEU A CG  1 
ATOM   510  C CD1 . LEU A 1 66  ? 2.703   -7.042  4.758   1.00 27.72 ? 67  LEU A CD1 1 
ATOM   511  C CD2 . LEU A 1 66  ? 2.486   -5.099  6.284   1.00 22.92 ? 67  LEU A CD2 1 
ATOM   512  N N   . HIS A 1 67  ? 4.521   -5.598  9.212   1.00 20.49 ? 68  HIS A N   1 
ATOM   513  C CA  . HIS A 1 67  ? 4.623   -4.311  9.879   1.00 18.51 ? 68  HIS A CA  1 
ATOM   514  C C   . HIS A 1 67  ? 4.832   -3.191  8.873   1.00 19.80 ? 68  HIS A C   1 
ATOM   515  O O   . HIS A 1 67  ? 5.562   -3.345  7.893   1.00 22.01 ? 68  HIS A O   1 
ATOM   516  C CB  . HIS A 1 67  ? 5.758   -4.293  10.900  1.00 23.06 ? 68  HIS A CB  1 
ATOM   517  C CG  . HIS A 1 67  ? 5.520   -5.205  12.058  1.00 22.75 ? 68  HIS A CG  1 
ATOM   518  N ND1 . HIS A 1 67  ? 5.740   -6.561  11.984  1.00 25.38 ? 68  HIS A ND1 1 
ATOM   519  C CD2 . HIS A 1 67  ? 5.065   -4.960  13.308  1.00 28.60 ? 68  HIS A CD2 1 
ATOM   520  C CE1 . HIS A 1 67  ? 5.434   -7.116  13.145  1.00 30.99 ? 68  HIS A CE1 1 
ATOM   521  N NE2 . HIS A 1 67  ? 5.023   -6.165  13.966  1.00 30.38 ? 68  HIS A NE2 1 
ATOM   522  N N   . LEU A 1 68  ? 4.158   -2.076  9.110   1.00 21.01 ? 69  LEU A N   1 
ATOM   523  C CA  . LEU A 1 68  ? 4.368   -0.890  8.293   1.00 20.67 ? 69  LEU A CA  1 
ATOM   524  C C   . LEU A 1 68  ? 4.173   0.296   9.216   1.00 22.35 ? 69  LEU A C   1 
ATOM   525  O O   . LEU A 1 68  ? 3.126   0.414   9.854   1.00 24.03 ? 69  LEU A O   1 
ATOM   526  C CB  . LEU A 1 68  ? 3.400   -0.852  7.105   1.00 21.34 ? 69  LEU A CB  1 
ATOM   527  C CG  . LEU A 1 68  ? 3.763   0.031   5.898   1.00 27.44 ? 69  LEU A CG  1 
ATOM   528  C CD1 . LEU A 1 68  ? 3.392   1.471   6.153   1.00 27.31 ? 69  LEU A CD1 1 
ATOM   529  C CD2 . LEU A 1 68  ? 5.238   -0.101  5.535   1.00 24.16 ? 69  LEU A CD2 1 
ATOM   530  N N   . GLY A 1 69  ? 5.179   1.162   9.303   1.00 24.99 ? 70  GLY A N   1 
ATOM   531  C CA  . GLY A 1 69  ? 5.105   2.234   10.278  1.00 23.82 ? 70  GLY A CA  1 
ATOM   532  C C   . GLY A 1 69  ? 4.951   1.730   11.691  1.00 27.90 ? 70  GLY A C   1 
ATOM   533  O O   . GLY A 1 69  ? 4.284   2.372   12.513  1.00 26.13 ? 70  GLY A O   1 
ATOM   534  N N   . GLY A 1 70  ? 5.527   0.568   11.984  1.00 28.58 ? 71  GLY A N   1 
ATOM   535  C CA  . GLY A 1 70  ? 5.419   -0.029  13.287  1.00 26.51 ? 71  GLY A CA  1 
ATOM   536  C C   . GLY A 1 70  ? 4.102   -0.707  13.569  1.00 30.11 ? 71  GLY A C   1 
ATOM   537  O O   . GLY A 1 70  ? 4.003   -1.418  14.574  1.00 34.47 ? 71  GLY A O   1 
ATOM   538  N N   . ILE A 1 71  ? 3.082   -0.513  12.732  1.00 28.59 ? 72  ILE A N   1 
ATOM   539  C CA  . ILE A 1 71  ? 1.778   -1.137  12.950  1.00 26.77 ? 72  ILE A CA  1 
ATOM   540  C C   . ILE A 1 71  ? 1.822   -2.580  12.470  1.00 24.34 ? 72  ILE A C   1 
ATOM   541  O O   . ILE A 1 71  ? 2.351   -2.875  11.394  1.00 26.66 ? 72  ILE A O   1 
ATOM   542  C CB  . ILE A 1 71  ? 0.673   -0.346  12.226  1.00 28.69 ? 72  ILE A CB  1 
ATOM   543  C CG1 . ILE A 1 71  ? 0.695   1.123   12.645  1.00 33.89 ? 72  ILE A CG1 1 
ATOM   544  C CG2 . ILE A 1 71  ? -0.688  -0.918  12.540  1.00 33.53 ? 72  ILE A CG2 1 
ATOM   545  C CD1 . ILE A 1 71  ? 0.384   1.329   14.111  1.00 33.64 ? 72  ILE A CD1 1 
ATOM   546  N N   . LYS A 1 72  ? 1.243   -3.487  13.254  1.00 24.50 ? 73  LYS A N   1 
ATOM   547  C CA  . LYS A 1 72  ? 1.216   -4.902  12.918  1.00 19.18 ? 73  LYS A CA  1 
ATOM   548  C C   . LYS A 1 72  ? -0.105  -5.232  12.237  1.00 21.74 ? 73  LYS A C   1 
ATOM   549  O O   . LYS A 1 72  ? -1.179  -4.935  12.775  1.00 24.93 ? 73  LYS A O   1 
ATOM   550  C CB  . LYS A 1 72  ? 1.388   -5.757  14.178  1.00 23.45 ? 73  LYS A CB  1 
ATOM   551  C CG  . LYS A 1 72  ? 1.417   -7.257  13.920  1.00 25.14 ? 73  LYS A CG  1 
ATOM   552  C CD  . LYS A 1 72  ? 1.459   -8.024  15.238  1.00 28.25 ? 73  LYS A CD  1 
ATOM   553  C CE  . LYS A 1 72  ? 1.237   -9.510  15.022  1.00 33.96 ? 73  LYS A CE  1 
ATOM   554  N NZ  . LYS A 1 72  ? 1.239   -10.260 16.314  1.00 49.77 ? 73  LYS A NZ  1 
ATOM   555  N N   . TYR A 1 73  ? -0.022  -5.844  11.059  1.00 19.28 ? 74  TYR A N   1 
ATOM   556  C CA  . TYR A 1 73  ? -1.188  -6.325  10.330  1.00 16.75 ? 74  TYR A CA  1 
ATOM   557  C C   . TYR A 1 73  ? -1.146  -7.840  10.235  1.00 19.60 ? 74  TYR A C   1 
ATOM   558  O O   . TYR A 1 73  ? -0.086  -8.429  10.014  1.00 20.40 ? 74  TYR A O   1 
ATOM   559  C CB  . TYR A 1 73  ? -1.251  -5.766  8.913   1.00 19.14 ? 74  TYR A CB  1 
ATOM   560  C CG  . TYR A 1 73  ? -1.319  -4.269  8.840   1.00 19.27 ? 74  TYR A CG  1 
ATOM   561  C CD1 . TYR A 1 73  ? -0.175  -3.484  8.952   1.00 19.56 ? 74  TYR A CD1 1 
ATOM   562  C CD2 . TYR A 1 73  ? -2.538  -3.633  8.668   1.00 20.13 ? 74  TYR A CD2 1 
ATOM   563  C CE1 . TYR A 1 73  ? -0.254  -2.109  8.888   1.00 20.22 ? 74  TYR A CE1 1 
ATOM   564  C CE2 . TYR A 1 73  ? -2.627  -2.265  8.610   1.00 21.76 ? 74  TYR A CE2 1 
ATOM   565  C CZ  . TYR A 1 73  ? -1.485  -1.507  8.722   1.00 23.51 ? 74  TYR A CZ  1 
ATOM   566  O OH  . TYR A 1 73  ? -1.576  -0.129  8.661   1.00 24.65 ? 74  TYR A OH  1 
ATOM   567  N N   . MET A 1 74  ? -2.307  -8.470  10.378  1.00 18.54 ? 75  MET A N   1 
ATOM   568  C CA  A MET A 1 74  ? -2.408  -9.904  10.158  0.56 17.46 ? 75  MET A CA  1 
ATOM   569  C CA  B MET A 1 74  ? -2.413  -9.903  10.156  0.44 17.69 ? 75  MET A CA  1 
ATOM   570  C C   . MET A 1 74  ? -2.450  -10.162 8.660   1.00 20.40 ? 75  MET A C   1 
ATOM   571  O O   . MET A 1 74  ? -3.304  -9.614  7.957   1.00 19.04 ? 75  MET A O   1 
ATOM   572  C CB  A MET A 1 74  ? -3.653  -10.470 10.838  0.56 20.99 ? 75  MET A CB  1 
ATOM   573  C CB  B MET A 1 74  ? -3.665  -10.472 10.817  0.44 20.97 ? 75  MET A CB  1 
ATOM   574  C CG  A MET A 1 74  ? -3.679  -11.991 10.891  0.56 20.85 ? 75  MET A CG  1 
ATOM   575  C CG  B MET A 1 74  ? -3.961  -11.894 10.366  0.44 19.39 ? 75  MET A CG  1 
ATOM   576  S SD  A MET A 1 74  ? -5.192  -12.619 11.644  0.56 21.53 ? 75  MET A SD  1 
ATOM   577  S SD  B MET A 1 74  ? -5.546  -12.532 10.938  0.44 20.04 ? 75  MET A SD  1 
ATOM   578  C CE  A MET A 1 74  ? -6.379  -12.302 10.340  0.56 17.50 ? 75  MET A CE  1 
ATOM   579  C CE  B MET A 1 74  ? -5.508  -14.143 10.173  0.44 19.71 ? 75  MET A CE  1 
ATOM   580  N N   . VAL A 1 75  ? -1.527  -10.991 8.178   1.00 16.20 ? 76  VAL A N   1 
ATOM   581  C CA  . VAL A 1 75  ? -1.503  -11.330 6.763   1.00 18.15 ? 76  VAL A CA  1 
ATOM   582  C C   . VAL A 1 75  ? -2.715  -12.190 6.417   1.00 18.37 ? 76  VAL A C   1 
ATOM   583  O O   . VAL A 1 75  ? -3.069  -13.134 7.149   1.00 18.15 ? 76  VAL A O   1 
ATOM   584  C CB  . VAL A 1 75  ? -0.194  -12.042 6.408   1.00 19.22 ? 76  VAL A CB  1 
ATOM   585  C CG1 . VAL A 1 75  ? -0.228  -12.520 4.967   1.00 20.00 ? 76  VAL A CG1 1 
ATOM   586  C CG2 . VAL A 1 75  ? 0.999   -11.106 6.627   1.00 18.31 ? 76  VAL A CG2 1 
ATOM   587  N N   . ILE A 1 76  ? -3.375  -11.858 5.299   1.00 17.83 ? 77  ILE A N   1 
ATOM   588  C CA  . ILE A 1 76  ? -4.479  -12.695 4.833   1.00 17.58 ? 77  ILE A CA  1 
ATOM   589  C C   . ILE A 1 76  ? -4.190  -13.138 3.409   1.00 19.41 ? 77  ILE A C   1 
ATOM   590  O O   . ILE A 1 76  ? -3.113  -12.858 2.869   1.00 19.47 ? 77  ILE A O   1 
ATOM   591  C CB  . ILE A 1 76  ? -5.844  -11.976 4.939   1.00 18.01 ? 77  ILE A CB  1 
ATOM   592  C CG1 . ILE A 1 76  ? -5.908  -10.745 4.029   1.00 17.14 ? 77  ILE A CG1 1 
ATOM   593  C CG2 . ILE A 1 76  ? -6.136  -11.611 6.401   1.00 19.60 ? 77  ILE A CG2 1 
ATOM   594  C CD1 . ILE A 1 76  ? -7.335  -10.189 3.857   1.00 20.04 ? 77  ILE A CD1 1 
ATOM   595  N N   A GLN A 1 77  ? -5.139  -13.840 2.794   0.61 20.47 ? 78  GLN A N   1 
ATOM   596  N N   B GLN A 1 77  ? -5.149  -13.822 2.793   0.39 20.47 ? 78  GLN A N   1 
ATOM   597  C CA  A GLN A 1 77  ? -4.947  -14.346 1.440   0.61 18.91 ? 78  GLN A CA  1 
ATOM   598  C CA  B GLN A 1 77  ? -4.963  -14.329 1.440   0.39 18.98 ? 78  GLN A CA  1 
ATOM   599  C C   A GLN A 1 77  ? -4.731  -13.208 0.449   0.61 20.23 ? 78  GLN A C   1 
ATOM   600  C C   B GLN A 1 77  ? -4.729  -13.193 0.450   0.39 20.27 ? 78  GLN A C   1 
ATOM   601  O O   A GLN A 1 77  ? -5.527  -12.269 0.375   0.61 20.42 ? 78  GLN A O   1 
ATOM   602  O O   B GLN A 1 77  ? -5.509  -12.240 0.382   0.39 20.46 ? 78  GLN A O   1 
ATOM   603  C CB  A GLN A 1 77  ? -6.156  -15.175 1.011   0.61 21.42 ? 78  GLN A CB  1 
ATOM   604  C CB  B GLN A 1 77  ? -6.183  -15.140 1.019   0.39 21.44 ? 78  GLN A CB  1 
ATOM   605  C CG  A GLN A 1 77  ? -6.047  -15.723 -0.402  0.61 24.82 ? 78  GLN A CG  1 
ATOM   606  C CG  B GLN A 1 77  ? -6.090  -15.681 -0.386  0.39 24.81 ? 78  GLN A CG  1 
ATOM   607  C CD  A GLN A 1 77  ? -5.009  -16.812 -0.513  0.61 24.59 ? 78  GLN A CD  1 
ATOM   608  C CD  B GLN A 1 77  ? -6.323  -17.166 -0.431  0.39 28.70 ? 78  GLN A CD  1 
ATOM   609  O OE1 A GLN A 1 77  ? -5.074  -17.812 0.205   0.61 27.16 ? 78  GLN A OE1 1 
ATOM   610  O OE1 B GLN A 1 77  ? -7.313  -17.665 0.102   0.39 27.95 ? 78  GLN A OE1 1 
ATOM   611  N NE2 A GLN A 1 77  ? -4.037  -16.629 -1.408  0.61 28.05 ? 78  GLN A NE2 1 
ATOM   612  N NE2 B GLN A 1 77  ? -5.409  -17.890 -1.067  0.39 30.93 ? 78  GLN A NE2 1 
ATOM   613  N N   . GLY A 1 78  ? -3.655  -13.310 -0.324  1.00 20.87 ? 79  GLY A N   1 
ATOM   614  C CA  . GLY A 1 78  ? -3.362  -12.350 -1.366  1.00 20.71 ? 79  GLY A CA  1 
ATOM   615  C C   . GLY A 1 78  ? -3.193  -13.027 -2.707  1.00 27.94 ? 79  GLY A C   1 
ATOM   616  O O   . GLY A 1 78  ? -3.773  -14.089 -2.946  1.00 25.58 ? 79  GLY A O   1 
ATOM   617  N N   . GLU A 1 79  ? -2.391  -12.441 -3.590  1.00 20.70 ? 80  GLU A N   1 
ATOM   618  C CA  . GLU A 1 79  ? -2.099  -13.033 -4.890  1.00 21.05 ? 80  GLU A CA  1 
ATOM   619  C C   . GLU A 1 79  ? -0.590  -13.207 -4.985  1.00 23.86 ? 80  GLU A C   1 
ATOM   620  O O   . GLU A 1 79  ? 0.150   -12.221 -4.992  1.00 21.38 ? 80  GLU A O   1 
ATOM   621  C CB  . GLU A 1 79  ? -2.646  -12.168 -6.025  1.00 23.15 ? 80  GLU A CB  1 
ATOM   622  C CG  . GLU A 1 79  ? -2.217  -12.644 -7.401  1.00 35.92 ? 80  GLU A CG  1 
ATOM   623  C CD  . GLU A 1 79  ? -2.944  -11.922 -8.522  0.00 32.14 ? 80  GLU A CD  1 
ATOM   624  O OE1 . GLU A 1 79  ? -4.162  -12.145 -8.677  0.00 34.41 ? 80  GLU A OE1 1 
ATOM   625  O OE2 . GLU A 1 79  ? -2.290  -11.147 -9.247  0.00 33.10 ? 80  GLU A OE2 1 
ATOM   626  N N   . ALA A 1 80  ? -0.142  -14.462 -5.042  1.00 24.79 ? 81  ALA A N   1 
ATOM   627  C CA  . ALA A 1 80  ? 1.274   -14.793 -4.885  1.00 28.95 ? 81  ALA A CA  1 
ATOM   628  C C   . ALA A 1 80  ? 2.166   -13.995 -5.834  1.00 24.47 ? 81  ALA A C   1 
ATOM   629  O O   . ALA A 1 80  ? 1.973   -14.004 -7.052  1.00 27.42 ? 81  ALA A O   1 
ATOM   630  C CB  . ALA A 1 80  ? 1.469   -16.292 -5.099  1.00 30.40 ? 81  ALA A CB  1 
ATOM   631  N N   . GLY A 1 81  ? 3.146   -13.291 -5.269  1.00 25.85 ? 82  GLY A N   1 
ATOM   632  C CA  . GLY A 1 81  ? 4.056   -12.501 -6.071  1.00 29.48 ? 82  GLY A CA  1 
ATOM   633  C C   . GLY A 1 81  ? 3.491   -11.224 -6.657  1.00 30.19 ? 82  GLY A C   1 
ATOM   634  O O   . GLY A 1 81  ? 4.226   -10.510 -7.348  1.00 29.42 ? 82  GLY A O   1 
ATOM   635  N N   . ALA A 1 82  ? 2.227   -10.903 -6.401  1.00 25.45 ? 83  ALA A N   1 
ATOM   636  C CA  . ALA A 1 82  ? 1.592   -9.735  -7.000  1.00 24.47 ? 83  ALA A CA  1 
ATOM   637  C C   . ALA A 1 82  ? 0.936   -8.812  -5.983  1.00 20.81 ? 83  ALA A C   1 
ATOM   638  O O   . ALA A 1 82  ? 1.037   -7.587  -6.116  1.00 19.70 ? 83  ALA A O   1 
ATOM   639  C CB  . ALA A 1 82  ? 0.537   -10.175 -8.039  1.00 27.11 ? 83  ALA A CB  1 
ATOM   640  N N   . VAL A 1 83  ? 0.248   -9.359  -4.987  1.00 19.77 ? 84  VAL A N   1 
ATOM   641  C CA  . VAL A 1 83  ? -0.543  -8.558  -4.056  1.00 19.18 ? 84  VAL A CA  1 
ATOM   642  C C   . VAL A 1 83  ? -0.433  -9.167  -2.668  1.00 19.89 ? 84  VAL A C   1 
ATOM   643  O O   . VAL A 1 83  ? -0.590  -10.381 -2.503  1.00 22.13 ? 84  VAL A O   1 
ATOM   644  C CB  . VAL A 1 83  ? -2.026  -8.482  -4.475  1.00 19.22 ? 84  VAL A CB  1 
ATOM   645  C CG1 . VAL A 1 83  ? -2.820  -7.707  -3.442  1.00 20.55 ? 84  VAL A CG1 1 
ATOM   646  C CG2 . VAL A 1 83  ? -2.169  -7.847  -5.845  1.00 21.76 ? 84  VAL A CG2 1 
ATOM   647  N N   . ILE A 1 84  ? -0.173  -8.323  -1.674  1.00 16.79 ? 85  ILE A N   1 
ATOM   648  C CA  . ILE A 1 84  ? -0.185  -8.703  -0.269  1.00 14.16 ? 85  ILE A CA  1 
ATOM   649  C C   . ILE A 1 84  ? -1.344  -7.970  0.382   1.00 17.93 ? 85  ILE A C   1 
ATOM   650  O O   . ILE A 1 84  ? -1.587  -6.795  0.084   1.00 17.86 ? 85  ILE A O   1 
ATOM   651  C CB  . ILE A 1 84  ? 1.149   -8.356  0.429   1.00 18.08 ? 85  ILE A CB  1 
ATOM   652  C CG1 . ILE A 1 84  ? 2.257   -9.274  -0.068  1.00 19.12 ? 85  ILE A CG1 1 
ATOM   653  C CG2 . ILE A 1 84  ? 1.027   -8.468  1.941   1.00 20.29 ? 85  ILE A CG2 1 
ATOM   654  C CD1 . ILE A 1 84  ? 3.627   -8.805  0.336   1.00 19.68 ? 85  ILE A CD1 1 
ATOM   655  N N   . ARG A 1 85  ? -2.064  -8.668  1.254   1.00 15.79 ? 86  ARG A N   1 
ATOM   656  C CA  . ARG A 1 85  ? -3.194  -8.100  1.972   1.00 16.32 ? 86  ARG A CA  1 
ATOM   657  C C   . ARG A 1 85  ? -3.029  -8.376  3.455   1.00 16.52 ? 86  ARG A C   1 
ATOM   658  O O   . ARG A 1 85  ? -2.577  -9.456  3.846   1.00 17.38 ? 86  ARG A O   1 
ATOM   659  C CB  . ARG A 1 85  ? -4.534  -8.690  1.492   1.00 19.07 ? 86  ARG A CB  1 
ATOM   660  C CG  . ARG A 1 85  ? -4.780  -8.452  0.023   1.00 21.26 ? 86  ARG A CG  1 
ATOM   661  C CD  . ARG A 1 85  ? -6.167  -8.848  -0.412  1.00 24.34 ? 86  ARG A CD  1 
ATOM   662  N NE  . ARG A 1 85  ? -6.347  -8.452  -1.803  1.00 33.68 ? 86  ARG A NE  1 
ATOM   663  C CZ  . ARG A 1 85  ? -6.248  -9.283  -2.830  1.00 34.67 ? 86  ARG A CZ  1 
ATOM   664  N NH1 . ARG A 1 85  ? -5.987  -10.573 -2.621  1.00 40.88 ? 86  ARG A NH1 1 
ATOM   665  N NH2 . ARG A 1 85  ? -6.421  -8.824  -4.067  1.00 34.41 ? 86  ARG A NH2 1 
ATOM   666  N N   . GLY A 1 86  ? -3.393  -7.396  4.271   1.00 18.60 ? 87  GLY A N   1 
ATOM   667  C CA  . GLY A 1 86  ? -3.350  -7.563  5.708   1.00 20.11 ? 87  GLY A CA  1 
ATOM   668  C C   . GLY A 1 86  ? -4.511  -6.834  6.344   1.00 19.72 ? 87  GLY A C   1 
ATOM   669  O O   . GLY A 1 86  ? -5.095  -5.926  5.751   1.00 17.45 ? 87  GLY A O   1 
ATOM   670  N N   . LYS A 1 87  ? -4.865  -7.267  7.551   1.00 16.18 ? 88  LYS A N   1 
ATOM   671  C CA  . LYS A 1 87  ? -5.993  -6.696  8.273   1.00 13.43 ? 88  LYS A CA  1 
ATOM   672  C C   . LYS A 1 87  ? -5.558  -6.206  9.644   1.00 16.30 ? 88  LYS A C   1 
ATOM   673  O O   . LYS A 1 87  ? -4.707  -6.811  10.303  1.00 20.48 ? 88  LYS A O   1 
ATOM   674  C CB  . LYS A 1 87  ? -7.125  -7.740  8.443   1.00 17.29 ? 88  LYS A CB  1 
ATOM   675  C CG  . LYS A 1 87  ? -7.787  -8.142  7.129   1.00 18.86 ? 88  LYS A CG  1 
ATOM   676  C CD  . LYS A 1 87  ? -8.741  -7.052  6.666   1.00 19.65 ? 88  LYS A CD  1 
ATOM   677  C CE  . LYS A 1 87  ? -9.244  -7.304  5.246   1.00 25.23 ? 88  LYS A CE  1 
ATOM   678  N NZ  . LYS A 1 87  ? -10.286 -6.294  4.838   1.00 21.19 ? 88  LYS A NZ  1 
ATOM   679  N N   . LYS A 1 88  ? -6.177  -5.116  10.084  1.00 17.58 ? 89  LYS A N   1 
ATOM   680  C CA  . LYS A 1 88  ? -5.899  -4.553  11.399  1.00 19.98 ? 89  LYS A CA  1 
ATOM   681  C C   . LYS A 1 88  ? -7.138  -3.797  11.846  1.00 26.28 ? 89  LYS A C   1 
ATOM   682  O O   . LYS A 1 88  ? -7.579  -2.869  11.155  1.00 27.46 ? 89  LYS A O   1 
ATOM   683  C CB  . LYS A 1 88  ? -4.691  -3.620  11.343  1.00 22.42 ? 89  LYS A CB  1 
ATOM   684  C CG  . LYS A 1 88  ? -4.588  -2.688  12.520  1.00 31.63 ? 89  LYS A CG  1 
ATOM   685  C CD  . LYS A 1 88  ? -4.235  -3.434  13.772  1.00 34.22 ? 89  LYS A CD  1 
ATOM   686  C CE  . LYS A 1 88  ? -3.051  -2.794  14.455  0.00 30.06 ? 89  LYS A CE  1 
ATOM   687  N NZ  . LYS A 1 88  ? -2.414  -3.714  15.433  0.00 29.36 ? 89  LYS A NZ  1 
ATOM   688  N N   . GLY A 1 89  ? -7.708  -4.202  12.980  1.00 26.14 ? 90  GLY A N   1 
ATOM   689  C CA  . GLY A 1 89  ? -8.855  -3.477  13.510  1.00 28.56 ? 90  GLY A CA  1 
ATOM   690  C C   . GLY A 1 89  ? -9.972  -3.386  12.488  1.00 27.55 ? 90  GLY A C   1 
ATOM   691  O O   . GLY A 1 89  ? -10.392 -4.391  11.907  1.00 29.25 ? 90  GLY A O   1 
ATOM   692  N N   . SER A 1 90  ? -10.450 -2.167  12.243  1.00 27.39 ? 91  SER A N   1 
ATOM   693  C CA  . SER A 1 90  ? -11.535 -1.928  11.302  1.00 24.33 ? 91  SER A CA  1 
ATOM   694  C C   . SER A 1 90  ? -11.062 -1.742  9.865   1.00 29.62 ? 91  SER A C   1 
ATOM   695  O O   . SER A 1 90  ? -11.869 -1.382  9.000   1.00 34.76 ? 91  SER A O   1 
ATOM   696  C CB  . SER A 1 90  ? -12.334 -0.694  11.731  1.00 37.72 ? 91  SER A CB  1 
ATOM   697  O OG  . SER A 1 90  ? -12.730 -0.809  13.088  1.00 51.66 ? 91  SER A OG  1 
ATOM   698  N N   . GLY A 1 91  ? -9.797  -1.977  9.579   1.00 29.25 ? 92  GLY A N   1 
ATOM   699  C CA  . GLY A 1 91  ? -9.264  -1.729  8.250   1.00 26.53 ? 92  GLY A CA  1 
ATOM   700  C C   . GLY A 1 91  ? -8.125  -2.658  7.922   1.00 23.86 ? 92  GLY A C   1 
ATOM   701  O O   . GLY A 1 91  ? -8.081  -3.801  8.385   1.00 20.39 ? 92  GLY A O   1 
ATOM   702  N N   . GLY A 1 92  ? -7.198  -2.178  7.103   1.00 22.30 ? 93  GLY A N   1 
ATOM   703  C CA  . GLY A 1 92  ? -6.106  -3.038  6.697   1.00 17.45 ? 93  GLY A CA  1 
ATOM   704  C C   . GLY A 1 92  ? -5.182  -2.350  5.719   1.00 18.42 ? 93  GLY A C   1 
ATOM   705  O O   . GLY A 1 92  ? -5.130  -1.120  5.636   1.00 18.39 ? 93  GLY A O   1 
ATOM   706  N N   . ILE A 1 93  ? -4.477  -3.175  4.954   1.00 15.23 ? 94  ILE A N   1 
ATOM   707  C CA  . ILE A 1 93  ? -3.413  -2.725  4.065   1.00 15.61 ? 94  ILE A CA  1 
ATOM   708  C C   . ILE A 1 93  ? -3.435  -3.610  2.828   1.00 17.87 ? 94  ILE A C   1 
ATOM   709  O O   . ILE A 1 93  ? -3.752  -4.807  2.908   1.00 18.16 ? 94  ILE A O   1 
ATOM   710  C CB  . ILE A 1 93  ? -2.050  -2.759  4.793   1.00 14.31 ? 94  ILE A CB  1 
ATOM   711  C CG1 . ILE A 1 93  ? -0.972  -2.050  3.993   1.00 18.71 ? 94  ILE A CG1 1 
ATOM   712  C CG2 . ILE A 1 93  ? -1.609  -4.188  5.145   1.00 13.52 ? 94  ILE A CG2 1 
ATOM   713  C CD1 . ILE A 1 93  ? 0.234   -1.682  4.840   1.00 20.33 ? 94  ILE A CD1 1 
ATOM   714  N N   . THR A 1 94  ? -3.195  -2.999  1.670   1.00 15.74 ? 95  THR A N   1 
ATOM   715  C CA  . THR A 1 94  ? -3.050  -3.723  0.410   1.00 15.49 ? 95  THR A CA  1 
ATOM   716  C C   . THR A 1 94  ? -1.792  -3.214  -0.277  1.00 15.69 ? 95  THR A C   1 
ATOM   717  O O   . THR A 1 94  ? -1.578  -2.000  -0.372  1.00 17.65 ? 95  THR A O   1 
ATOM   718  C CB  . THR A 1 94  ? -4.269  -3.522  -0.503  1.00 22.37 ? 95  THR A CB  1 
ATOM   719  O OG1 . THR A 1 94  ? -5.461  -3.899  0.200   1.00 30.86 ? 95  THR A OG1 1 
ATOM   720  C CG2 . THR A 1 94  ? -4.153  -4.397  -1.758  1.00 22.81 ? 95  THR A CG2 1 
ATOM   721  N N   . ILE A 1 95  ? -0.961  -4.134  -0.766  1.00 14.00 ? 96  ILE A N   1 
ATOM   722  C CA  . ILE A 1 95  ? 0.303   -3.763  -1.400  1.00 13.46 ? 96  ILE A CA  1 
ATOM   723  C C   . ILE A 1 95  ? 0.377   -4.474  -2.735  1.00 15.61 ? 96  ILE A C   1 
ATOM   724  O O   . ILE A 1 95  ? 0.278   -5.700  -2.782  1.00 16.81 ? 96  ILE A O   1 
ATOM   725  C CB  . ILE A 1 95  ? 1.511   -4.145  -0.532  1.00 15.94 ? 96  ILE A CB  1 
ATOM   726  C CG1 . ILE A 1 95  ? 1.280   -3.721  0.924   1.00 21.23 ? 96  ILE A CG1 1 
ATOM   727  C CG2 . ILE A 1 95  ? 2.765   -3.511  -1.093  1.00 17.50 ? 96  ILE A CG2 1 
ATOM   728  C CD1 . ILE A 1 95  ? 2.272   -4.347  1.901   1.00 21.30 ? 96  ILE A CD1 1 
ATOM   729  N N   . LYS A 1 96  ? 0.579   -3.721  -3.817  1.00 16.14 ? 97  LYS A N   1 
ATOM   730  C CA  . LYS A 1 96  ? 0.702   -4.316  -5.143  1.00 15.73 ? 97  LYS A CA  1 
ATOM   731  C C   . LYS A 1 96  ? 2.113   -4.087  -5.667  1.00 18.65 ? 97  LYS A C   1 
ATOM   732  O O   . LYS A 1 96  ? 2.637   -2.964  -5.609  1.00 18.82 ? 97  LYS A O   1 
ATOM   733  C CB  . LYS A 1 96  ? -0.343  -3.739  -6.106  1.00 18.21 ? 97  LYS A CB  1 
ATOM   734  C CG  . LYS A 1 96  ? -0.285  -4.327  -7.525  1.00 18.69 ? 97  LYS A CG  1 
ATOM   735  C CD  . LYS A 1 96  ? -1.478  -3.827  -8.346  1.00 27.71 ? 97  LYS A CD  1 
ATOM   736  C CE  . LYS A 1 96  ? -1.373  -4.186  -9.828  1.00 32.23 ? 97  LYS A CE  1 
ATOM   737  N NZ  . LYS A 1 96  ? -1.215  -5.647  -10.088 1.00 30.41 ? 97  LYS A NZ  1 
ATOM   738  N N   . LYS A 1 97  ? 2.739   -5.151  -6.171  1.00 19.83 ? 98  LYS A N   1 
ATOM   739  C CA  . LYS A 1 97  ? 4.104   -5.050  -6.690  1.00 20.00 ? 98  LYS A CA  1 
ATOM   740  C C   . LYS A 1 97  ? 4.090   -4.724  -8.180  1.00 20.04 ? 98  LYS A C   1 
ATOM   741  O O   . LYS A 1 97  ? 3.333   -5.330  -8.946  1.00 25.65 ? 98  LYS A O   1 
ATOM   742  C CB  . LYS A 1 97  ? 4.864   -6.355  -6.451  1.00 19.72 ? 98  LYS A CB  1 
ATOM   743  C CG  . LYS A 1 97  ? 6.318   -6.289  -6.945  1.00 18.11 ? 98  LYS A CG  1 
ATOM   744  C CD  . LYS A 1 97  ? 7.011   -7.624  -6.784  1.00 29.19 ? 98  LYS A CD  1 
ATOM   745  C CE  . LYS A 1 97  ? 8.484   -7.534  -7.134  1.00 31.15 ? 98  LYS A CE  1 
ATOM   746  N NZ  . LYS A 1 97  ? 9.164   -8.839  -6.927  1.00 39.61 ? 98  LYS A NZ  1 
ATOM   747  N N   . THR A 1 98  ? 4.912   -3.762  -8.591  1.00 20.17 ? 99  THR A N   1 
ATOM   748  C CA  . THR A 1 98  ? 5.100   -3.471  -10.005 1.00 21.77 ? 99  THR A CA  1 
ATOM   749  C C   . THR A 1 98  ? 6.537   -3.802  -10.404 1.00 21.43 ? 99  THR A C   1 
ATOM   750  O O   . THR A 1 98  ? 7.301   -4.393  -9.636  1.00 24.98 ? 99  THR A O   1 
ATOM   751  C CB  . THR A 1 98  ? 4.760   -2.011  -10.313 1.00 21.05 ? 99  THR A CB  1 
ATOM   752  O OG1 . THR A 1 98  ? 5.807   -1.166  -9.838  1.00 25.30 ? 99  THR A OG1 1 
ATOM   753  C CG2 . THR A 1 98  ? 3.448   -1.591  -9.677  1.00 23.54 ? 99  THR A CG2 1 
ATOM   754  N N   . GLY A 1 99  ? 6.924   -3.379  -11.611 1.00 27.34 ? 100 GLY A N   1 
ATOM   755  C CA  . GLY A 1 99  ? 8.263   -3.688  -12.091 1.00 28.00 ? 100 GLY A CA  1 
ATOM   756  C C   . GLY A 1 99  ? 9.370   -3.108  -11.228 1.00 25.24 ? 100 GLY A C   1 
ATOM   757  O O   . GLY A 1 99  ? 10.375  -3.773  -10.967 1.00 25.42 ? 100 GLY A O   1 
ATOM   758  N N   . GLN A 1 100 ? 9.225   -1.850  -10.802 1.00 24.05 ? 101 GLN A N   1 
ATOM   759  C CA  . GLN A 1 100 ? 10.263  -1.153  -10.041 1.00 20.46 ? 101 GLN A CA  1 
ATOM   760  C C   . GLN A 1 100 ? 9.777   -0.624  -8.699  1.00 20.63 ? 101 GLN A C   1 
ATOM   761  O O   . GLN A 1 100 ? 10.576  -0.046  -7.950  1.00 21.18 ? 101 GLN A O   1 
ATOM   762  C CB  . GLN A 1 100 ? 10.829  0.043   -10.838 1.00 24.27 ? 101 GLN A CB  1 
ATOM   763  C CG  . GLN A 1 100 ? 11.225  -0.262  -12.267 1.00 28.04 ? 101 GLN A CG  1 
ATOM   764  C CD  . GLN A 1 100 ? 12.436  -1.151  -12.340 1.00 25.79 ? 101 GLN A CD  1 
ATOM   765  O OE1 . GLN A 1 100 ? 13.299  -1.114  -11.463 1.00 31.42 ? 101 GLN A OE1 1 
ATOM   766  N NE2 . GLN A 1 100 ? 12.512  -1.964  -13.391 1.00 31.03 ? 101 GLN A NE2 1 
ATOM   767  N N   . ALA A 1 101 ? 8.501   -0.796  -8.370  1.00 21.76 ? 102 ALA A N   1 
ATOM   768  C CA  . ALA A 1 101 ? 7.943   -0.093  -7.228  1.00 17.74 ? 102 ALA A CA  1 
ATOM   769  C C   . ALA A 1 101 ? 6.870   -0.950  -6.577  1.00 18.02 ? 102 ALA A C   1 
ATOM   770  O O   . ALA A 1 101 ? 6.517   -2.026  -7.068  1.00 21.49 ? 102 ALA A O   1 
ATOM   771  C CB  . ALA A 1 101 ? 7.385   1.277   -7.651  1.00 16.79 ? 102 ALA A CB  1 
ATOM   772  N N   . LEU A 1 102 ? 6.382   -0.459  -5.438  1.00 17.71 ? 103 LEU A N   1 
ATOM   773  C CA  . LEU A 1 102 ? 5.273   -1.038  -4.690  1.00 15.52 ? 103 LEU A CA  1 
ATOM   774  C C   . LEU A 1 102 ? 4.205   0.023   -4.505  1.00 15.99 ? 103 LEU A C   1 
ATOM   775  O O   . LEU A 1 102 ? 4.520   1.186   -4.236  1.00 19.11 ? 103 LEU A O   1 
ATOM   776  C CB  . LEU A 1 102 ? 5.714   -1.507  -3.315  1.00 16.11 ? 103 LEU A CB  1 
ATOM   777  C CG  . LEU A 1 102 ? 6.939   -2.392  -3.237  1.00 18.39 ? 103 LEU A CG  1 
ATOM   778  C CD1 . LEU A 1 102 ? 7.270   -2.666  -1.791  1.00 24.22 ? 103 LEU A CD1 1 
ATOM   779  C CD2 . LEU A 1 102 ? 6.655   -3.666  -3.992  1.00 20.38 ? 103 LEU A CD2 1 
ATOM   780  N N   . VAL A 1 103 ? 2.940   -0.366  -4.640  1.00 14.71 ? 104 VAL A N   1 
ATOM   781  C CA  . VAL A 1 103 ? 1.836   0.558   -4.432  1.00 17.04 ? 104 VAL A CA  1 
ATOM   782  C C   . VAL A 1 103 ? 1.142   0.151   -3.137  1.00 17.04 ? 104 VAL A C   1 
ATOM   783  O O   . VAL A 1 103 ? 0.642   -0.978  -3.016  1.00 15.49 ? 104 VAL A O   1 
ATOM   784  C CB  . VAL A 1 103 ? 0.849   0.565   -5.610  1.00 20.13 ? 104 VAL A CB  1 
ATOM   785  C CG1 . VAL A 1 103 ? -0.284  1.501   -5.283  1.00 19.13 ? 104 VAL A CG1 1 
ATOM   786  C CG2 . VAL A 1 103 ? 1.558   0.998   -6.922  1.00 17.72 ? 104 VAL A CG2 1 
ATOM   787  N N   . PHE A 1 104 ? 1.123   1.059   -2.162  1.00 15.47 ? 105 PHE A N   1 
ATOM   788  C CA  . PHE A 1 104 ? 0.499   0.795   -0.866  1.00 13.26 ? 105 PHE A CA  1 
ATOM   789  C C   . PHE A 1 104 ? -0.844  1.489   -0.776  1.00 17.06 ? 105 PHE A C   1 
ATOM   790  O O   . PHE A 1 104 ? -0.990  2.619   -1.237  1.00 17.10 ? 105 PHE A O   1 
ATOM   791  C CB  . PHE A 1 104 ? 1.350   1.319   0.293   1.00 17.05 ? 105 PHE A CB  1 
ATOM   792  C CG  . PHE A 1 104 ? 2.583   0.526   0.568   1.00 18.46 ? 105 PHE A CG  1 
ATOM   793  C CD1 . PHE A 1 104 ? 3.734   0.704   -0.196  1.00 17.66 ? 105 PHE A CD1 1 
ATOM   794  C CD2 . PHE A 1 104 ? 2.611   -0.363  1.631   1.00 15.69 ? 105 PHE A CD2 1 
ATOM   795  C CE1 . PHE A 1 104 ? 4.885   -0.023  0.079   1.00 18.29 ? 105 PHE A CE1 1 
ATOM   796  C CE2 . PHE A 1 104 ? 3.764   -1.107  1.922   1.00 14.51 ? 105 PHE A CE2 1 
ATOM   797  C CZ  . PHE A 1 104 ? 4.912   -0.928  1.147   1.00 15.68 ? 105 PHE A CZ  1 
ATOM   798  N N   . GLY A 1 105 ? -1.808  0.826   -0.148  1.00 15.35 ? 106 GLY A N   1 
ATOM   799  C CA  . GLY A 1 105 ? -2.966  1.531   0.328   1.00 14.97 ? 106 GLY A CA  1 
ATOM   800  C C   . GLY A 1 105 ? -3.320  1.075   1.726   1.00 16.97 ? 106 GLY A C   1 
ATOM   801  O O   . GLY A 1 105 ? -3.302  -0.127  2.007   1.00 18.26 ? 106 GLY A O   1 
ATOM   802  N N   . ILE A 1 106 ? -3.621  2.026   2.606   1.00 16.25 ? 107 ILE A N   1 
ATOM   803  C CA  . ILE A 1 106 ? -3.973  1.762   3.995   1.00 19.88 ? 107 ILE A CA  1 
ATOM   804  C C   . ILE A 1 106 ? -5.336  2.382   4.248   1.00 21.34 ? 107 ILE A C   1 
ATOM   805  O O   . ILE A 1 106 ? -5.548  3.554   3.923   1.00 21.68 ? 107 ILE A O   1 
ATOM   806  C CB  . ILE A 1 106 ? -2.924  2.338   4.960   1.00 21.57 ? 107 ILE A CB  1 
ATOM   807  C CG1 . ILE A 1 106 ? -1.542  1.763   4.655   1.00 26.77 ? 107 ILE A CG1 1 
ATOM   808  C CG2 . ILE A 1 106 ? -3.307  2.018   6.400   1.00 26.57 ? 107 ILE A CG2 1 
ATOM   809  C CD1 . ILE A 1 106 ? -0.423  2.372   5.506   1.00 27.84 ? 107 ILE A CD1 1 
ATOM   810  N N   . TYR A 1 107 ? -6.260  1.603   4.825   1.00 20.49 ? 108 TYR A N   1 
ATOM   811  C CA  . TYR A 1 107 ? -7.645  2.050   4.932   1.00 23.00 ? 108 TYR A CA  1 
ATOM   812  C C   . TYR A 1 107 ? -8.193  1.716   6.309   1.00 26.22 ? 108 TYR A C   1 
ATOM   813  O O   . TYR A 1 107 ? -7.737  0.779   6.963   1.00 21.32 ? 108 TYR A O   1 
ATOM   814  C CB  . TYR A 1 107 ? -8.536  1.418   3.854   1.00 19.68 ? 108 TYR A CB  1 
ATOM   815  C CG  . TYR A 1 107 ? -8.513  -0.092  3.864   1.00 21.04 ? 108 TYR A CG  1 
ATOM   816  C CD1 . TYR A 1 107 ? -7.518  -0.789  3.183   1.00 23.72 ? 108 TYR A CD1 1 
ATOM   817  C CD2 . TYR A 1 107 ? -9.485  -0.821  4.540   1.00 22.40 ? 108 TYR A CD2 1 
ATOM   818  C CE1 . TYR A 1 107 ? -7.491  -2.164  3.180   1.00 24.24 ? 108 TYR A CE1 1 
ATOM   819  C CE2 . TYR A 1 107 ? -9.458  -2.197  4.548   1.00 22.79 ? 108 TYR A CE2 1 
ATOM   820  C CZ  . TYR A 1 107 ? -8.457  -2.862  3.868   1.00 21.74 ? 108 TYR A CZ  1 
ATOM   821  O OH  . TYR A 1 107 ? -8.427  -4.233  3.872   1.00 26.82 ? 108 TYR A OH  1 
ATOM   822  N N   . GLU A 1 108 ? -9.170  2.503   6.752   1.00 26.57 ? 109 GLU A N   1 
ATOM   823  C CA  . GLU A 1 108 ? -9.909  2.187   7.966   1.00 30.11 ? 109 GLU A CA  1 
ATOM   824  C C   . GLU A 1 108 ? -11.369 2.544   7.742   1.00 32.71 ? 109 GLU A C   1 
ATOM   825  O O   . GLU A 1 108 ? -11.698 3.359   6.878   1.00 29.78 ? 109 GLU A O   1 
ATOM   826  C CB  . GLU A 1 108 ? -9.347  2.926   9.193   1.00 29.66 ? 109 GLU A CB  1 
ATOM   827  C CG  . GLU A 1 108 ? -9.689  2.240   10.512  0.00 31.39 ? 109 GLU A CG  1 
ATOM   828  C CD  . GLU A 1 108 ? -9.319  3.071   11.723  0.00 34.38 ? 109 GLU A CD  1 
ATOM   829  O OE1 . GLU A 1 108 ? -8.342  3.842   11.636  0.00 34.17 ? 109 GLU A OE1 1 
ATOM   830  O OE2 . GLU A 1 108 ? -10.005 2.942   12.758  0.00 35.69 ? 109 GLU A OE2 1 
ATOM   831  N N   . GLU A 1 109 ? -12.245 1.910   8.516   1.00 30.41 ? 110 GLU A N   1 
ATOM   832  C CA  . GLU A 1 109 ? -13.674 2.195   8.456   1.00 33.48 ? 110 GLU A CA  1 
ATOM   833  C C   . GLU A 1 109 ? -13.864 3.700   8.641   1.00 31.29 ? 110 GLU A C   1 
ATOM   834  O O   . GLU A 1 109 ? -13.231 4.298   9.506   1.00 39.68 ? 110 GLU A O   1 
ATOM   835  C CB  . GLU A 1 109 ? -14.430 1.393   9.535   1.00 37.40 ? 110 GLU A CB  1 
ATOM   836  C CG  . GLU A 1 109 ? -15.838 0.961   9.155   0.00 35.72 ? 110 GLU A CG  1 
ATOM   837  C CD  . GLU A 1 109 ? -16.904 1.856   9.753   0.00 36.63 ? 110 GLU A CD  1 
ATOM   838  O OE1 . GLU A 1 109 ? -16.837 2.116   10.972  0.00 37.07 ? 110 GLU A OE1 1 
ATOM   839  O OE2 . GLU A 1 109 ? -17.812 2.278   9.007   0.00 36.86 ? 110 GLU A OE2 1 
ATOM   840  N N   . PRO A 1 110 ? -14.732 4.322   7.834   1.00 32.13 ? 111 PRO A N   1 
ATOM   841  C CA  . PRO A 1 110 ? -15.659 3.744   6.858   1.00 34.73 ? 111 PRO A CA  1 
ATOM   842  C C   . PRO A 1 110 ? -15.118 3.476   5.453   1.00 36.30 ? 111 PRO A C   1 
ATOM   843  O O   . PRO A 1 110 ? -15.901 3.026   4.619   1.00 35.79 ? 111 PRO A O   1 
ATOM   844  C CB  . PRO A 1 110 ? -16.765 4.796   6.791   1.00 38.28 ? 111 PRO A CB  1 
ATOM   845  C CG  . PRO A 1 110 ? -16.065 6.063   7.055   1.00 39.36 ? 111 PRO A CG  1 
ATOM   846  C CD  . PRO A 1 110 ? -15.005 5.751   8.065   1.00 38.60 ? 111 PRO A CD  1 
ATOM   847  N N   . VAL A 1 111 ? -13.837 3.732   5.179   1.00 33.23 ? 112 VAL A N   1 
ATOM   848  C CA  . VAL A 1 111 ? -13.281 3.350   3.886   1.00 37.48 ? 112 VAL A CA  1 
ATOM   849  C C   . VAL A 1 111 ? -13.271 1.835   3.789   1.00 32.10 ? 112 VAL A C   1 
ATOM   850  O O   . VAL A 1 111 ? -12.810 1.145   4.706   1.00 31.92 ? 112 VAL A O   1 
ATOM   851  C CB  . VAL A 1 111 ? -11.864 3.910   3.691   1.00 34.63 ? 112 VAL A CB  1 
ATOM   852  C CG1 . VAL A 1 111 ? -11.336 3.523   2.305   1.00 34.35 ? 112 VAL A CG1 1 
ATOM   853  C CG2 . VAL A 1 111 ? -11.830 5.426   3.894   1.00 38.77 ? 112 VAL A CG2 1 
ATOM   854  N N   . THR A 1 112 ? -13.765 1.319   2.691   1.00 32.35 ? 113 THR A N   1 
ATOM   855  C CA  . THR A 1 112 ? -13.907 -0.113  2.508   1.00 33.06 ? 113 THR A CA  1 
ATOM   856  C C   . THR A 1 112 ? -12.681 -0.699  1.823   1.00 32.77 ? 113 THR A C   1 
ATOM   857  O O   . THR A 1 112 ? -11.930 0.013   1.148   1.00 26.41 ? 113 THR A O   1 
ATOM   858  C CB  . THR A 1 112 ? -15.145 -0.403  1.672   1.00 35.78 ? 113 THR A CB  1 
ATOM   859  O OG1 . THR A 1 112 ? -14.928 0.078   0.342   1.00 32.32 ? 113 THR A OG1 1 
ATOM   860  C CG2 . THR A 1 112 ? -16.365 0.292   2.274   1.00 37.84 ? 113 THR A CG2 1 
ATOM   861  N N   . PRO A 1 113 ? -12.448 -2.008  1.996   1.00 30.09 ? 114 PRO A N   1 
ATOM   862  C CA  . PRO A 1 113 ? -11.400 -2.677  1.207   1.00 30.68 ? 114 PRO A CA  1 
ATOM   863  C C   . PRO A 1 113 ? -11.542 -2.455  -0.291  1.00 33.06 ? 114 PRO A C   1 
ATOM   864  O O   . PRO A 1 113 ? -10.543 -2.188  -0.969  1.00 28.72 ? 114 PRO A O   1 
ATOM   865  C CB  . PRO A 1 113 ? -11.576 -4.159  1.582   1.00 29.84 ? 114 PRO A CB  1 
ATOM   866  C CG  . PRO A 1 113 ? -12.221 -4.145  2.926   1.00 24.91 ? 114 PRO A CG  1 
ATOM   867  C CD  . PRO A 1 113 ? -13.064 -2.904  2.994   1.00 30.42 ? 114 PRO A CD  1 
ATOM   868  N N   . GLY A 1 114 ? -12.764 -2.532  -0.826  1.00 28.16 ? 115 GLY A N   1 
ATOM   869  C CA  . GLY A 1 114 ? -12.947 -2.361  -2.259  1.00 32.33 ? 115 GLY A CA  1 
ATOM   870  C C   . GLY A 1 114 ? -12.555 -0.982  -2.756  1.00 24.88 ? 115 GLY A C   1 
ATOM   871  O O   . GLY A 1 114 ? -12.059 -0.834  -3.878  1.00 29.93 ? 115 GLY A O   1 
ATOM   872  N N   . GLN A 1 115 ? -12.786 0.050   -1.937  1.00 24.25 ? 116 GLN A N   1 
ATOM   873  C CA  . GLN A 1 115 ? -12.442 1.407   -2.348  1.00 32.28 ? 116 GLN A CA  1 
ATOM   874  C C   . GLN A 1 115 ? -10.939 1.570   -2.501  1.00 32.86 ? 116 GLN A C   1 
ATOM   875  O O   . GLN A 1 115 ? -10.453 2.008   -3.549  1.00 31.73 ? 116 GLN A O   1 
ATOM   876  C CB  . GLN A 1 115 ? -12.974 2.427   -1.344  1.00 34.35 ? 116 GLN A CB  1 
ATOM   877  C CG  . GLN A 1 115 ? -14.329 2.992   -1.694  1.00 41.45 ? 116 GLN A CG  1 
ATOM   878  C CD  . GLN A 1 115 ? -15.070 3.475   -0.466  1.00 53.90 ? 116 GLN A CD  1 
ATOM   879  O OE1 . GLN A 1 115 ? -14.468 4.022   0.461   1.00 54.99 ? 116 GLN A OE1 1 
ATOM   880  N NE2 . GLN A 1 115 ? -16.382 3.263   -0.442  1.00 52.51 ? 116 GLN A NE2 1 
ATOM   881  N N   A CYS A 1 116 ? -10.146 1.262   -1.471  0.46 30.53 ? 117 CYS A N   1 
ATOM   882  N N   B CYS A 1 116 ? -10.222 1.232   -1.433  0.54 30.47 ? 117 CYS A N   1 
ATOM   883  C CA  A CYS A 1 116 ? -8.715  1.502   -1.693  0.46 26.90 ? 117 CYS A CA  1 
ATOM   884  C CA  B CYS A 1 116 ? -8.772  1.271   -1.408  0.54 26.39 ? 117 CYS A CA  1 
ATOM   885  C C   A CYS A 1 116 ? -8.050  0.373   -2.498  0.46 26.77 ? 117 CYS A C   1 
ATOM   886  C C   B CYS A 1 116 ? -8.185  0.409   -2.514  0.54 26.66 ? 117 CYS A C   1 
ATOM   887  O O   A CYS A 1 116 ? -6.993  0.616   -3.087  0.46 29.61 ? 117 CYS A O   1 
ATOM   888  O O   B CYS A 1 116 ? -7.351  0.862   -3.306  0.54 27.87 ? 117 CYS A O   1 
ATOM   889  C CB  A CYS A 1 116 ? -7.962  1.775   -0.363  0.46 32.11 ? 117 CYS A CB  1 
ATOM   890  C CB  B CYS A 1 116 ? -8.312  0.797   -0.032  0.54 22.42 ? 117 CYS A CB  1 
ATOM   891  S SG  A CYS A 1 116 ? -6.841  3.363   -0.040  0.46 40.01 ? 117 CYS A SG  1 
ATOM   892  S SG  B CYS A 1 116 ? -6.559  0.682   0.175   0.54 23.43 ? 117 CYS A SG  1 
ATOM   893  N N   . ASN A 1 117 ? -8.642  -0.836  -2.596  1.00 23.12 ? 118 ASN A N   1 
ATOM   894  C CA  . ASN A 1 117 ? -8.109  -1.792  -3.574  1.00 25.44 ? 118 ASN A CA  1 
ATOM   895  C C   . ASN A 1 117 ? -8.275  -1.294  -5.008  1.00 34.35 ? 118 ASN A C   1 
ATOM   896  O O   . ASN A 1 117 ? -7.413  -1.531  -5.862  1.00 25.94 ? 118 ASN A O   1 
ATOM   897  C CB  . ASN A 1 117 ? -8.781  -3.152  -3.419  1.00 31.62 ? 118 ASN A CB  1 
ATOM   898  C CG  . ASN A 1 117 ? -8.273  -3.912  -2.210  1.00 40.30 ? 118 ASN A CG  1 
ATOM   899  O OD1 . ASN A 1 117 ? -7.291  -3.512  -1.584  1.00 45.09 ? 118 ASN A OD1 1 
ATOM   900  N ND2 . ASN A 1 117 ? -8.942  -5.007  -1.870  1.00 39.71 ? 118 ASN A ND2 1 
ATOM   901  N N   . MET A 1 118 ? -9.379  -0.613  -5.301  1.00 32.95 ? 119 MET A N   1 
ATOM   902  C CA  . MET A 1 118 ? -9.557  -0.098  -6.653  1.00 29.61 ? 119 MET A CA  1 
ATOM   903  C C   . MET A 1 118 ? -8.476  0.921   -6.995  1.00 28.88 ? 119 MET A C   1 
ATOM   904  O O   . MET A 1 118 ? -7.938  0.925   -8.110  1.00 31.21 ? 119 MET A O   1 
ATOM   905  C CB  . MET A 1 118 ? -10.948 0.511   -6.799  1.00 30.09 ? 119 MET A CB  1 
ATOM   906  C CG  . MET A 1 118 ? -11.118 1.275   -8.089  1.00 40.32 ? 119 MET A CG  1 
ATOM   907  S SD  . MET A 1 118 ? -12.825 1.762   -8.323  1.00 48.02 ? 119 MET A SD  1 
ATOM   908  C CE  . MET A 1 118 ? -13.628 0.162   -8.353  1.00 35.90 ? 119 MET A CE  1 
ATOM   909  N N   . VAL A 1 119 ? -8.116  1.771   -6.034  1.00 25.55 ? 120 VAL A N   1 
ATOM   910  C CA  . VAL A 1 119 ? -7.054  2.740   -6.265  1.00 25.80 ? 120 VAL A CA  1 
ATOM   911  C C   . VAL A 1 119 ? -5.707  2.035   -6.394  1.00 23.98 ? 120 VAL A C   1 
ATOM   912  O O   . VAL A 1 119 ? -4.921  2.331   -7.300  1.00 26.57 ? 120 VAL A O   1 
ATOM   913  C CB  . VAL A 1 119 ? -7.050  3.797   -5.146  1.00 28.94 ? 120 VAL A CB  1 
ATOM   914  C CG1 . VAL A 1 119 ? -5.957  4.846   -5.398  1.00 33.54 ? 120 VAL A CG1 1 
ATOM   915  C CG2 . VAL A 1 119 ? -8.415  4.456   -5.037  1.00 36.27 ? 120 VAL A CG2 1 
ATOM   916  N N   . VAL A 1 120 ? -5.427  1.072   -5.510  1.00 22.25 ? 121 VAL A N   1 
ATOM   917  C CA  . VAL A 1 120 ? -4.137  0.385   -5.578  1.00 19.24 ? 121 VAL A CA  1 
ATOM   918  C C   . VAL A 1 120 ? -3.989  -0.349  -6.903  1.00 23.31 ? 121 VAL A C   1 
ATOM   919  O O   . VAL A 1 120 ? -2.927  -0.315  -7.533  1.00 21.36 ? 121 VAL A O   1 
ATOM   920  C CB  . VAL A 1 120 ? -3.973  -0.565  -4.377  1.00 18.65 ? 121 VAL A CB  1 
ATOM   921  C CG1 . VAL A 1 120 ? -2.794  -1.505  -4.581  1.00 21.62 ? 121 VAL A CG1 1 
ATOM   922  C CG2 . VAL A 1 120 ? -3.788  0.236   -3.112  1.00 20.47 ? 121 VAL A CG2 1 
ATOM   923  N N   . GLU A 1 121 ? -5.049  -1.025  -7.353  1.00 23.09 ? 122 GLU A N   1 
ATOM   924  C CA  . GLU A 1 121 ? -4.992  -1.696  -8.650  1.00 26.01 ? 122 GLU A CA  1 
ATOM   925  C C   . GLU A 1 121 ? -4.795  -0.697  -9.777  1.00 25.06 ? 122 GLU A C   1 
ATOM   926  O O   . GLU A 1 121 ? -4.047  -0.956  -10.725 1.00 28.79 ? 122 GLU A O   1 
ATOM   927  C CB  . GLU A 1 121 ? -6.271  -2.500  -8.885  1.00 27.66 ? 122 GLU A CB  1 
ATOM   928  C CG  . GLU A 1 121 ? -6.356  -3.788  -8.105  1.00 32.68 ? 122 GLU A CG  1 
ATOM   929  C CD  . GLU A 1 121 ? -5.335  -4.821  -8.543  1.00 46.92 ? 122 GLU A CD  1 
ATOM   930  O OE1 . GLU A 1 121 ? -4.896  -4.769  -9.715  1.00 50.42 ? 122 GLU A OE1 1 
ATOM   931  O OE2 . GLU A 1 121 ? -4.975  -5.691  -7.714  1.00 43.86 ? 122 GLU A OE2 1 
ATOM   932  N N   . ARG A 1 122 ? -5.484  0.441   -9.699  1.00 27.62 ? 123 ARG A N   1 
ATOM   933  C CA  . ARG A 1 122 ? -5.392  1.453   -10.741 1.00 30.56 ? 123 ARG A CA  1 
ATOM   934  C C   . ARG A 1 122 ? -3.968  1.980   -10.855 1.00 32.62 ? 123 ARG A C   1 
ATOM   935  O O   . ARG A 1 122 ? -3.400  2.038   -11.952 1.00 30.73 ? 123 ARG A O   1 
ATOM   936  C CB  . ARG A 1 122 ? -6.365  2.589   -10.432 1.00 31.77 ? 123 ARG A CB  1 
ATOM   937  C CG  . ARG A 1 122 ? -6.632  3.513   -11.598 1.00 38.31 ? 123 ARG A CG  1 
ATOM   938  C CD  . ARG A 1 122 ? -6.648  4.982   -11.197 1.00 35.10 ? 123 ARG A CD  1 
ATOM   939  N NE  . ARG A 1 122 ? -7.353  5.309   -9.956  1.00 38.65 ? 123 ARG A NE  1 
ATOM   940  C CZ  . ARG A 1 122 ? -8.643  5.083   -9.707  1.00 35.13 ? 123 ARG A CZ  1 
ATOM   941  N NH1 . ARG A 1 122 ? -9.417  4.473   -10.595 1.00 38.36 ? 123 ARG A NH1 1 
ATOM   942  N NH2 . ARG A 1 122 ? -9.156  5.451   -8.541  1.00 44.02 ? 123 ARG A NH2 1 
ATOM   943  N N   . LEU A 1 123 ? -3.366  2.354   -9.722  1.00 24.56 ? 124 LEU A N   1 
ATOM   944  C CA  . LEU A 1 123 ? -2.014  2.903   -9.754  1.00 24.90 ? 124 LEU A CA  1 
ATOM   945  C C   . LEU A 1 123 ? -0.998  1.854   -10.181 1.00 25.12 ? 124 LEU A C   1 
ATOM   946  O O   . LEU A 1 123 ? -0.059  2.155   -10.926 1.00 25.49 ? 124 LEU A O   1 
ATOM   947  C CB  . LEU A 1 123 ? -1.638  3.467   -8.385  1.00 27.43 ? 124 LEU A CB  1 
ATOM   948  C CG  . LEU A 1 123 ? -2.304  4.746   -7.898  1.00 33.08 ? 124 LEU A CG  1 
ATOM   949  C CD1 . LEU A 1 123 ? -1.700  5.126   -6.563  1.00 36.82 ? 124 LEU A CD1 1 
ATOM   950  C CD2 . LEU A 1 123 ? -2.097  5.867   -8.901  1.00 31.12 ? 124 LEU A CD2 1 
ATOM   951  N N   . GLY A 1 124 ? -1.155  0.621   -9.703  1.00 24.48 ? 125 GLY A N   1 
ATOM   952  C CA  . GLY A 1 124 ? -0.217  -0.418  -10.083 1.00 22.33 ? 125 GLY A CA  1 
ATOM   953  C C   . GLY A 1 124 ? -0.254  -0.714  -11.568 1.00 28.87 ? 125 GLY A C   1 
ATOM   954  O O   . GLY A 1 124 ? 0.790   -0.862  -12.204 1.00 28.52 ? 125 GLY A O   1 
ATOM   955  N N   . ASP A 1 125 ? -1.456  -0.800  -12.143 1.00 29.70 ? 126 ASP A N   1 
ATOM   956  C CA  . ASP A 1 125 ? -1.561  -1.022  -13.581 1.00 35.96 ? 126 ASP A CA  1 
ATOM   957  C C   . ASP A 1 125 ? -0.967  0.144   -14.364 1.00 36.02 ? 126 ASP A C   1 
ATOM   958  O O   . ASP A 1 125 ? -0.278  -0.064  -15.368 1.00 41.39 ? 126 ASP A O   1 
ATOM   959  C CB  . ASP A 1 125 ? -3.022  -1.253  -13.974 1.00 37.18 ? 126 ASP A CB  1 
ATOM   960  C CG  . ASP A 1 125 ? -3.575  -2.566  -13.435 1.00 46.55 ? 126 ASP A CG  1 
ATOM   961  O OD1 . ASP A 1 125 ? -2.778  -3.487  -13.156 1.00 44.95 ? 126 ASP A OD1 1 
ATOM   962  O OD2 . ASP A 1 125 ? -4.813  -2.678  -13.295 1.00 48.50 ? 126 ASP A OD2 1 
ATOM   963  N N   . TYR A 1 126 ? -1.210  1.376   -13.907 1.00 30.66 ? 127 TYR A N   1 
ATOM   964  C CA  . TYR A 1 126 ? -0.619  2.549   -14.550 1.00 33.13 ? 127 TYR A CA  1 
ATOM   965  C C   . TYR A 1 126 ? 0.904   2.468   -14.563 1.00 33.21 ? 127 TYR A C   1 
ATOM   966  O O   . TYR A 1 126 ? 1.545   2.741   -15.584 1.00 36.18 ? 127 TYR A O   1 
ATOM   967  C CB  . TYR A 1 126 ? -1.089  3.819   -13.839 1.00 32.44 ? 127 TYR A CB  1 
ATOM   968  C CG  . TYR A 1 126 ? -0.428  5.092   -14.331 1.00 40.93 ? 127 TYR A CG  1 
ATOM   969  C CD1 . TYR A 1 126 ? -0.833  5.692   -15.516 1.00 50.23 ? 127 TYR A CD1 1 
ATOM   970  C CD2 . TYR A 1 126 ? 0.592   5.694   -13.608 1.00 40.40 ? 127 TYR A CD2 1 
ATOM   971  C CE1 . TYR A 1 126 ? -0.236  6.851   -15.971 1.00 51.85 ? 127 TYR A CE1 1 
ATOM   972  C CE2 . TYR A 1 126 ? 1.199   6.860   -14.055 1.00 45.01 ? 127 TYR A CE2 1 
ATOM   973  C CZ  . TYR A 1 126 ? 0.780   7.430   -15.237 1.00 48.78 ? 127 TYR A CZ  1 
ATOM   974  O OH  . TYR A 1 126 ? 1.379   8.586   -15.689 1.00 61.57 ? 127 TYR A OH  1 
ATOM   975  N N   . LEU A 1 127 ? 1.507   2.099   -13.434 1.00 29.64 ? 128 LEU A N   1 
ATOM   976  C CA  . LEU A 1 127 ? 2.959   1.969   -13.387 1.00 24.60 ? 128 LEU A CA  1 
ATOM   977  C C   . LEU A 1 127 ? 3.442   0.837   -14.286 1.00 30.32 ? 128 LEU A C   1 
ATOM   978  O O   . LEU A 1 127 ? 4.412   0.997   -15.034 1.00 29.31 ? 128 LEU A O   1 
ATOM   979  C CB  . LEU A 1 127 ? 3.420   1.744   -11.943 1.00 19.99 ? 128 LEU A CB  1 
ATOM   980  C CG  . LEU A 1 127 ? 3.255   2.931   -10.993 1.00 22.06 ? 128 LEU A CG  1 
ATOM   981  C CD1 . LEU A 1 127 ? 3.612   2.533   -9.566  1.00 23.78 ? 128 LEU A CD1 1 
ATOM   982  C CD2 . LEU A 1 127 ? 4.148   4.051   -11.455 1.00 23.91 ? 128 LEU A CD2 1 
ATOM   983  N N   . ILE A 1 128 ? 2.786   -0.322  -14.212 1.00 29.29 ? 129 ILE A N   1 
ATOM   984  C CA  . ILE A 1 128 ? 3.199   -1.482  -15.001 1.00 27.35 ? 129 ILE A CA  1 
ATOM   985  C C   . ILE A 1 128 ? 3.113   -1.174  -16.493 1.00 32.32 ? 129 ILE A C   1 
ATOM   986  O O   . ILE A 1 128 ? 3.981   -1.576  -17.280 1.00 38.07 ? 129 ILE A O   1 
ATOM   987  C CB  . ILE A 1 128 ? 2.341   -2.702  -14.613 1.00 27.44 ? 129 ILE A CB  1 
ATOM   988  C CG1 . ILE A 1 128 ? 2.796   -3.239  -13.259 1.00 26.12 ? 129 ILE A CG1 1 
ATOM   989  C CG2 . ILE A 1 128 ? 2.428   -3.785  -15.667 1.00 35.56 ? 129 ILE A CG2 1 
ATOM   990  C CD1 . ILE A 1 128 ? 1.845   -4.265  -12.652 1.00 25.03 ? 129 ILE A CD1 1 
ATOM   991  N N   . ASP A 1 129 ? 2.082   -0.443  -16.904 1.00 33.77 ? 130 ASP A N   1 
ATOM   992  C CA  . ASP A 1 129 ? 1.930   -0.129  -18.318 1.00 35.17 ? 130 ASP A CA  1 
ATOM   993  C C   . ASP A 1 129 ? 2.888   0.965   -18.788 1.00 45.08 ? 130 ASP A C   1 
ATOM   994  O O   . ASP A 1 129 ? 3.138   1.064   -19.994 1.00 50.44 ? 130 ASP A O   1 
ATOM   995  C CB  . ASP A 1 129 ? 0.479   0.260   -18.616 1.00 44.60 ? 130 ASP A CB  1 
ATOM   996  C CG  . ASP A 1 129 ? -0.512  -0.867  -18.298 1.00 49.14 ? 130 ASP A CG  1 
ATOM   997  O OD1 . ASP A 1 129 ? -0.117  -2.055  -18.340 1.00 47.73 ? 130 ASP A OD1 1 
ATOM   998  O OD2 . ASP A 1 129 ? -1.688  -0.561  -17.997 1.00 46.38 ? 130 ASP A OD2 1 
ATOM   999  N N   . GLN A 1 130 ? 3.435   1.779   -17.877 1.00 40.81 ? 131 GLN A N   1 
ATOM   1000 C CA  . GLN A 1 130 ? 4.525   2.688   -18.230 1.00 32.73 ? 131 GLN A CA  1 
ATOM   1001 C C   . GLN A 1 130 ? 5.878   1.998   -18.239 1.00 34.20 ? 131 GLN A C   1 
ATOM   1002 O O   . GLN A 1 130 ? 6.881   2.652   -18.532 1.00 35.51 ? 131 GLN A O   1 
ATOM   1003 C CB  . GLN A 1 130 ? 4.598   3.878   -17.263 1.00 31.59 ? 131 GLN A CB  1 
ATOM   1004 C CG  . GLN A 1 130 ? 3.440   4.852   -17.331 1.00 38.20 ? 131 GLN A CG  1 
ATOM   1005 C CD  . GLN A 1 130 ? 3.429   5.667   -18.612 1.00 43.40 ? 131 GLN A CD  1 
ATOM   1006 O OE1 . GLN A 1 130 ? 3.110   5.155   -19.686 0.00 40.56 ? 131 GLN A OE1 1 
ATOM   1007 N NE2 . GLN A 1 130 ? 3.785   6.941   -18.504 0.00 41.14 ? 131 GLN A NE2 1 
ATOM   1008 N N   . GLY A 1 131 ? 5.944   0.713   -17.906 1.00 27.51 ? 132 GLY A N   1 
ATOM   1009 C CA  . GLY A 1 131 ? 7.213   0.029   -17.793 1.00 27.60 ? 132 GLY A CA  1 
ATOM   1010 C C   . GLY A 1 131 ? 7.869   0.136   -16.438 1.00 30.69 ? 132 GLY A C   1 
ATOM   1011 O O   . GLY A 1 131 ? 9.071   -0.131  -16.322 1.00 29.53 ? 132 GLY A O   1 
ATOM   1012 N N   . LEU A 1 132 ? 7.120   0.519   -15.409 1.00 28.44 ? 133 LEU A N   1 
ATOM   1013 C CA  . LEU A 1 132 ? 7.676   0.689   -14.073 1.00 28.58 ? 133 LEU A CA  1 
ATOM   1014 C C   . LEU A 1 132 ? 7.072   -0.318  -13.092 1.00 33.16 ? 133 LEU A C   1 
ATOM   1015 O O   . LEU A 1 132 ? 6.363   -1.255  -13.481 1.00 30.82 ? 133 LEU A O   1 
ATOM   1016 C CB  . LEU A 1 132 ? 7.433   2.121   -13.582 1.00 25.88 ? 133 LEU A CB  1 
ATOM   1017 C CG  . LEU A 1 132 ? 8.222   3.213   -14.306 1.00 22.73 ? 133 LEU A CG  1 
ATOM   1018 C CD1 . LEU A 1 132 ? 7.602   4.581   -14.060 1.00 29.47 ? 133 LEU A CD1 1 
ATOM   1019 C CD2 . LEU A 1 132 ? 9.652   3.200   -13.821 1.00 25.87 ? 133 LEU A CD2 1 
ATOM   1020 O OXT . LEU A 1 132 ? 7.291   -0.216  -11.883 1.00 30.00 ? 133 LEU A OXT 1 
HETATM 1021 O O   . HOH B 2 .   ? -17.967 2.346   -1.746  1.00 48.61 ? 201 HOH A O   1 
HETATM 1022 O O   . HOH B 2 .   ? 13.721  -15.727 -1.911  1.00 57.55 ? 202 HOH A O   1 
HETATM 1023 O O   . HOH B 2 .   ? 6.439   7.598   4.133   1.00 31.14 ? 203 HOH A O   1 
HETATM 1024 O O   . HOH B 2 .   ? 16.617  5.116   -4.289  1.00 39.87 ? 204 HOH A O   1 
HETATM 1025 O O   . HOH B 2 .   ? -3.403  0.801   -16.949 1.00 51.08 ? 205 HOH A O   1 
HETATM 1026 O O   . HOH B 2 .   ? -8.907  12.666  -8.205  1.00 34.67 ? 206 HOH A O   1 
HETATM 1027 O O   . HOH B 2 .   ? 6.709   -8.089  10.296  1.00 29.05 ? 207 HOH A O   1 
HETATM 1028 O O   . HOH B 2 .   ? 12.920  0.770   -7.986  1.00 33.31 ? 208 HOH A O   1 
HETATM 1029 O O   . HOH B 2 .   ? -12.250 -2.812  -5.402  1.00 39.76 ? 209 HOH A O   1 
HETATM 1030 O O   . HOH B 2 .   ? 2.697   4.279   12.095  1.00 32.29 ? 210 HOH A O   1 
HETATM 1031 O O   . HOH B 2 .   ? 11.963  5.697   2.537   1.00 40.13 ? 211 HOH A O   1 
HETATM 1032 O O   . HOH B 2 .   ? 14.292  -0.808  2.457   1.00 30.77 ? 212 HOH A O   1 
HETATM 1033 O O   . HOH B 2 .   ? 1.330   -12.769 1.400   1.00 27.54 ? 213 HOH A O   1 
HETATM 1034 O O   . HOH B 2 .   ? -10.190 2.443   -11.995 1.00 27.83 ? 214 HOH A O   1 
HETATM 1035 O O   . HOH B 2 .   ? -4.603  -4.386  -5.513  1.00 41.09 ? 215 HOH A O   1 
HETATM 1036 O O   . HOH B 2 .   ? 10.978  -6.897  7.852   1.00 40.57 ? 216 HOH A O   1 
HETATM 1037 O O   . HOH B 2 .   ? 6.949   -5.310  6.864   1.00 27.14 ? 217 HOH A O   1 
HETATM 1038 O O   . HOH B 2 .   ? -3.129  18.268  -1.104  1.00 34.26 ? 218 HOH A O   1 
HETATM 1039 O O   . HOH B 2 .   ? 12.663  -9.359  -4.596  1.00 41.80 ? 219 HOH A O   1 
HETATM 1040 O O   . HOH B 2 .   ? 9.843   -2.245  -14.948 1.00 37.97 ? 220 HOH A O   1 
HETATM 1041 O O   . HOH B 2 .   ? 15.757  -4.479  1.050   1.00 42.51 ? 221 HOH A O   1 
HETATM 1042 O O   . HOH B 2 .   ? 10.102  -9.431  -4.275  1.00 26.32 ? 222 HOH A O   1 
HETATM 1043 O O   . HOH B 2 .   ? 7.954   -2.330  12.603  1.00 39.68 ? 223 HOH A O   1 
HETATM 1044 O O   . HOH B 2 .   ? 12.133  4.491   5.359   1.00 34.49 ? 224 HOH A O   1 
HETATM 1045 O O   . HOH B 2 .   ? 0.020   -12.617 10.200  1.00 21.53 ? 225 HOH A O   1 
HETATM 1046 O O   . HOH B 2 .   ? 1.135   -6.849  -9.256  1.00 29.62 ? 226 HOH A O   1 
HETATM 1047 O O   . HOH B 2 .   ? -10.158 -5.449  9.439   1.00 26.09 ? 227 HOH A O   1 
HETATM 1048 O O   . HOH B 2 .   ? 2.311   11.178  -12.122 1.00 38.74 ? 228 HOH A O   1 
HETATM 1049 O O   . HOH B 2 .   ? -1.028  -10.095 -11.388 1.00 40.87 ? 229 HOH A O   1 
HETATM 1050 O O   . HOH B 2 .   ? -11.051 -7.599  2.596   1.00 34.97 ? 230 HOH A O   1 
HETATM 1051 O O   . HOH B 2 .   ? 16.646  -3.693  5.331   1.00 43.77 ? 231 HOH A O   1 
HETATM 1052 O O   . HOH B 2 .   ? -16.837 -0.570  -1.477  1.00 36.57 ? 232 HOH A O   1 
HETATM 1053 O O   . HOH B 2 .   ? -6.401  -5.632  2.689   1.00 25.66 ? 233 HOH A O   1 
HETATM 1054 O O   . HOH B 2 .   ? -8.911  -0.123  -10.446 1.00 42.22 ? 234 HOH A O   1 
HETATM 1055 O O   . HOH B 2 .   ? 1.857   -13.011 14.572  1.00 42.93 ? 235 HOH A O   1 
HETATM 1056 O O   . HOH B 2 .   ? -3.781  -20.102 -1.149  1.00 33.48 ? 236 HOH A O   1 
HETATM 1057 O O   . HOH B 2 .   ? 0.721   1.364   8.921   1.00 26.88 ? 237 HOH A O   1 
HETATM 1058 O O   . HOH B 2 .   ? -1.299  -11.472 1.300   1.00 21.26 ? 238 HOH A O   1 
HETATM 1059 O O   . HOH B 2 .   ? -13.048 -1.267  6.052   1.00 35.82 ? 239 HOH A O   1 
HETATM 1060 O O   . HOH B 2 .   ? 3.339   -12.832 -2.539  1.00 27.09 ? 240 HOH A O   1 
HETATM 1061 O O   . HOH B 2 .   ? 12.090  10.280  -4.330  1.00 26.83 ? 241 HOH A O   1 
HETATM 1062 O O   . HOH B 2 .   ? -1.573  -14.522 9.058   1.00 22.83 ? 242 HOH A O   1 
HETATM 1063 O O   . HOH B 2 .   ? -15.162 -3.575  0.168   1.00 31.35 ? 243 HOH A O   1 
HETATM 1064 O O   . HOH B 2 .   ? 0.736   -12.594 -1.408  1.00 25.09 ? 244 HOH A O   1 
HETATM 1065 O O   . HOH B 2 .   ? 6.617   -14.859 -6.274  1.00 39.37 ? 245 HOH A O   1 
HETATM 1066 O O   . HOH B 2 .   ? 6.838   -3.236  -15.421 1.00 36.41 ? 246 HOH A O   1 
HETATM 1067 O O   . HOH B 2 .   ? -6.274  -19.452 2.150   1.00 22.43 ? 247 HOH A O   1 
HETATM 1068 O O   . HOH B 2 .   ? 10.706  6.392   8.954   1.00 40.50 ? 248 HOH A O   1 
HETATM 1069 O O   . HOH B 2 .   ? -1.507  -6.159  -12.864 1.00 43.44 ? 249 HOH A O   1 
HETATM 1070 O O   . HOH B 2 .   ? 13.828  -8.770  0.604   1.00 37.69 ? 250 HOH A O   1 
HETATM 1071 O O   . HOH B 2 .   ? 13.074  2.936   3.168   1.00 32.15 ? 251 HOH A O   1 
HETATM 1072 O O   . HOH B 2 .   ? 10.573  -1.090  -18.567 1.00 42.63 ? 252 HOH A O   1 
HETATM 1073 O O   . HOH B 2 .   ? 4.143   20.165  -3.230  1.00 38.66 ? 253 HOH A O   1 
HETATM 1074 O O   . HOH B 2 .   ? 8.823   -16.913 7.903   1.00 42.19 ? 254 HOH A O   1 
HETATM 1075 O O   . HOH B 2 .   ? -3.508  -7.452  -9.482  1.00 41.09 ? 255 HOH A O   1 
HETATM 1076 O O   . HOH B 2 .   ? 13.529  3.591   -6.707  1.00 28.61 ? 256 HOH A O   1 
HETATM 1077 O O   . HOH B 2 .   ? 7.083   -11.062 -7.585  1.00 35.30 ? 257 HOH A O   1 
HETATM 1078 O O   . HOH B 2 .   ? 6.871   5.212   11.723  1.00 40.09 ? 258 HOH A O   1 
HETATM 1079 O O   . HOH B 2 .   ? -12.391 -2.343  15.552  1.00 39.83 ? 259 HOH A O   1 
HETATM 1080 O O   . HOH B 2 .   ? 16.501  1.450   -7.228  1.00 40.77 ? 260 HOH A O   1 
HETATM 1081 O O   . HOH B 2 .   ? -2.120  -16.665 -5.063  1.00 35.10 ? 261 HOH A O   1 
HETATM 1082 O O   . HOH B 2 .   ? -11.861 4.277   -4.833  1.00 37.41 ? 262 HOH A O   1 
HETATM 1083 O O   . HOH B 2 .   ? 4.498   2.353   15.481  1.00 37.80 ? 263 HOH A O   1 
HETATM 1084 O O   . HOH B 2 .   ? 4.458   5.884   11.306  1.00 30.32 ? 264 HOH A O   1 
HETATM 1085 O O   . HOH B 2 .   ? 12.893  8.551   -0.282  1.00 36.41 ? 265 HOH A O   1 
HETATM 1086 O O   . HOH B 2 .   ? 7.825   -7.258  -10.492 1.00 42.24 ? 266 HOH A O   1 
HETATM 1087 O O   . HOH B 2 .   ? -1.051  -14.819 -0.773  1.00 32.82 ? 267 HOH A O   1 
HETATM 1088 O O   . HOH B 2 .   ? -8.215  -6.568  0.650   1.00 39.00 ? 268 HOH A O   1 
HETATM 1089 O O   . HOH B 2 .   ? -4.793  1.384   -14.634 1.00 50.76 ? 269 HOH A O   1 
HETATM 1090 O O   . HOH B 2 .   ? 1.017   -2.735  16.252  1.00 36.89 ? 270 HOH A O   1 
HETATM 1091 O O   . HOH B 2 .   ? 9.094   6.878   5.176   1.00 37.79 ? 271 HOH A O   1 
HETATM 1092 O O   . HOH B 2 .   ? 4.447   -6.747  17.085  1.00 40.20 ? 272 HOH A O   1 
HETATM 1093 O O   . HOH B 2 .   ? 14.177  -2.150  0.561   1.00 42.68 ? 273 HOH A O   1 
HETATM 1094 O O   . HOH B 2 .   ? -7.409  -0.727  -12.851 1.00 46.17 ? 274 HOH A O   1 
HETATM 1095 O O   . HOH B 2 .   ? -4.987  0.461   8.735   1.00 37.96 ? 275 HOH A O   1 
HETATM 1096 O O   . HOH B 2 .   ? -12.126 -5.065  7.357   1.00 41.93 ? 276 HOH A O   1 
HETATM 1097 O O   . HOH B 2 .   ? -6.780  -5.501  -4.762  1.00 41.86 ? 277 HOH A O   1 
HETATM 1098 O O   . HOH B 2 .   ? -0.489  -14.764 1.795   1.00 34.69 ? 278 HOH A O   1 
HETATM 1099 O O   . HOH B 2 .   ? 13.474  -15.531 7.702   1.00 48.88 ? 279 HOH A O   1 
HETATM 1100 O O   . HOH B 2 .   ? 6.806   -15.658 14.965  1.00 37.48 ? 280 HOH A O   1 
HETATM 1101 O O   . HOH B 2 .   ? -16.942 5.561   12.004  1.00 48.18 ? 281 HOH A O   1 
HETATM 1102 O O   . HOH B 2 .   ? 5.854   21.377  -4.303  1.00 43.17 ? 282 HOH A O   1 
HETATM 1103 O O   . HOH B 2 .   ? 5.876   -5.221  -14.630 1.00 45.31 ? 283 HOH A O   1 
HETATM 1104 O O   . HOH B 2 .   ? -0.959  24.008  -2.506  1.00 37.07 ? 284 HOH A O   1 
HETATM 1105 O O   . HOH B 2 .   ? -0.266  -17.339 -2.052  1.00 40.94 ? 285 HOH A O   1 
HETATM 1106 O O   . HOH B 2 .   ? 17.112  -1.237  3.663   1.00 42.79 ? 286 HOH A O   1 
HETATM 1107 O O   . HOH B 2 .   ? 16.352  -2.404  -5.406  1.00 50.15 ? 287 HOH A O   1 
HETATM 1108 O O   . HOH B 2 .   ? -0.204  -11.612 12.839  1.00 31.68 ? 288 HOH A O   1 
HETATM 1109 O O   . HOH B 2 .   ? 2.505   2.182   -23.804 1.00 50.31 ? 289 HOH A O   1 
HETATM 1110 O O   . HOH B 2 .   ? 14.467  8.754   -5.106  1.00 40.33 ? 290 HOH A O   1 
HETATM 1111 O O   . HOH B 2 .   ? 18.878  0.339   -6.225  1.00 44.80 ? 291 HOH A O   1 
HETATM 1112 O O   . HOH B 2 .   ? 8.744   -15.880 10.715  1.00 42.95 ? 292 HOH A O   1 
HETATM 1113 O O   . HOH B 2 .   ? -0.215  -0.606  17.016  1.00 48.12 ? 293 HOH A O   1 
HETATM 1114 O O   . HOH B 2 .   ? 8.574   -7.068  8.157   1.00 39.49 ? 294 HOH A O   1 
HETATM 1115 O O   . HOH B 2 .   ? 15.681  7.205   -0.683  1.00 46.73 ? 295 HOH A O   1 
HETATM 1116 O O   . HOH B 2 .   ? 2.201   -9.157  -11.226 1.00 41.42 ? 296 HOH A O   1 
HETATM 1117 O O   . HOH B 2 .   ? 18.545  -6.908  2.832   1.00 46.60 ? 297 HOH A O   1 
HETATM 1118 O O   . HOH B 2 .   ? -15.701 -4.841  -3.608  1.00 47.01 ? 298 HOH A O   1 
HETATM 1119 O O   . HOH B 2 .   ? 15.108  -6.766  -0.903  1.00 35.16 ? 299 HOH A O   1 
# 
